data_1RX7
# 
_entry.id   1RX7 
# 
_audit_conform.dict_name       mmcif_pdbx.dic 
_audit_conform.dict_version    5.392 
_audit_conform.dict_location   http://mmcif.pdb.org/dictionaries/ascii/mmcif_pdbx.dic 
# 
loop_
_database_2.database_id 
_database_2.database_code 
_database_2.pdbx_database_accession 
_database_2.pdbx_DOI 
PDB   1RX7         pdb_00001rx7 10.2210/pdb1rx7/pdb 
WWPDB D_1000176260 ?            ?                   
# 
loop_
_pdbx_audit_revision_history.ordinal 
_pdbx_audit_revision_history.data_content_type 
_pdbx_audit_revision_history.major_revision 
_pdbx_audit_revision_history.minor_revision 
_pdbx_audit_revision_history.revision_date 
1 'Structure model' 1 0 1997-03-12 
2 'Structure model' 1 1 2008-03-24 
3 'Structure model' 1 2 2011-07-13 
4 'Structure model' 1 3 2023-08-09 
5 'Structure model' 1 4 2024-05-22 
# 
_pdbx_audit_revision_details.ordinal             1 
_pdbx_audit_revision_details.revision_ordinal    1 
_pdbx_audit_revision_details.data_content_type   'Structure model' 
_pdbx_audit_revision_details.provider            repository 
_pdbx_audit_revision_details.type                'Initial release' 
_pdbx_audit_revision_details.description         ? 
_pdbx_audit_revision_details.details             ? 
# 
loop_
_pdbx_audit_revision_group.ordinal 
_pdbx_audit_revision_group.revision_ordinal 
_pdbx_audit_revision_group.data_content_type 
_pdbx_audit_revision_group.group 
1 2 'Structure model' 'Version format compliance' 
2 3 'Structure model' 'Version format compliance' 
3 4 'Structure model' 'Database references'       
4 4 'Structure model' 'Derived calculations'      
5 4 'Structure model' 'Refinement description'    
6 5 'Structure model' 'Data collection'           
# 
loop_
_pdbx_audit_revision_category.ordinal 
_pdbx_audit_revision_category.revision_ordinal 
_pdbx_audit_revision_category.data_content_type 
_pdbx_audit_revision_category.category 
1 4 'Structure model' database_2                    
2 4 'Structure model' pdbx_initial_refinement_model 
3 4 'Structure model' struct_ref_seq_dif            
4 4 'Structure model' struct_site                   
5 5 'Structure model' chem_comp_atom                
6 5 'Structure model' chem_comp_bond                
# 
loop_
_pdbx_audit_revision_item.ordinal 
_pdbx_audit_revision_item.revision_ordinal 
_pdbx_audit_revision_item.data_content_type 
_pdbx_audit_revision_item.item 
1 4 'Structure model' '_database_2.pdbx_DOI'                
2 4 'Structure model' '_database_2.pdbx_database_accession' 
3 4 'Structure model' '_struct_ref_seq_dif.details'         
4 4 'Structure model' '_struct_site.pdbx_auth_asym_id'      
5 4 'Structure model' '_struct_site.pdbx_auth_comp_id'      
6 4 'Structure model' '_struct_site.pdbx_auth_seq_id'       
# 
_pdbx_database_status.status_code                     REL 
_pdbx_database_status.entry_id                        1RX7 
_pdbx_database_status.recvd_initial_deposition_date   1996-10-25 
_pdbx_database_status.deposit_site                    ? 
_pdbx_database_status.process_site                    BNL 
_pdbx_database_status.status_code_sf                  REL 
_pdbx_database_status.status_code_mr                  ? 
_pdbx_database_status.SG_entry                        ? 
_pdbx_database_status.pdb_format_compatible           Y 
_pdbx_database_status.status_code_cs                  ? 
_pdbx_database_status.status_code_nmr_data            ? 
_pdbx_database_status.methods_development_category    ? 
# 
_audit_author.name           'Sawaya, M.R.' 
_audit_author.pdbx_ordinal   1 
# 
loop_
_citation.id 
_citation.title 
_citation.journal_abbrev 
_citation.journal_volume 
_citation.page_first 
_citation.page_last 
_citation.year 
_citation.journal_id_ASTM 
_citation.country 
_citation.journal_id_ISSN 
_citation.journal_id_CSD 
_citation.book_publisher 
_citation.pdbx_database_id_PubMed 
_citation.pdbx_database_id_DOI 
primary 'Loop and subdomain movements in the mechanism of Escherichia coli dihydrofolate reductase: crystallographic evidence.' 
Biochemistry 36 586  603 1997 BICHAW US 0006-2960 0033 ? 9012674 10.1021/bi962337c 
1       
;Isomorphous Crystal Structures of Escherichia Coli Dihydrofolate Reductase Complexed with Folate, 5-Deazafolate, and 5,10-Dideazatetrahydrofolate: Mechanistic Implications
;
Biochemistry 34 2710 ?   1995 BICHAW US 0006-2960 0033 ? ?       ?                 
2       
;Crystal Structure of Unliganded Escherichia Coli Dihydrofolate Reductase. Ligand-Induced Conformational Changes and Cooperativity in Binding
;
Biochemistry 30 2227 ?   1991 BICHAW US 0006-2960 0033 ? ?       ?                 
3       
;Crystal Structures of Escherichia Coli Dihydrofolate Reductase: The Nadp+ Holoenzyme and the Folate.Nadp+ Ternary Complex. Substrate Binding and a Model for the Transition State
;
Biochemistry 29 3263 ?   1990 BICHAW US 0006-2960 0033 ? ?       ?                 
# 
loop_
_citation_author.citation_id 
_citation_author.name 
_citation_author.ordinal 
_citation_author.identifier_ORCID 
primary 'Sawaya, M.R.' 1  ? 
primary 'Kraut, J.'    2  ? 
1       'Reyes, V.M.'  3  ? 
1       'Sawaya, M.R.' 4  ? 
1       'Brown, K.A.'  5  ? 
1       'Kraut, J.'    6  ? 
2       'Bystroff, C.' 7  ? 
2       'Kraut, J.'    8  ? 
3       'Bystroff, C.' 9  ? 
3       'Oatley, S.J.' 10 ? 
3       'Kraut, J.'    11 ? 
# 
loop_
_entity.id 
_entity.type 
_entity.src_method 
_entity.pdbx_description 
_entity.formula_weight 
_entity.pdbx_number_of_molecules 
_entity.pdbx_ec 
_entity.pdbx_mutation 
_entity.pdbx_fragment 
_entity.details 
1 polymer     man 'DIHYDROFOLATE REDUCTASE' 18020.326 1  1.5.1.3 ? ? ? 
2 non-polymer syn 'FOLIC ACID'              441.397   1  ?       ? ? ? 
3 water       nat water                     18.015    23 ?       ? ? ? 
# 
_entity_name_com.entity_id   1 
_entity_name_com.name        DHFR 
# 
_entity_poly.entity_id                      1 
_entity_poly.type                           'polypeptide(L)' 
_entity_poly.nstd_linkage                   no 
_entity_poly.nstd_monomer                   no 
_entity_poly.pdbx_seq_one_letter_code       
;MISLIAALAVDRVIGMENAMPWNLPADLAWFKRNTLDKPVIMGRHTWESIGRPLPGRKNIILSSQPGTDDRVTWVKSVDE
AIAACGDVPEIMVIGGGRVYEQFLPKAQKLYLTHIDAEVEGDTHFPDYEPDDWESVFSEFHDADAQNSHSYCFEILERR
;
_entity_poly.pdbx_seq_one_letter_code_can   
;MISLIAALAVDRVIGMENAMPWNLPADLAWFKRNTLDKPVIMGRHTWESIGRPLPGRKNIILSSQPGTDDRVTWVKSVDE
AIAACGDVPEIMVIGGGRVYEQFLPKAQKLYLTHIDAEVEGDTHFPDYEPDDWESVFSEFHDADAQNSHSYCFEILERR
;
_entity_poly.pdbx_strand_id                 A 
_entity_poly.pdbx_target_identifier         ? 
# 
loop_
_pdbx_entity_nonpoly.entity_id 
_pdbx_entity_nonpoly.name 
_pdbx_entity_nonpoly.comp_id 
2 'FOLIC ACID' FOL 
3 water        HOH 
# 
loop_
_entity_poly_seq.entity_id 
_entity_poly_seq.num 
_entity_poly_seq.mon_id 
_entity_poly_seq.hetero 
1 1   MET n 
1 2   ILE n 
1 3   SER n 
1 4   LEU n 
1 5   ILE n 
1 6   ALA n 
1 7   ALA n 
1 8   LEU n 
1 9   ALA n 
1 10  VAL n 
1 11  ASP n 
1 12  ARG n 
1 13  VAL n 
1 14  ILE n 
1 15  GLY n 
1 16  MET n 
1 17  GLU n 
1 18  ASN n 
1 19  ALA n 
1 20  MET n 
1 21  PRO n 
1 22  TRP n 
1 23  ASN n 
1 24  LEU n 
1 25  PRO n 
1 26  ALA n 
1 27  ASP n 
1 28  LEU n 
1 29  ALA n 
1 30  TRP n 
1 31  PHE n 
1 32  LYS n 
1 33  ARG n 
1 34  ASN n 
1 35  THR n 
1 36  LEU n 
1 37  ASP n 
1 38  LYS n 
1 39  PRO n 
1 40  VAL n 
1 41  ILE n 
1 42  MET n 
1 43  GLY n 
1 44  ARG n 
1 45  HIS n 
1 46  THR n 
1 47  TRP n 
1 48  GLU n 
1 49  SER n 
1 50  ILE n 
1 51  GLY n 
1 52  ARG n 
1 53  PRO n 
1 54  LEU n 
1 55  PRO n 
1 56  GLY n 
1 57  ARG n 
1 58  LYS n 
1 59  ASN n 
1 60  ILE n 
1 61  ILE n 
1 62  LEU n 
1 63  SER n 
1 64  SER n 
1 65  GLN n 
1 66  PRO n 
1 67  GLY n 
1 68  THR n 
1 69  ASP n 
1 70  ASP n 
1 71  ARG n 
1 72  VAL n 
1 73  THR n 
1 74  TRP n 
1 75  VAL n 
1 76  LYS n 
1 77  SER n 
1 78  VAL n 
1 79  ASP n 
1 80  GLU n 
1 81  ALA n 
1 82  ILE n 
1 83  ALA n 
1 84  ALA n 
1 85  CYS n 
1 86  GLY n 
1 87  ASP n 
1 88  VAL n 
1 89  PRO n 
1 90  GLU n 
1 91  ILE n 
1 92  MET n 
1 93  VAL n 
1 94  ILE n 
1 95  GLY n 
1 96  GLY n 
1 97  GLY n 
1 98  ARG n 
1 99  VAL n 
1 100 TYR n 
1 101 GLU n 
1 102 GLN n 
1 103 PHE n 
1 104 LEU n 
1 105 PRO n 
1 106 LYS n 
1 107 ALA n 
1 108 GLN n 
1 109 LYS n 
1 110 LEU n 
1 111 TYR n 
1 112 LEU n 
1 113 THR n 
1 114 HIS n 
1 115 ILE n 
1 116 ASP n 
1 117 ALA n 
1 118 GLU n 
1 119 VAL n 
1 120 GLU n 
1 121 GLY n 
1 122 ASP n 
1 123 THR n 
1 124 HIS n 
1 125 PHE n 
1 126 PRO n 
1 127 ASP n 
1 128 TYR n 
1 129 GLU n 
1 130 PRO n 
1 131 ASP n 
1 132 ASP n 
1 133 TRP n 
1 134 GLU n 
1 135 SER n 
1 136 VAL n 
1 137 PHE n 
1 138 SER n 
1 139 GLU n 
1 140 PHE n 
1 141 HIS n 
1 142 ASP n 
1 143 ALA n 
1 144 ASP n 
1 145 ALA n 
1 146 GLN n 
1 147 ASN n 
1 148 SER n 
1 149 HIS n 
1 150 SER n 
1 151 TYR n 
1 152 CYS n 
1 153 PHE n 
1 154 GLU n 
1 155 ILE n 
1 156 LEU n 
1 157 GLU n 
1 158 ARG n 
1 159 ARG n 
# 
_entity_src_gen.entity_id                          1 
_entity_src_gen.pdbx_src_id                        1 
_entity_src_gen.pdbx_alt_source_flag               sample 
_entity_src_gen.pdbx_seq_type                      ? 
_entity_src_gen.pdbx_beg_seq_num                   ? 
_entity_src_gen.pdbx_end_seq_num                   ? 
_entity_src_gen.gene_src_common_name               ? 
_entity_src_gen.gene_src_genus                     Escherichia 
_entity_src_gen.pdbx_gene_src_gene                 ? 
_entity_src_gen.gene_src_species                   ? 
_entity_src_gen.gene_src_strain                    RT500 
_entity_src_gen.gene_src_tissue                    ? 
_entity_src_gen.gene_src_tissue_fraction           ? 
_entity_src_gen.gene_src_details                   ? 
_entity_src_gen.pdbx_gene_src_fragment             ? 
_entity_src_gen.pdbx_gene_src_scientific_name      'Escherichia coli' 
_entity_src_gen.pdbx_gene_src_ncbi_taxonomy_id     562 
_entity_src_gen.pdbx_gene_src_variant              ? 
_entity_src_gen.pdbx_gene_src_cell_line            ? 
_entity_src_gen.pdbx_gene_src_atcc                 ? 
_entity_src_gen.pdbx_gene_src_organ                ? 
_entity_src_gen.pdbx_gene_src_organelle            ? 
_entity_src_gen.pdbx_gene_src_cell                 ? 
_entity_src_gen.pdbx_gene_src_cellular_location    ? 
_entity_src_gen.host_org_common_name               ? 
_entity_src_gen.pdbx_host_org_scientific_name      'Escherichia coli' 
_entity_src_gen.pdbx_host_org_ncbi_taxonomy_id     562 
_entity_src_gen.host_org_genus                     Escherichia 
_entity_src_gen.pdbx_host_org_gene                 ? 
_entity_src_gen.pdbx_host_org_organ                ? 
_entity_src_gen.host_org_species                   ? 
_entity_src_gen.pdbx_host_org_tissue               ? 
_entity_src_gen.pdbx_host_org_tissue_fraction      ? 
_entity_src_gen.pdbx_host_org_strain               ? 
_entity_src_gen.pdbx_host_org_variant              ? 
_entity_src_gen.pdbx_host_org_cell_line            ? 
_entity_src_gen.pdbx_host_org_atcc                 ? 
_entity_src_gen.pdbx_host_org_culture_collection   ? 
_entity_src_gen.pdbx_host_org_cell                 ? 
_entity_src_gen.pdbx_host_org_organelle            ? 
_entity_src_gen.pdbx_host_org_cellular_location    ? 
_entity_src_gen.pdbx_host_org_vector_type          ? 
_entity_src_gen.pdbx_host_org_vector               ? 
_entity_src_gen.host_org_details                   ? 
_entity_src_gen.expression_system_id               ? 
_entity_src_gen.plasmid_name                       PRWA-1 
_entity_src_gen.plasmid_details                    ? 
_entity_src_gen.pdbx_description                   ? 
# 
loop_
_chem_comp.id 
_chem_comp.type 
_chem_comp.mon_nstd_flag 
_chem_comp.name 
_chem_comp.pdbx_synonyms 
_chem_comp.formula 
_chem_comp.formula_weight 
ALA 'L-peptide linking' y ALANINE         ? 'C3 H7 N O2'     89.093  
ARG 'L-peptide linking' y ARGININE        ? 'C6 H15 N4 O2 1' 175.209 
ASN 'L-peptide linking' y ASPARAGINE      ? 'C4 H8 N2 O3'    132.118 
ASP 'L-peptide linking' y 'ASPARTIC ACID' ? 'C4 H7 N O4'     133.103 
CYS 'L-peptide linking' y CYSTEINE        ? 'C3 H7 N O2 S'   121.158 
FOL non-polymer         . 'FOLIC ACID'    ? 'C19 H19 N7 O6'  441.397 
GLN 'L-peptide linking' y GLUTAMINE       ? 'C5 H10 N2 O3'   146.144 
GLU 'L-peptide linking' y 'GLUTAMIC ACID' ? 'C5 H9 N O4'     147.129 
GLY 'peptide linking'   y GLYCINE         ? 'C2 H5 N O2'     75.067  
HIS 'L-peptide linking' y HISTIDINE       ? 'C6 H10 N3 O2 1' 156.162 
HOH non-polymer         . WATER           ? 'H2 O'           18.015  
ILE 'L-peptide linking' y ISOLEUCINE      ? 'C6 H13 N O2'    131.173 
LEU 'L-peptide linking' y LEUCINE         ? 'C6 H13 N O2'    131.173 
LYS 'L-peptide linking' y LYSINE          ? 'C6 H15 N2 O2 1' 147.195 
MET 'L-peptide linking' y METHIONINE      ? 'C5 H11 N O2 S'  149.211 
PHE 'L-peptide linking' y PHENYLALANINE   ? 'C9 H11 N O2'    165.189 
PRO 'L-peptide linking' y PROLINE         ? 'C5 H9 N O2'     115.130 
SER 'L-peptide linking' y SERINE          ? 'C3 H7 N O3'     105.093 
THR 'L-peptide linking' y THREONINE       ? 'C4 H9 N O3'     119.119 
TRP 'L-peptide linking' y TRYPTOPHAN      ? 'C11 H12 N2 O2'  204.225 
TYR 'L-peptide linking' y TYROSINE        ? 'C9 H11 N O3'    181.189 
VAL 'L-peptide linking' y VALINE          ? 'C5 H11 N O2'    117.146 
# 
loop_
_pdbx_poly_seq_scheme.asym_id 
_pdbx_poly_seq_scheme.entity_id 
_pdbx_poly_seq_scheme.seq_id 
_pdbx_poly_seq_scheme.mon_id 
_pdbx_poly_seq_scheme.ndb_seq_num 
_pdbx_poly_seq_scheme.pdb_seq_num 
_pdbx_poly_seq_scheme.auth_seq_num 
_pdbx_poly_seq_scheme.pdb_mon_id 
_pdbx_poly_seq_scheme.auth_mon_id 
_pdbx_poly_seq_scheme.pdb_strand_id 
_pdbx_poly_seq_scheme.pdb_ins_code 
_pdbx_poly_seq_scheme.hetero 
A 1 1   MET 1   1   1   MET MET A . n 
A 1 2   ILE 2   2   2   ILE ILE A . n 
A 1 3   SER 3   3   3   SER SER A . n 
A 1 4   LEU 4   4   4   LEU LEU A . n 
A 1 5   ILE 5   5   5   ILE ILE A . n 
A 1 6   ALA 6   6   6   ALA ALA A . n 
A 1 7   ALA 7   7   7   ALA ALA A . n 
A 1 8   LEU 8   8   8   LEU LEU A . n 
A 1 9   ALA 9   9   9   ALA ALA A . n 
A 1 10  VAL 10  10  10  VAL VAL A . n 
A 1 11  ASP 11  11  11  ASP ASP A . n 
A 1 12  ARG 12  12  12  ARG ARG A . n 
A 1 13  VAL 13  13  13  VAL VAL A . n 
A 1 14  ILE 14  14  14  ILE ILE A . n 
A 1 15  GLY 15  15  15  GLY GLY A . n 
A 1 16  MET 16  16  16  MET MET A . n 
A 1 17  GLU 17  17  17  GLU GLU A . n 
A 1 18  ASN 18  18  18  ASN ASN A . n 
A 1 19  ALA 19  19  19  ALA ALA A . n 
A 1 20  MET 20  20  20  MET MET A . n 
A 1 21  PRO 21  21  21  PRO PRO A . n 
A 1 22  TRP 22  22  22  TRP TRP A . n 
A 1 23  ASN 23  23  23  ASN ASN A . n 
A 1 24  LEU 24  24  24  LEU LEU A . n 
A 1 25  PRO 25  25  25  PRO PRO A . n 
A 1 26  ALA 26  26  26  ALA ALA A . n 
A 1 27  ASP 27  27  27  ASP ASP A . n 
A 1 28  LEU 28  28  28  LEU LEU A . n 
A 1 29  ALA 29  29  29  ALA ALA A . n 
A 1 30  TRP 30  30  30  TRP TRP A . n 
A 1 31  PHE 31  31  31  PHE PHE A . n 
A 1 32  LYS 32  32  32  LYS LYS A . n 
A 1 33  ARG 33  33  33  ARG ARG A . n 
A 1 34  ASN 34  34  34  ASN ASN A . n 
A 1 35  THR 35  35  35  THR THR A . n 
A 1 36  LEU 36  36  36  LEU LEU A . n 
A 1 37  ASP 37  37  37  ASP ASP A . n 
A 1 38  LYS 38  38  38  LYS LYS A . n 
A 1 39  PRO 39  39  39  PRO PRO A . n 
A 1 40  VAL 40  40  40  VAL VAL A . n 
A 1 41  ILE 41  41  41  ILE ILE A . n 
A 1 42  MET 42  42  42  MET MET A . n 
A 1 43  GLY 43  43  43  GLY GLY A . n 
A 1 44  ARG 44  44  44  ARG ARG A . n 
A 1 45  HIS 45  45  45  HIS HIS A . n 
A 1 46  THR 46  46  46  THR THR A . n 
A 1 47  TRP 47  47  47  TRP TRP A . n 
A 1 48  GLU 48  48  48  GLU GLU A . n 
A 1 49  SER 49  49  49  SER SER A . n 
A 1 50  ILE 50  50  50  ILE ILE A . n 
A 1 51  GLY 51  51  51  GLY GLY A . n 
A 1 52  ARG 52  52  52  ARG ARG A . n 
A 1 53  PRO 53  53  53  PRO PRO A . n 
A 1 54  LEU 54  54  54  LEU LEU A . n 
A 1 55  PRO 55  55  55  PRO PRO A . n 
A 1 56  GLY 56  56  56  GLY GLY A . n 
A 1 57  ARG 57  57  57  ARG ARG A . n 
A 1 58  LYS 58  58  58  LYS LYS A . n 
A 1 59  ASN 59  59  59  ASN ASN A . n 
A 1 60  ILE 60  60  60  ILE ILE A . n 
A 1 61  ILE 61  61  61  ILE ILE A . n 
A 1 62  LEU 62  62  62  LEU LEU A . n 
A 1 63  SER 63  63  63  SER SER A . n 
A 1 64  SER 64  64  64  SER SER A . n 
A 1 65  GLN 65  65  65  GLN GLN A . n 
A 1 66  PRO 66  66  66  PRO PRO A . n 
A 1 67  GLY 67  67  67  GLY GLY A . n 
A 1 68  THR 68  68  68  THR THR A . n 
A 1 69  ASP 69  69  69  ASP ASP A . n 
A 1 70  ASP 70  70  70  ASP ASP A . n 
A 1 71  ARG 71  71  71  ARG ARG A . n 
A 1 72  VAL 72  72  72  VAL VAL A . n 
A 1 73  THR 73  73  73  THR THR A . n 
A 1 74  TRP 74  74  74  TRP TRP A . n 
A 1 75  VAL 75  75  75  VAL VAL A . n 
A 1 76  LYS 76  76  76  LYS LYS A . n 
A 1 77  SER 77  77  77  SER SER A . n 
A 1 78  VAL 78  78  78  VAL VAL A . n 
A 1 79  ASP 79  79  79  ASP ASP A . n 
A 1 80  GLU 80  80  80  GLU GLU A . n 
A 1 81  ALA 81  81  81  ALA ALA A . n 
A 1 82  ILE 82  82  82  ILE ILE A . n 
A 1 83  ALA 83  83  83  ALA ALA A . n 
A 1 84  ALA 84  84  84  ALA ALA A . n 
A 1 85  CYS 85  85  85  CYS CYS A . n 
A 1 86  GLY 86  86  86  GLY GLY A . n 
A 1 87  ASP 87  87  87  ASP ASP A . n 
A 1 88  VAL 88  88  88  VAL VAL A . n 
A 1 89  PRO 89  89  89  PRO PRO A . n 
A 1 90  GLU 90  90  90  GLU GLU A . n 
A 1 91  ILE 91  91  91  ILE ILE A . n 
A 1 92  MET 92  92  92  MET MET A . n 
A 1 93  VAL 93  93  93  VAL VAL A . n 
A 1 94  ILE 94  94  94  ILE ILE A . n 
A 1 95  GLY 95  95  95  GLY GLY A . n 
A 1 96  GLY 96  96  96  GLY GLY A . n 
A 1 97  GLY 97  97  97  GLY GLY A . n 
A 1 98  ARG 98  98  98  ARG ARG A . n 
A 1 99  VAL 99  99  99  VAL VAL A . n 
A 1 100 TYR 100 100 100 TYR TYR A . n 
A 1 101 GLU 101 101 101 GLU GLU A . n 
A 1 102 GLN 102 102 102 GLN GLN A . n 
A 1 103 PHE 103 103 103 PHE PHE A . n 
A 1 104 LEU 104 104 104 LEU LEU A . n 
A 1 105 PRO 105 105 105 PRO PRO A . n 
A 1 106 LYS 106 106 106 LYS LYS A . n 
A 1 107 ALA 107 107 107 ALA ALA A . n 
A 1 108 GLN 108 108 108 GLN GLN A . n 
A 1 109 LYS 109 109 109 LYS LYS A . n 
A 1 110 LEU 110 110 110 LEU LEU A . n 
A 1 111 TYR 111 111 111 TYR TYR A . n 
A 1 112 LEU 112 112 112 LEU LEU A . n 
A 1 113 THR 113 113 113 THR THR A . n 
A 1 114 HIS 114 114 114 HIS HIS A . n 
A 1 115 ILE 115 115 115 ILE ILE A . n 
A 1 116 ASP 116 116 116 ASP ASP A . n 
A 1 117 ALA 117 117 117 ALA ALA A . n 
A 1 118 GLU 118 118 118 GLU GLU A . n 
A 1 119 VAL 119 119 119 VAL VAL A . n 
A 1 120 GLU 120 120 120 GLU GLU A . n 
A 1 121 GLY 121 121 121 GLY GLY A . n 
A 1 122 ASP 122 122 122 ASP ASP A . n 
A 1 123 THR 123 123 123 THR THR A . n 
A 1 124 HIS 124 124 124 HIS HIS A . n 
A 1 125 PHE 125 125 125 PHE PHE A . n 
A 1 126 PRO 126 126 126 PRO PRO A . n 
A 1 127 ASP 127 127 127 ASP ASP A . n 
A 1 128 TYR 128 128 128 TYR TYR A . n 
A 1 129 GLU 129 129 129 GLU GLU A . n 
A 1 130 PRO 130 130 130 PRO PRO A . n 
A 1 131 ASP 131 131 131 ASP ASP A . n 
A 1 132 ASP 132 132 132 ASP ASP A . n 
A 1 133 TRP 133 133 133 TRP TRP A . n 
A 1 134 GLU 134 134 134 GLU GLU A . n 
A 1 135 SER 135 135 135 SER SER A . n 
A 1 136 VAL 136 136 136 VAL VAL A . n 
A 1 137 PHE 137 137 137 PHE PHE A . n 
A 1 138 SER 138 138 138 SER SER A . n 
A 1 139 GLU 139 139 139 GLU GLU A . n 
A 1 140 PHE 140 140 140 PHE PHE A . n 
A 1 141 HIS 141 141 141 HIS HIS A . n 
A 1 142 ASP 142 142 142 ASP ASP A . n 
A 1 143 ALA 143 143 143 ALA ALA A . n 
A 1 144 ASP 144 144 144 ASP ASP A . n 
A 1 145 ALA 145 145 145 ALA ALA A . n 
A 1 146 GLN 146 146 146 GLN GLN A . n 
A 1 147 ASN 147 147 147 ASN ASN A . n 
A 1 148 SER 148 148 148 SER SER A . n 
A 1 149 HIS 149 149 149 HIS HIS A . n 
A 1 150 SER 150 150 150 SER SER A . n 
A 1 151 TYR 151 151 151 TYR TYR A . n 
A 1 152 CYS 152 152 152 CYS CYS A . n 
A 1 153 PHE 153 153 153 PHE PHE A . n 
A 1 154 GLU 154 154 154 GLU GLU A . n 
A 1 155 ILE 155 155 155 ILE ILE A . n 
A 1 156 LEU 156 156 156 LEU LEU A . n 
A 1 157 GLU 157 157 157 GLU GLU A . n 
A 1 158 ARG 158 158 158 ARG ARG A . n 
A 1 159 ARG 159 159 159 ARG ARG A . n 
# 
loop_
_pdbx_nonpoly_scheme.asym_id 
_pdbx_nonpoly_scheme.entity_id 
_pdbx_nonpoly_scheme.mon_id 
_pdbx_nonpoly_scheme.ndb_seq_num 
_pdbx_nonpoly_scheme.pdb_seq_num 
_pdbx_nonpoly_scheme.auth_seq_num 
_pdbx_nonpoly_scheme.pdb_mon_id 
_pdbx_nonpoly_scheme.auth_mon_id 
_pdbx_nonpoly_scheme.pdb_strand_id 
_pdbx_nonpoly_scheme.pdb_ins_code 
B 2 FOL 1  161 161 FOL FOL A . 
C 3 HOH 1  300 300 HOH HOH A . 
C 3 HOH 2  301 301 HOH HOH A . 
C 3 HOH 3  302 302 HOH HOH A . 
C 3 HOH 4  303 303 HOH HOH A . 
C 3 HOH 5  304 304 HOH HOH A . 
C 3 HOH 6  305 305 HOH HOH A . 
C 3 HOH 7  306 306 HOH HOH A . 
C 3 HOH 8  307 307 HOH HOH A . 
C 3 HOH 9  308 308 HOH HOH A . 
C 3 HOH 10 309 309 HOH HOH A . 
C 3 HOH 11 310 310 HOH HOH A . 
C 3 HOH 12 311 311 HOH HOH A . 
C 3 HOH 13 312 312 HOH HOH A . 
C 3 HOH 14 314 314 HOH HOH A . 
C 3 HOH 15 315 315 HOH HOH A . 
C 3 HOH 16 316 316 HOH HOH A . 
C 3 HOH 17 317 317 HOH HOH A . 
C 3 HOH 18 318 318 HOH HOH A . 
C 3 HOH 19 319 319 HOH HOH A . 
C 3 HOH 20 320 320 HOH HOH A . 
C 3 HOH 21 321 321 HOH HOH A . 
C 3 HOH 22 322 322 HOH HOH A . 
C 3 HOH 23 323 323 HOH HOH A . 
# 
loop_
_pdbx_unobs_or_zero_occ_atoms.id 
_pdbx_unobs_or_zero_occ_atoms.PDB_model_num 
_pdbx_unobs_or_zero_occ_atoms.polymer_flag 
_pdbx_unobs_or_zero_occ_atoms.occupancy_flag 
_pdbx_unobs_or_zero_occ_atoms.auth_asym_id 
_pdbx_unobs_or_zero_occ_atoms.auth_comp_id 
_pdbx_unobs_or_zero_occ_atoms.auth_seq_id 
_pdbx_unobs_or_zero_occ_atoms.PDB_ins_code 
_pdbx_unobs_or_zero_occ_atoms.auth_atom_id 
_pdbx_unobs_or_zero_occ_atoms.label_alt_id 
_pdbx_unobs_or_zero_occ_atoms.label_asym_id 
_pdbx_unobs_or_zero_occ_atoms.label_comp_id 
_pdbx_unobs_or_zero_occ_atoms.label_seq_id 
_pdbx_unobs_or_zero_occ_atoms.label_atom_id 
1 1 Y 0 A GLU 118 ? CD  ? A GLU 118 CD  
2 1 Y 0 A GLU 118 ? OE1 ? A GLU 118 OE1 
3 1 Y 0 A GLU 118 ? OE2 ? A GLU 118 OE2 
4 1 Y 0 A GLU 129 ? CD  ? A GLU 129 CD  
5 1 Y 0 A GLU 129 ? OE1 ? A GLU 129 OE1 
6 1 Y 0 A GLU 129 ? OE2 ? A GLU 129 OE2 
7 1 N 0 A FOL 161 ? CD  ? B FOL ?   CD  
8 1 N 0 A FOL 161 ? OE1 ? B FOL ?   OE1 
9 1 N 0 A FOL 161 ? OE2 ? B FOL ?   OE2 
# 
loop_
_software.name 
_software.classification 
_software.version 
_software.citation_id 
_software.pdbx_ordinal 
MERLOT phasing          .  ? 1 
TNT    refinement       5D ? 2 
UCSD   'data reduction' .  ? 3 
UCSD   'data scaling'   .  ? 4 
# 
_cell.entry_id           1RX7 
_cell.length_a           34.990 
_cell.length_b           45.308 
_cell.length_c           101.138 
_cell.angle_alpha        90.00 
_cell.angle_beta         90.00 
_cell.angle_gamma        90.00 
_cell.Z_PDB              4 
_cell.pdbx_unique_axis   ? 
# 
_symmetry.entry_id                         1RX7 
_symmetry.space_group_name_H-M             'P 21 21 21' 
_symmetry.pdbx_full_space_group_name_H-M   ? 
_symmetry.cell_setting                     ? 
_symmetry.Int_Tables_number                19 
# 
_exptl.entry_id          1RX7 
_exptl.method            'X-RAY DIFFRACTION' 
_exptl.crystals_number   1 
# 
_exptl_crystal.id                    1 
_exptl_crystal.density_meas          ? 
_exptl_crystal.density_Matthews      2.18 
_exptl_crystal.density_percent_sol   42.8 
_exptl_crystal.description           ? 
# 
_exptl_crystal_grow.crystal_id      1 
_exptl_crystal_grow.method          ? 
_exptl_crystal_grow.temp            ? 
_exptl_crystal_grow.temp_details    ? 
_exptl_crystal_grow.pH              6.5 
_exptl_crystal_grow.pdbx_pH_range   ? 
_exptl_crystal_grow.pdbx_details    'pH 6.5' 
# 
_diffrn.id                     1 
_diffrn.ambient_temp           293 
_diffrn.ambient_temp_details   ? 
_diffrn.crystal_id             1 
# 
_diffrn_detector.diffrn_id              1 
_diffrn_detector.detector               'AREA DETECTOR' 
_diffrn_detector.type                   'XUONG-HAMLIN MULTIWIRE' 
_diffrn_detector.pdbx_collection_date   1995-06 
_diffrn_detector.details                ? 
# 
_diffrn_radiation.diffrn_id                        1 
_diffrn_radiation.wavelength_id                    1 
_diffrn_radiation.pdbx_monochromatic_or_laue_m_l   M 
_diffrn_radiation.monochromator                    'GRAPHITE(002)' 
_diffrn_radiation.pdbx_diffrn_protocol             ? 
_diffrn_radiation.pdbx_scattering_type             x-ray 
# 
_diffrn_radiation_wavelength.id           1 
_diffrn_radiation_wavelength.wavelength   1.5418 
_diffrn_radiation_wavelength.wt           1.0 
# 
_diffrn_source.diffrn_id                   1 
_diffrn_source.source                      'ROTATING ANODE' 
_diffrn_source.type                        'RIGAKU RUH2R' 
_diffrn_source.pdbx_synchrotron_site       ? 
_diffrn_source.pdbx_synchrotron_beamline   ? 
_diffrn_source.pdbx_wavelength             1.5418 
_diffrn_source.pdbx_wavelength_list        ? 
# 
_reflns.entry_id                     1RX7 
_reflns.observed_criterion_sigma_I   0. 
_reflns.observed_criterion_sigma_F   ? 
_reflns.d_resolution_low             100.0 
_reflns.d_resolution_high            2.3 
_reflns.number_obs                   6569 
_reflns.number_all                   ? 
_reflns.percent_possible_obs         87.0 
_reflns.pdbx_Rmerge_I_obs            ? 
_reflns.pdbx_Rsym_value              0.0780000 
_reflns.pdbx_netI_over_sigmaI        8.3 
_reflns.B_iso_Wilson_estimate        ? 
_reflns.pdbx_redundancy              2.1 
_reflns.pdbx_diffrn_id               1 
_reflns.pdbx_ordinal                 1 
# 
_reflns_shell.d_res_high             2.30 
_reflns_shell.d_res_low              2.48 
_reflns_shell.percent_possible_all   81. 
_reflns_shell.Rmerge_I_obs           ? 
_reflns_shell.pdbx_Rsym_value        0.1750000 
_reflns_shell.meanI_over_sigI_obs    2.1 
_reflns_shell.pdbx_redundancy        1.4 
_reflns_shell.pdbx_diffrn_id         ? 
_reflns_shell.pdbx_ordinal           1 
# 
_refine.entry_id                                 1RX7 
_refine.ls_number_reflns_obs                     6569 
_refine.ls_number_reflns_all                     ? 
_refine.pdbx_ls_sigma_I                          ? 
_refine.pdbx_ls_sigma_F                          0.0 
_refine.pdbx_data_cutoff_high_absF               ? 
_refine.pdbx_data_cutoff_low_absF                ? 
_refine.pdbx_data_cutoff_high_rms_absF           ? 
_refine.ls_d_res_low                             20.0 
_refine.ls_d_res_high                            2.3 
_refine.ls_percent_reflns_obs                    87.0 
_refine.ls_R_factor_obs                          ? 
_refine.ls_R_factor_all                          ? 
_refine.ls_R_factor_R_work                       0.1810000 
_refine.ls_R_factor_R_free                       ? 
_refine.ls_R_factor_R_free_error                 ? 
_refine.ls_R_factor_R_free_error_details         ? 
_refine.ls_percent_reflns_R_free                 ? 
_refine.ls_number_reflns_R_free                  ? 
_refine.ls_number_parameters                     ? 
_refine.ls_number_restraints                     ? 
_refine.occupancy_min                            ? 
_refine.occupancy_max                            ? 
_refine.B_iso_mean                               ? 
_refine.aniso_B[1][1]                            ? 
_refine.aniso_B[2][2]                            ? 
_refine.aniso_B[3][3]                            ? 
_refine.aniso_B[1][2]                            ? 
_refine.aniso_B[1][3]                            ? 
_refine.aniso_B[2][3]                            ? 
_refine.solvent_model_details                    'MOEWS AND KRETSINGER' 
_refine.solvent_model_param_ksol                 0.852 
_refine.solvent_model_param_bsol                 227.5 
_refine.pdbx_ls_cross_valid_method               ? 
_refine.details                                  ? 
_refine.pdbx_starting_model                      'PDB ENTRY 1RA2' 
_refine.pdbx_method_to_determine_struct          'MOLECULAR REPLACEMENT' 
_refine.pdbx_isotropic_thermal_model             ? 
_refine.pdbx_stereochemistry_target_values       TNT 
_refine.pdbx_stereochem_target_val_spec_case     ? 
_refine.pdbx_R_Free_selection_details            ? 
_refine.pdbx_overall_ESU_R                       ? 
_refine.pdbx_overall_ESU_R_Free                  ? 
_refine.overall_SU_ML                            ? 
_refine.overall_SU_B                             ? 
_refine.pdbx_refine_id                           'X-RAY DIFFRACTION' 
_refine.pdbx_diffrn_id                           1 
_refine.pdbx_TLS_residual_ADP_flag               ? 
_refine.correlation_coeff_Fo_to_Fc               ? 
_refine.correlation_coeff_Fo_to_Fc_free          ? 
_refine.pdbx_solvent_vdw_probe_radii             ? 
_refine.pdbx_solvent_ion_probe_radii             ? 
_refine.pdbx_solvent_shrinkage_radii             ? 
_refine.pdbx_overall_phase_error                 ? 
_refine.overall_SU_R_Cruickshank_DPI             ? 
_refine.pdbx_overall_SU_R_free_Cruickshank_DPI   ? 
_refine.pdbx_overall_SU_R_Blow_DPI               ? 
_refine.pdbx_overall_SU_R_free_Blow_DPI          ? 
# 
_refine_hist.pdbx_refine_id                   'X-RAY DIFFRACTION' 
_refine_hist.cycle_id                         LAST 
_refine_hist.pdbx_number_atoms_protein        1268 
_refine_hist.pdbx_number_atoms_nucleic_acid   0 
_refine_hist.pdbx_number_atoms_ligand         32 
_refine_hist.number_atoms_solvent             23 
_refine_hist.number_atoms_total               1323 
_refine_hist.d_res_high                       2.3 
_refine_hist.d_res_low                        20.0 
# 
loop_
_refine_ls_restr.type 
_refine_ls_restr.dev_ideal 
_refine_ls_restr.dev_ideal_target 
_refine_ls_restr.weight 
_refine_ls_restr.number 
_refine_ls_restr.pdbx_refine_id 
_refine_ls_restr.pdbx_restraint_function 
t_bond_d           0.022 ? 0.020 1327 'X-RAY DIFFRACTION' ? 
t_angle_deg        2.98  ? 3.0   1796 'X-RAY DIFFRACTION' ? 
t_dihedral_angle_d 25.0  ? ?     781  'X-RAY DIFFRACTION' ? 
t_incorr_chiral_ct 0     ? ?     ?    'X-RAY DIFFRACTION' ? 
t_pseud_angle      ?     ? ?     ?    'X-RAY DIFFRACTION' ? 
t_trig_c_planes    0.018 ? 0.020 36   'X-RAY DIFFRACTION' ? 
t_gen_planes       0.006 ? 0.020 190  'X-RAY DIFFRACTION' ? 
t_it               6.0   ? 6.0   1327 'X-RAY DIFFRACTION' ? 
t_nbd              0.017 ? 0.020 41   'X-RAY DIFFRACTION' ? 
# 
_pdbx_refine.entry_id                                    1RX7 
_pdbx_refine.R_factor_all_no_cutoff                      ? 
_pdbx_refine.R_factor_obs_no_cutoff                      0.1810000 
_pdbx_refine.free_R_factor_no_cutoff                     ? 
_pdbx_refine.free_R_val_test_set_size_perc_no_cutoff     ? 
_pdbx_refine.free_R_val_test_set_ct_no_cutoff            ? 
_pdbx_refine.R_factor_all_4sig_cutoff                    ? 
_pdbx_refine.R_factor_obs_4sig_cutoff                    ? 
_pdbx_refine.free_R_factor_4sig_cutoff                   ? 
_pdbx_refine.free_R_val_test_set_size_perc_4sig_cutoff   ? 
_pdbx_refine.free_R_val_test_set_ct_4sig_cutoff          ? 
_pdbx_refine.number_reflns_obs_4sig_cutoff               ? 
_pdbx_refine.pdbx_refine_id                              'X-RAY DIFFRACTION' 
_pdbx_refine.free_R_error_no_cutoff                      ? 
# 
_struct.entry_id                  1RX7 
_struct.title                     'STRUCTURE OF DIHYDROFOLATE REDUCTASE COMPLEXED WITH FOLATE' 
_struct.pdbx_model_details        ? 
_struct.pdbx_CASP_flag            ? 
_struct.pdbx_model_type_details   ? 
# 
_struct_keywords.entry_id        1RX7 
_struct_keywords.pdbx_keywords   OXIDOREDUCTASE 
_struct_keywords.text            'OXIDOREDUCTASE, NADP, TRIMETHOPRIM RESISTANCE, METHOTREXATE RESISTANCE, ONE-CARBON METABOLISM' 
# 
loop_
_struct_asym.id 
_struct_asym.pdbx_blank_PDB_chainid_flag 
_struct_asym.pdbx_modified 
_struct_asym.entity_id 
_struct_asym.details 
A N N 1 ? 
B N N 2 ? 
C N N 3 ? 
# 
_struct_ref.id                         1 
_struct_ref.db_name                    UNP 
_struct_ref.db_code                    DYR_ECOLI 
_struct_ref.entity_id                  1 
_struct_ref.pdbx_db_accession          P0ABQ4 
_struct_ref.pdbx_align_begin           1 
_struct_ref.pdbx_seq_one_letter_code   
;MISLIAALAVDRVIGMENAMPWNLPADLAWFKRNTLNKPVIMGRHTWESIGRPLPGRKNIILSSQPGTDDRVTWVKSVDE
AIAACGDVPEIMVIGGGRVYEQFLPKAQKLYLTHIDAEVEGDTHFPDYEPDDWESVFSEFHDADAQNSHSYCFEILERR
;
_struct_ref.pdbx_db_isoform            ? 
# 
_struct_ref_seq.align_id                      1 
_struct_ref_seq.ref_id                        1 
_struct_ref_seq.pdbx_PDB_id_code              1RX7 
_struct_ref_seq.pdbx_strand_id                A 
_struct_ref_seq.seq_align_beg                 1 
_struct_ref_seq.pdbx_seq_align_beg_ins_code   ? 
_struct_ref_seq.seq_align_end                 159 
_struct_ref_seq.pdbx_seq_align_end_ins_code   ? 
_struct_ref_seq.pdbx_db_accession             P0ABQ4 
_struct_ref_seq.db_align_beg                  1 
_struct_ref_seq.pdbx_db_align_beg_ins_code    ? 
_struct_ref_seq.db_align_end                  159 
_struct_ref_seq.pdbx_db_align_end_ins_code    ? 
_struct_ref_seq.pdbx_auth_seq_align_beg       1 
_struct_ref_seq.pdbx_auth_seq_align_end       159 
# 
_struct_ref_seq_dif.align_id                     1 
_struct_ref_seq_dif.pdbx_pdb_id_code             1RX7 
_struct_ref_seq_dif.mon_id                       ASP 
_struct_ref_seq_dif.pdbx_pdb_strand_id           A 
_struct_ref_seq_dif.seq_num                      37 
_struct_ref_seq_dif.pdbx_pdb_ins_code            ? 
_struct_ref_seq_dif.pdbx_seq_db_name             UNP 
_struct_ref_seq_dif.pdbx_seq_db_accession_code   P0ABQ4 
_struct_ref_seq_dif.db_mon_id                    ASN 
_struct_ref_seq_dif.pdbx_seq_db_seq_num          37 
_struct_ref_seq_dif.details                      conflict 
_struct_ref_seq_dif.pdbx_auth_seq_num            37 
_struct_ref_seq_dif.pdbx_ordinal                 1 
# 
_pdbx_struct_assembly.id                   1 
_pdbx_struct_assembly.details              author_defined_assembly 
_pdbx_struct_assembly.method_details       ? 
_pdbx_struct_assembly.oligomeric_details   monomeric 
_pdbx_struct_assembly.oligomeric_count     1 
# 
_pdbx_struct_assembly_gen.assembly_id       1 
_pdbx_struct_assembly_gen.oper_expression   1 
_pdbx_struct_assembly_gen.asym_id_list      A,B,C 
# 
_pdbx_struct_oper_list.id                   1 
_pdbx_struct_oper_list.type                 'identity operation' 
_pdbx_struct_oper_list.name                 1_555 
_pdbx_struct_oper_list.symmetry_operation   x,y,z 
_pdbx_struct_oper_list.matrix[1][1]         1.0000000000 
_pdbx_struct_oper_list.matrix[1][2]         0.0000000000 
_pdbx_struct_oper_list.matrix[1][3]         0.0000000000 
_pdbx_struct_oper_list.vector[1]            0.0000000000 
_pdbx_struct_oper_list.matrix[2][1]         0.0000000000 
_pdbx_struct_oper_list.matrix[2][2]         1.0000000000 
_pdbx_struct_oper_list.matrix[2][3]         0.0000000000 
_pdbx_struct_oper_list.vector[2]            0.0000000000 
_pdbx_struct_oper_list.matrix[3][1]         0.0000000000 
_pdbx_struct_oper_list.matrix[3][2]         0.0000000000 
_pdbx_struct_oper_list.matrix[3][3]         1.0000000000 
_pdbx_struct_oper_list.vector[3]            0.0000000000 
# 
_struct_biol.id   1 
# 
loop_
_struct_conf.conf_type_id 
_struct_conf.id 
_struct_conf.pdbx_PDB_helix_id 
_struct_conf.beg_label_comp_id 
_struct_conf.beg_label_asym_id 
_struct_conf.beg_label_seq_id 
_struct_conf.pdbx_beg_PDB_ins_code 
_struct_conf.end_label_comp_id 
_struct_conf.end_label_asym_id 
_struct_conf.end_label_seq_id 
_struct_conf.pdbx_end_PDB_ins_code 
_struct_conf.beg_auth_comp_id 
_struct_conf.beg_auth_asym_id 
_struct_conf.beg_auth_seq_id 
_struct_conf.end_auth_comp_id 
_struct_conf.end_auth_asym_id 
_struct_conf.end_auth_seq_id 
_struct_conf.pdbx_PDB_helix_class 
_struct_conf.details 
_struct_conf.pdbx_PDB_helix_length 
HELX_P HELX_P1 2 PRO A 25 ? THR A 35  ? PRO A 25 THR A 35  1 ? 11 
HELX_P HELX_P2 3 ARG A 44 ? ILE A 50  ? ARG A 44 ILE A 50  1 ? 7  
HELX_P HELX_P3 4 VAL A 78 ? CYS A 85  ? VAL A 78 CYS A 85  1 ? 8  
HELX_P HELX_P4 5 GLY A 97 ? LYS A 106 ? GLY A 97 LYS A 106 1 ? 10 
# 
_struct_conf_type.id          HELX_P 
_struct_conf_type.criteria    ? 
_struct_conf_type.reference   ? 
# 
_struct_mon_prot_cis.pdbx_id                1 
_struct_mon_prot_cis.label_comp_id          GLY 
_struct_mon_prot_cis.label_seq_id           95 
_struct_mon_prot_cis.label_asym_id          A 
_struct_mon_prot_cis.label_alt_id           . 
_struct_mon_prot_cis.pdbx_PDB_ins_code      ? 
_struct_mon_prot_cis.auth_comp_id           GLY 
_struct_mon_prot_cis.auth_seq_id            95 
_struct_mon_prot_cis.auth_asym_id           A 
_struct_mon_prot_cis.pdbx_label_comp_id_2   GLY 
_struct_mon_prot_cis.pdbx_label_seq_id_2    96 
_struct_mon_prot_cis.pdbx_label_asym_id_2   A 
_struct_mon_prot_cis.pdbx_PDB_ins_code_2    ? 
_struct_mon_prot_cis.pdbx_auth_comp_id_2    GLY 
_struct_mon_prot_cis.pdbx_auth_seq_id_2     96 
_struct_mon_prot_cis.pdbx_auth_asym_id_2    A 
_struct_mon_prot_cis.pdbx_PDB_model_num     1 
_struct_mon_prot_cis.pdbx_omega_angle       1.26 
# 
_struct_sheet.id               A 
_struct_sheet.type             ? 
_struct_sheet.number_strands   8 
_struct_sheet.details          ? 
# 
loop_
_struct_sheet_order.sheet_id 
_struct_sheet_order.range_id_1 
_struct_sheet_order.range_id_2 
_struct_sheet_order.offset 
_struct_sheet_order.sense 
A 1 2 ? anti-parallel 
A 2 3 ? anti-parallel 
A 3 4 ? parallel      
A 4 5 ? parallel      
A 5 6 ? parallel      
A 6 7 ? parallel      
A 7 8 ? parallel      
# 
loop_
_struct_sheet_range.sheet_id 
_struct_sheet_range.id 
_struct_sheet_range.beg_label_comp_id 
_struct_sheet_range.beg_label_asym_id 
_struct_sheet_range.beg_label_seq_id 
_struct_sheet_range.pdbx_beg_PDB_ins_code 
_struct_sheet_range.end_label_comp_id 
_struct_sheet_range.end_label_asym_id 
_struct_sheet_range.end_label_seq_id 
_struct_sheet_range.pdbx_end_PDB_ins_code 
_struct_sheet_range.beg_auth_comp_id 
_struct_sheet_range.beg_auth_asym_id 
_struct_sheet_range.beg_auth_seq_id 
_struct_sheet_range.end_auth_comp_id 
_struct_sheet_range.end_auth_asym_id 
_struct_sheet_range.end_auth_seq_id 
A 1 TRP A 133 ? SER A 135 ? TRP A 133 SER A 135 
A 2 TYR A 151 ? ARG A 158 ? TYR A 151 ARG A 158 
A 3 ALA A 107 ? ILE A 115 ? ALA A 107 ILE A 115 
A 4 ILE A 2   ? ILE A 5   ? ILE A 2   ILE A 5   
A 5 ILE A 91  ? GLY A 95  ? ILE A 91  GLY A 95  
A 6 PRO A 39  ? GLY A 43  ? PRO A 39  GLY A 43  
A 7 LYS A 58  ? LEU A 62  ? LYS A 58  LEU A 62  
A 8 THR A 73  ? VAL A 75  ? THR A 73  VAL A 75  
# 
loop_
_pdbx_struct_sheet_hbond.sheet_id 
_pdbx_struct_sheet_hbond.range_id_1 
_pdbx_struct_sheet_hbond.range_id_2 
_pdbx_struct_sheet_hbond.range_1_label_atom_id 
_pdbx_struct_sheet_hbond.range_1_label_comp_id 
_pdbx_struct_sheet_hbond.range_1_label_asym_id 
_pdbx_struct_sheet_hbond.range_1_label_seq_id 
_pdbx_struct_sheet_hbond.range_1_PDB_ins_code 
_pdbx_struct_sheet_hbond.range_1_auth_atom_id 
_pdbx_struct_sheet_hbond.range_1_auth_comp_id 
_pdbx_struct_sheet_hbond.range_1_auth_asym_id 
_pdbx_struct_sheet_hbond.range_1_auth_seq_id 
_pdbx_struct_sheet_hbond.range_2_label_atom_id 
_pdbx_struct_sheet_hbond.range_2_label_comp_id 
_pdbx_struct_sheet_hbond.range_2_label_asym_id 
_pdbx_struct_sheet_hbond.range_2_label_seq_id 
_pdbx_struct_sheet_hbond.range_2_PDB_ins_code 
_pdbx_struct_sheet_hbond.range_2_auth_atom_id 
_pdbx_struct_sheet_hbond.range_2_auth_comp_id 
_pdbx_struct_sheet_hbond.range_2_auth_asym_id 
_pdbx_struct_sheet_hbond.range_2_auth_seq_id 
A 1 2 O GLU A 134 ? O GLU A 134 N GLU A 157 ? N GLU A 157 
A 2 3 O CYS A 152 ? O CYS A 152 N HIS A 114 ? N HIS A 114 
A 3 4 O GLN A 108 ? O GLN A 108 N ILE A 2   ? N ILE A 2   
A 4 5 O SER A 3   ? O SER A 3   N ILE A 91  ? N ILE A 91  
A 5 6 O MET A 92  ? O MET A 92  N PRO A 39  ? N PRO A 39  
A 6 7 O VAL A 40  ? O VAL A 40  N LYS A 58  ? N LYS A 58  
A 7 8 O ILE A 61  ? O ILE A 61  N THR A 73  ? N THR A 73  
# 
_struct_site.id                   AC1 
_struct_site.pdbx_evidence_code   Software 
_struct_site.pdbx_auth_asym_id    A 
_struct_site.pdbx_auth_comp_id    FOL 
_struct_site.pdbx_auth_seq_id     161 
_struct_site.pdbx_auth_ins_code   ? 
_struct_site.pdbx_num_residues    12 
_struct_site.details              'BINDING SITE FOR RESIDUE FOL A 161' 
# 
loop_
_struct_site_gen.id 
_struct_site_gen.site_id 
_struct_site_gen.pdbx_num_res 
_struct_site_gen.label_comp_id 
_struct_site_gen.label_asym_id 
_struct_site_gen.label_seq_id 
_struct_site_gen.pdbx_auth_ins_code 
_struct_site_gen.auth_comp_id 
_struct_site_gen.auth_asym_id 
_struct_site_gen.auth_seq_id 
_struct_site_gen.label_atom_id 
_struct_site_gen.label_alt_id 
_struct_site_gen.symmetry 
_struct_site_gen.details 
1  AC1 12 ILE A 5   ? ILE A 5   . ? 1_555 ? 
2  AC1 12 ALA A 6   ? ALA A 6   . ? 1_555 ? 
3  AC1 12 ALA A 7   ? ALA A 7   . ? 1_555 ? 
4  AC1 12 ASP A 27  ? ASP A 27  . ? 1_555 ? 
5  AC1 12 PHE A 31  ? PHE A 31  . ? 1_555 ? 
6  AC1 12 LYS A 32  ? LYS A 32  . ? 1_555 ? 
7  AC1 12 ILE A 50  ? ILE A 50  . ? 1_555 ? 
8  AC1 12 ARG A 52  ? ARG A 52  . ? 1_555 ? 
9  AC1 12 ARG A 57  ? ARG A 57  . ? 1_555 ? 
10 AC1 12 ILE A 94  ? ILE A 94  . ? 1_555 ? 
11 AC1 12 THR A 113 ? THR A 113 . ? 1_555 ? 
12 AC1 12 HOH C .   ? HOH A 300 . ? 1_555 ? 
# 
loop_
_pdbx_validate_rmsd_bond.id 
_pdbx_validate_rmsd_bond.PDB_model_num 
_pdbx_validate_rmsd_bond.auth_atom_id_1 
_pdbx_validate_rmsd_bond.auth_asym_id_1 
_pdbx_validate_rmsd_bond.auth_comp_id_1 
_pdbx_validate_rmsd_bond.auth_seq_id_1 
_pdbx_validate_rmsd_bond.PDB_ins_code_1 
_pdbx_validate_rmsd_bond.label_alt_id_1 
_pdbx_validate_rmsd_bond.auth_atom_id_2 
_pdbx_validate_rmsd_bond.auth_asym_id_2 
_pdbx_validate_rmsd_bond.auth_comp_id_2 
_pdbx_validate_rmsd_bond.auth_seq_id_2 
_pdbx_validate_rmsd_bond.PDB_ins_code_2 
_pdbx_validate_rmsd_bond.label_alt_id_2 
_pdbx_validate_rmsd_bond.bond_value 
_pdbx_validate_rmsd_bond.bond_target_value 
_pdbx_validate_rmsd_bond.bond_deviation 
_pdbx_validate_rmsd_bond.bond_standard_deviation 
_pdbx_validate_rmsd_bond.linker_flag 
1 1 CD A GLU 80  ? ? OE1 A GLU 80  ? ? 1.322 1.252 0.070 0.011 N 
2 1 CD A GLU 101 ? ? OE2 A GLU 101 ? ? 1.329 1.252 0.077 0.011 N 
3 1 CD A GLU 120 ? ? OE2 A GLU 120 ? ? 1.329 1.252 0.077 0.011 N 
4 1 CD A GLU 139 ? ? OE1 A GLU 139 ? ? 1.325 1.252 0.073 0.011 N 
5 1 CD A GLU 154 ? ? OE1 A GLU 154 ? ? 1.338 1.252 0.086 0.011 N 
# 
loop_
_pdbx_validate_rmsd_angle.id 
_pdbx_validate_rmsd_angle.PDB_model_num 
_pdbx_validate_rmsd_angle.auth_atom_id_1 
_pdbx_validate_rmsd_angle.auth_asym_id_1 
_pdbx_validate_rmsd_angle.auth_comp_id_1 
_pdbx_validate_rmsd_angle.auth_seq_id_1 
_pdbx_validate_rmsd_angle.PDB_ins_code_1 
_pdbx_validate_rmsd_angle.label_alt_id_1 
_pdbx_validate_rmsd_angle.auth_atom_id_2 
_pdbx_validate_rmsd_angle.auth_asym_id_2 
_pdbx_validate_rmsd_angle.auth_comp_id_2 
_pdbx_validate_rmsd_angle.auth_seq_id_2 
_pdbx_validate_rmsd_angle.PDB_ins_code_2 
_pdbx_validate_rmsd_angle.label_alt_id_2 
_pdbx_validate_rmsd_angle.auth_atom_id_3 
_pdbx_validate_rmsd_angle.auth_asym_id_3 
_pdbx_validate_rmsd_angle.auth_comp_id_3 
_pdbx_validate_rmsd_angle.auth_seq_id_3 
_pdbx_validate_rmsd_angle.PDB_ins_code_3 
_pdbx_validate_rmsd_angle.label_alt_id_3 
_pdbx_validate_rmsd_angle.angle_value 
_pdbx_validate_rmsd_angle.angle_target_value 
_pdbx_validate_rmsd_angle.angle_deviation 
_pdbx_validate_rmsd_angle.angle_standard_deviation 
_pdbx_validate_rmsd_angle.linker_flag 
1  1 N  A ALA 6   ? ? CA A ALA 6   ? ? CB  A ALA 6   ? ? 100.71 110.10 -9.39  1.40 N 
2  1 CB A ASP 11  ? ? CG A ASP 11  ? ? OD1 A ASP 11  ? ? 124.40 118.30 6.10   0.90 N 
3  1 CB A ASP 11  ? ? CG A ASP 11  ? ? OD2 A ASP 11  ? ? 109.14 118.30 -9.16  0.90 N 
4  1 NE A ARG 12  ? ? CZ A ARG 12  ? ? NH1 A ARG 12  ? ? 124.25 120.30 3.95   0.50 N 
5  1 C  A MET 20  ? ? N  A PRO 21  ? ? CA  A PRO 21  ? ? 130.86 119.30 11.56  1.50 Y 
6  1 C  A MET 20  ? ? N  A PRO 21  ? ? CD  A PRO 21  ? ? 111.76 128.40 -16.64 2.10 Y 
7  1 NE A ARG 33  ? ? CZ A ARG 33  ? ? NH1 A ARG 33  ? ? 124.03 120.30 3.73   0.50 N 
8  1 NE A ARG 57  ? ? CZ A ARG 57  ? ? NH1 A ARG 57  ? ? 124.81 120.30 4.51   0.50 N 
9  1 CB A ASP 69  ? ? CG A ASP 69  ? ? OD1 A ASP 69  ? ? 126.05 118.30 7.75   0.90 N 
10 1 CB A ASP 69  ? ? CG A ASP 69  ? ? OD2 A ASP 69  ? ? 112.49 118.30 -5.81  0.90 N 
11 1 CB A ASP 70  ? ? CG A ASP 70  ? ? OD1 A ASP 70  ? ? 123.78 118.30 5.48   0.90 N 
12 1 CB A ASP 70  ? ? CG A ASP 70  ? ? OD2 A ASP 70  ? ? 112.30 118.30 -6.00  0.90 N 
13 1 NE A ARG 71  ? ? CZ A ARG 71  ? ? NH1 A ARG 71  ? ? 124.37 120.30 4.07   0.50 N 
14 1 NE A ARG 71  ? ? CZ A ARG 71  ? ? NH2 A ARG 71  ? ? 114.92 120.30 -5.38  0.50 N 
15 1 CB A ASP 87  ? ? CG A ASP 87  ? ? OD1 A ASP 87  ? ? 111.23 118.30 -7.07  0.90 N 
16 1 CB A ASP 87  ? ? CG A ASP 87  ? ? OD2 A ASP 87  ? ? 123.71 118.30 5.41   0.90 N 
17 1 CA A VAL 99  ? ? CB A VAL 99  ? ? CG2 A VAL 99  ? ? 100.28 110.90 -10.62 1.50 N 
18 1 N  A ASP 122 ? ? CA A ASP 122 ? ? CB  A ASP 122 ? ? 96.67  110.60 -13.93 1.80 N 
19 1 CB A ASP 122 ? ? CG A ASP 122 ? ? OD2 A ASP 122 ? ? 111.93 118.30 -6.37  0.90 N 
20 1 CB A ASP 132 ? ? CG A ASP 132 ? ? OD1 A ASP 132 ? ? 125.19 118.30 6.89   0.90 N 
21 1 CB A ASP 132 ? ? CG A ASP 132 ? ? OD2 A ASP 132 ? ? 109.51 118.30 -8.79  0.90 N 
22 1 CB A ASP 144 ? ? CG A ASP 144 ? ? OD2 A ASP 144 ? ? 111.61 118.30 -6.69  0.90 N 
# 
loop_
_pdbx_validate_torsion.id 
_pdbx_validate_torsion.PDB_model_num 
_pdbx_validate_torsion.auth_comp_id 
_pdbx_validate_torsion.auth_asym_id 
_pdbx_validate_torsion.auth_seq_id 
_pdbx_validate_torsion.PDB_ins_code 
_pdbx_validate_torsion.label_alt_id 
_pdbx_validate_torsion.phi 
_pdbx_validate_torsion.psi 
1 1 ARG A 12  ? ? 55.34   10.09  
2 1 MET A 20  ? ? -40.96  85.09  
3 1 ASP A 69  ? ? -166.42 114.11 
4 1 PRO A 105 ? ? -58.73  -6.91  
5 1 ASP A 116 ? ? -66.80  81.70  
6 1 ASP A 122 ? ? -69.18  -71.32 
7 1 GLU A 139 ? ? -170.05 114.31 
# 
loop_
_chem_comp_atom.comp_id 
_chem_comp_atom.atom_id 
_chem_comp_atom.type_symbol 
_chem_comp_atom.pdbx_aromatic_flag 
_chem_comp_atom.pdbx_stereo_config 
_chem_comp_atom.pdbx_ordinal 
ALA N    N N N 1   
ALA CA   C N S 2   
ALA C    C N N 3   
ALA O    O N N 4   
ALA CB   C N N 5   
ALA OXT  O N N 6   
ALA H    H N N 7   
ALA H2   H N N 8   
ALA HA   H N N 9   
ALA HB1  H N N 10  
ALA HB2  H N N 11  
ALA HB3  H N N 12  
ALA HXT  H N N 13  
ARG N    N N N 14  
ARG CA   C N S 15  
ARG C    C N N 16  
ARG O    O N N 17  
ARG CB   C N N 18  
ARG CG   C N N 19  
ARG CD   C N N 20  
ARG NE   N N N 21  
ARG CZ   C N N 22  
ARG NH1  N N N 23  
ARG NH2  N N N 24  
ARG OXT  O N N 25  
ARG H    H N N 26  
ARG H2   H N N 27  
ARG HA   H N N 28  
ARG HB2  H N N 29  
ARG HB3  H N N 30  
ARG HG2  H N N 31  
ARG HG3  H N N 32  
ARG HD2  H N N 33  
ARG HD3  H N N 34  
ARG HE   H N N 35  
ARG HH11 H N N 36  
ARG HH12 H N N 37  
ARG HH21 H N N 38  
ARG HH22 H N N 39  
ARG HXT  H N N 40  
ASN N    N N N 41  
ASN CA   C N S 42  
ASN C    C N N 43  
ASN O    O N N 44  
ASN CB   C N N 45  
ASN CG   C N N 46  
ASN OD1  O N N 47  
ASN ND2  N N N 48  
ASN OXT  O N N 49  
ASN H    H N N 50  
ASN H2   H N N 51  
ASN HA   H N N 52  
ASN HB2  H N N 53  
ASN HB3  H N N 54  
ASN HD21 H N N 55  
ASN HD22 H N N 56  
ASN HXT  H N N 57  
ASP N    N N N 58  
ASP CA   C N S 59  
ASP C    C N N 60  
ASP O    O N N 61  
ASP CB   C N N 62  
ASP CG   C N N 63  
ASP OD1  O N N 64  
ASP OD2  O N N 65  
ASP OXT  O N N 66  
ASP H    H N N 67  
ASP H2   H N N 68  
ASP HA   H N N 69  
ASP HB2  H N N 70  
ASP HB3  H N N 71  
ASP HD2  H N N 72  
ASP HXT  H N N 73  
CYS N    N N N 74  
CYS CA   C N R 75  
CYS C    C N N 76  
CYS O    O N N 77  
CYS CB   C N N 78  
CYS SG   S N N 79  
CYS OXT  O N N 80  
CYS H    H N N 81  
CYS H2   H N N 82  
CYS HA   H N N 83  
CYS HB2  H N N 84  
CYS HB3  H N N 85  
CYS HG   H N N 86  
CYS HXT  H N N 87  
FOL N1   N Y N 88  
FOL C2   C Y N 89  
FOL NA2  N N N 90  
FOL N3   N Y N 91  
FOL C4   C Y N 92  
FOL O4   O N N 93  
FOL C4A  C Y N 94  
FOL N5   N Y N 95  
FOL C6   C Y N 96  
FOL C7   C Y N 97  
FOL N8   N Y N 98  
FOL C8A  C Y N 99  
FOL C9   C N N 100 
FOL N10  N N N 101 
FOL C11  C Y N 102 
FOL C12  C Y N 103 
FOL C13  C Y N 104 
FOL C14  C Y N 105 
FOL C15  C Y N 106 
FOL C16  C Y N 107 
FOL C    C N N 108 
FOL O    O N N 109 
FOL N    N N N 110 
FOL CA   C N S 111 
FOL CB   C N N 112 
FOL CG   C N N 113 
FOL CD   C N N 114 
FOL OE1  O N N 115 
FOL OE2  O N N 116 
FOL CT   C N N 117 
FOL O1   O N N 118 
FOL O2   O N N 119 
FOL HN1  H N N 120 
FOL HN21 H N N 121 
FOL HN22 H N N 122 
FOL H7   H N N 123 
FOL H91  H N N 124 
FOL H92  H N N 125 
FOL HN0  H N N 126 
FOL H12  H N N 127 
FOL H13  H N N 128 
FOL H15  H N N 129 
FOL H16  H N N 130 
FOL HN   H N N 131 
FOL HA   H N N 132 
FOL HB1  H N N 133 
FOL HB2  H N N 134 
FOL HG1  H N N 135 
FOL HG2  H N N 136 
FOL HOE2 H N N 137 
FOL HO2  H N N 138 
GLN N    N N N 139 
GLN CA   C N S 140 
GLN C    C N N 141 
GLN O    O N N 142 
GLN CB   C N N 143 
GLN CG   C N N 144 
GLN CD   C N N 145 
GLN OE1  O N N 146 
GLN NE2  N N N 147 
GLN OXT  O N N 148 
GLN H    H N N 149 
GLN H2   H N N 150 
GLN HA   H N N 151 
GLN HB2  H N N 152 
GLN HB3  H N N 153 
GLN HG2  H N N 154 
GLN HG3  H N N 155 
GLN HE21 H N N 156 
GLN HE22 H N N 157 
GLN HXT  H N N 158 
GLU N    N N N 159 
GLU CA   C N S 160 
GLU C    C N N 161 
GLU O    O N N 162 
GLU CB   C N N 163 
GLU CG   C N N 164 
GLU CD   C N N 165 
GLU OE1  O N N 166 
GLU OE2  O N N 167 
GLU OXT  O N N 168 
GLU H    H N N 169 
GLU H2   H N N 170 
GLU HA   H N N 171 
GLU HB2  H N N 172 
GLU HB3  H N N 173 
GLU HG2  H N N 174 
GLU HG3  H N N 175 
GLU HE2  H N N 176 
GLU HXT  H N N 177 
GLY N    N N N 178 
GLY CA   C N N 179 
GLY C    C N N 180 
GLY O    O N N 181 
GLY OXT  O N N 182 
GLY H    H N N 183 
GLY H2   H N N 184 
GLY HA2  H N N 185 
GLY HA3  H N N 186 
GLY HXT  H N N 187 
HIS N    N N N 188 
HIS CA   C N S 189 
HIS C    C N N 190 
HIS O    O N N 191 
HIS CB   C N N 192 
HIS CG   C Y N 193 
HIS ND1  N Y N 194 
HIS CD2  C Y N 195 
HIS CE1  C Y N 196 
HIS NE2  N Y N 197 
HIS OXT  O N N 198 
HIS H    H N N 199 
HIS H2   H N N 200 
HIS HA   H N N 201 
HIS HB2  H N N 202 
HIS HB3  H N N 203 
HIS HD1  H N N 204 
HIS HD2  H N N 205 
HIS HE1  H N N 206 
HIS HE2  H N N 207 
HIS HXT  H N N 208 
HOH O    O N N 209 
HOH H1   H N N 210 
HOH H2   H N N 211 
ILE N    N N N 212 
ILE CA   C N S 213 
ILE C    C N N 214 
ILE O    O N N 215 
ILE CB   C N S 216 
ILE CG1  C N N 217 
ILE CG2  C N N 218 
ILE CD1  C N N 219 
ILE OXT  O N N 220 
ILE H    H N N 221 
ILE H2   H N N 222 
ILE HA   H N N 223 
ILE HB   H N N 224 
ILE HG12 H N N 225 
ILE HG13 H N N 226 
ILE HG21 H N N 227 
ILE HG22 H N N 228 
ILE HG23 H N N 229 
ILE HD11 H N N 230 
ILE HD12 H N N 231 
ILE HD13 H N N 232 
ILE HXT  H N N 233 
LEU N    N N N 234 
LEU CA   C N S 235 
LEU C    C N N 236 
LEU O    O N N 237 
LEU CB   C N N 238 
LEU CG   C N N 239 
LEU CD1  C N N 240 
LEU CD2  C N N 241 
LEU OXT  O N N 242 
LEU H    H N N 243 
LEU H2   H N N 244 
LEU HA   H N N 245 
LEU HB2  H N N 246 
LEU HB3  H N N 247 
LEU HG   H N N 248 
LEU HD11 H N N 249 
LEU HD12 H N N 250 
LEU HD13 H N N 251 
LEU HD21 H N N 252 
LEU HD22 H N N 253 
LEU HD23 H N N 254 
LEU HXT  H N N 255 
LYS N    N N N 256 
LYS CA   C N S 257 
LYS C    C N N 258 
LYS O    O N N 259 
LYS CB   C N N 260 
LYS CG   C N N 261 
LYS CD   C N N 262 
LYS CE   C N N 263 
LYS NZ   N N N 264 
LYS OXT  O N N 265 
LYS H    H N N 266 
LYS H2   H N N 267 
LYS HA   H N N 268 
LYS HB2  H N N 269 
LYS HB3  H N N 270 
LYS HG2  H N N 271 
LYS HG3  H N N 272 
LYS HD2  H N N 273 
LYS HD3  H N N 274 
LYS HE2  H N N 275 
LYS HE3  H N N 276 
LYS HZ1  H N N 277 
LYS HZ2  H N N 278 
LYS HZ3  H N N 279 
LYS HXT  H N N 280 
MET N    N N N 281 
MET CA   C N S 282 
MET C    C N N 283 
MET O    O N N 284 
MET CB   C N N 285 
MET CG   C N N 286 
MET SD   S N N 287 
MET CE   C N N 288 
MET OXT  O N N 289 
MET H    H N N 290 
MET H2   H N N 291 
MET HA   H N N 292 
MET HB2  H N N 293 
MET HB3  H N N 294 
MET HG2  H N N 295 
MET HG3  H N N 296 
MET HE1  H N N 297 
MET HE2  H N N 298 
MET HE3  H N N 299 
MET HXT  H N N 300 
PHE N    N N N 301 
PHE CA   C N S 302 
PHE C    C N N 303 
PHE O    O N N 304 
PHE CB   C N N 305 
PHE CG   C Y N 306 
PHE CD1  C Y N 307 
PHE CD2  C Y N 308 
PHE CE1  C Y N 309 
PHE CE2  C Y N 310 
PHE CZ   C Y N 311 
PHE OXT  O N N 312 
PHE H    H N N 313 
PHE H2   H N N 314 
PHE HA   H N N 315 
PHE HB2  H N N 316 
PHE HB3  H N N 317 
PHE HD1  H N N 318 
PHE HD2  H N N 319 
PHE HE1  H N N 320 
PHE HE2  H N N 321 
PHE HZ   H N N 322 
PHE HXT  H N N 323 
PRO N    N N N 324 
PRO CA   C N S 325 
PRO C    C N N 326 
PRO O    O N N 327 
PRO CB   C N N 328 
PRO CG   C N N 329 
PRO CD   C N N 330 
PRO OXT  O N N 331 
PRO H    H N N 332 
PRO HA   H N N 333 
PRO HB2  H N N 334 
PRO HB3  H N N 335 
PRO HG2  H N N 336 
PRO HG3  H N N 337 
PRO HD2  H N N 338 
PRO HD3  H N N 339 
PRO HXT  H N N 340 
SER N    N N N 341 
SER CA   C N S 342 
SER C    C N N 343 
SER O    O N N 344 
SER CB   C N N 345 
SER OG   O N N 346 
SER OXT  O N N 347 
SER H    H N N 348 
SER H2   H N N 349 
SER HA   H N N 350 
SER HB2  H N N 351 
SER HB3  H N N 352 
SER HG   H N N 353 
SER HXT  H N N 354 
THR N    N N N 355 
THR CA   C N S 356 
THR C    C N N 357 
THR O    O N N 358 
THR CB   C N R 359 
THR OG1  O N N 360 
THR CG2  C N N 361 
THR OXT  O N N 362 
THR H    H N N 363 
THR H2   H N N 364 
THR HA   H N N 365 
THR HB   H N N 366 
THR HG1  H N N 367 
THR HG21 H N N 368 
THR HG22 H N N 369 
THR HG23 H N N 370 
THR HXT  H N N 371 
TRP N    N N N 372 
TRP CA   C N S 373 
TRP C    C N N 374 
TRP O    O N N 375 
TRP CB   C N N 376 
TRP CG   C Y N 377 
TRP CD1  C Y N 378 
TRP CD2  C Y N 379 
TRP NE1  N Y N 380 
TRP CE2  C Y N 381 
TRP CE3  C Y N 382 
TRP CZ2  C Y N 383 
TRP CZ3  C Y N 384 
TRP CH2  C Y N 385 
TRP OXT  O N N 386 
TRP H    H N N 387 
TRP H2   H N N 388 
TRP HA   H N N 389 
TRP HB2  H N N 390 
TRP HB3  H N N 391 
TRP HD1  H N N 392 
TRP HE1  H N N 393 
TRP HE3  H N N 394 
TRP HZ2  H N N 395 
TRP HZ3  H N N 396 
TRP HH2  H N N 397 
TRP HXT  H N N 398 
TYR N    N N N 399 
TYR CA   C N S 400 
TYR C    C N N 401 
TYR O    O N N 402 
TYR CB   C N N 403 
TYR CG   C Y N 404 
TYR CD1  C Y N 405 
TYR CD2  C Y N 406 
TYR CE1  C Y N 407 
TYR CE2  C Y N 408 
TYR CZ   C Y N 409 
TYR OH   O N N 410 
TYR OXT  O N N 411 
TYR H    H N N 412 
TYR H2   H N N 413 
TYR HA   H N N 414 
TYR HB2  H N N 415 
TYR HB3  H N N 416 
TYR HD1  H N N 417 
TYR HD2  H N N 418 
TYR HE1  H N N 419 
TYR HE2  H N N 420 
TYR HH   H N N 421 
TYR HXT  H N N 422 
VAL N    N N N 423 
VAL CA   C N S 424 
VAL C    C N N 425 
VAL O    O N N 426 
VAL CB   C N N 427 
VAL CG1  C N N 428 
VAL CG2  C N N 429 
VAL OXT  O N N 430 
VAL H    H N N 431 
VAL H2   H N N 432 
VAL HA   H N N 433 
VAL HB   H N N 434 
VAL HG11 H N N 435 
VAL HG12 H N N 436 
VAL HG13 H N N 437 
VAL HG21 H N N 438 
VAL HG22 H N N 439 
VAL HG23 H N N 440 
VAL HXT  H N N 441 
# 
loop_
_chem_comp_bond.comp_id 
_chem_comp_bond.atom_id_1 
_chem_comp_bond.atom_id_2 
_chem_comp_bond.value_order 
_chem_comp_bond.pdbx_aromatic_flag 
_chem_comp_bond.pdbx_stereo_config 
_chem_comp_bond.pdbx_ordinal 
ALA N   CA   sing N N 1   
ALA N   H    sing N N 2   
ALA N   H2   sing N N 3   
ALA CA  C    sing N N 4   
ALA CA  CB   sing N N 5   
ALA CA  HA   sing N N 6   
ALA C   O    doub N N 7   
ALA C   OXT  sing N N 8   
ALA CB  HB1  sing N N 9   
ALA CB  HB2  sing N N 10  
ALA CB  HB3  sing N N 11  
ALA OXT HXT  sing N N 12  
ARG N   CA   sing N N 13  
ARG N   H    sing N N 14  
ARG N   H2   sing N N 15  
ARG CA  C    sing N N 16  
ARG CA  CB   sing N N 17  
ARG CA  HA   sing N N 18  
ARG C   O    doub N N 19  
ARG C   OXT  sing N N 20  
ARG CB  CG   sing N N 21  
ARG CB  HB2  sing N N 22  
ARG CB  HB3  sing N N 23  
ARG CG  CD   sing N N 24  
ARG CG  HG2  sing N N 25  
ARG CG  HG3  sing N N 26  
ARG CD  NE   sing N N 27  
ARG CD  HD2  sing N N 28  
ARG CD  HD3  sing N N 29  
ARG NE  CZ   sing N N 30  
ARG NE  HE   sing N N 31  
ARG CZ  NH1  sing N N 32  
ARG CZ  NH2  doub N N 33  
ARG NH1 HH11 sing N N 34  
ARG NH1 HH12 sing N N 35  
ARG NH2 HH21 sing N N 36  
ARG NH2 HH22 sing N N 37  
ARG OXT HXT  sing N N 38  
ASN N   CA   sing N N 39  
ASN N   H    sing N N 40  
ASN N   H2   sing N N 41  
ASN CA  C    sing N N 42  
ASN CA  CB   sing N N 43  
ASN CA  HA   sing N N 44  
ASN C   O    doub N N 45  
ASN C   OXT  sing N N 46  
ASN CB  CG   sing N N 47  
ASN CB  HB2  sing N N 48  
ASN CB  HB3  sing N N 49  
ASN CG  OD1  doub N N 50  
ASN CG  ND2  sing N N 51  
ASN ND2 HD21 sing N N 52  
ASN ND2 HD22 sing N N 53  
ASN OXT HXT  sing N N 54  
ASP N   CA   sing N N 55  
ASP N   H    sing N N 56  
ASP N   H2   sing N N 57  
ASP CA  C    sing N N 58  
ASP CA  CB   sing N N 59  
ASP CA  HA   sing N N 60  
ASP C   O    doub N N 61  
ASP C   OXT  sing N N 62  
ASP CB  CG   sing N N 63  
ASP CB  HB2  sing N N 64  
ASP CB  HB3  sing N N 65  
ASP CG  OD1  doub N N 66  
ASP CG  OD2  sing N N 67  
ASP OD2 HD2  sing N N 68  
ASP OXT HXT  sing N N 69  
CYS N   CA   sing N N 70  
CYS N   H    sing N N 71  
CYS N   H2   sing N N 72  
CYS CA  C    sing N N 73  
CYS CA  CB   sing N N 74  
CYS CA  HA   sing N N 75  
CYS C   O    doub N N 76  
CYS C   OXT  sing N N 77  
CYS CB  SG   sing N N 78  
CYS CB  HB2  sing N N 79  
CYS CB  HB3  sing N N 80  
CYS SG  HG   sing N N 81  
CYS OXT HXT  sing N N 82  
FOL N1  C2   sing Y N 83  
FOL N1  C8A  sing Y N 84  
FOL N1  HN1  sing N N 85  
FOL C2  NA2  sing N N 86  
FOL C2  N3   doub Y N 87  
FOL NA2 HN21 sing N N 88  
FOL NA2 HN22 sing N N 89  
FOL N3  C4   sing Y N 90  
FOL C4  O4   doub N N 91  
FOL C4  C4A  sing Y N 92  
FOL C4A N5   sing Y N 93  
FOL C4A C8A  doub Y N 94  
FOL N5  C6   doub Y N 95  
FOL C6  C7   sing Y N 96  
FOL C6  C9   sing N N 97  
FOL C7  N8   doub Y N 98  
FOL C7  H7   sing N N 99  
FOL N8  C8A  sing Y N 100 
FOL C9  N10  sing N N 101 
FOL C9  H91  sing N N 102 
FOL C9  H92  sing N N 103 
FOL N10 C14  sing N N 104 
FOL N10 HN0  sing N N 105 
FOL C11 C12  doub Y N 106 
FOL C11 C16  sing Y N 107 
FOL C11 C    sing N N 108 
FOL C12 C13  sing Y N 109 
FOL C12 H12  sing N N 110 
FOL C13 C14  doub Y N 111 
FOL C13 H13  sing N N 112 
FOL C14 C15  sing Y N 113 
FOL C15 C16  doub Y N 114 
FOL C15 H15  sing N N 115 
FOL C16 H16  sing N N 116 
FOL C   O    doub N N 117 
FOL C   N    sing N N 118 
FOL N   CA   sing N N 119 
FOL N   HN   sing N N 120 
FOL CA  CB   sing N N 121 
FOL CA  CT   sing N N 122 
FOL CA  HA   sing N N 123 
FOL CB  CG   sing N N 124 
FOL CB  HB1  sing N N 125 
FOL CB  HB2  sing N N 126 
FOL CG  CD   sing N N 127 
FOL CG  HG1  sing N N 128 
FOL CG  HG2  sing N N 129 
FOL CD  OE1  doub N N 130 
FOL CD  OE2  sing N N 131 
FOL OE2 HOE2 sing N N 132 
FOL CT  O1   doub N N 133 
FOL CT  O2   sing N N 134 
FOL O2  HO2  sing N N 135 
GLN N   CA   sing N N 136 
GLN N   H    sing N N 137 
GLN N   H2   sing N N 138 
GLN CA  C    sing N N 139 
GLN CA  CB   sing N N 140 
GLN CA  HA   sing N N 141 
GLN C   O    doub N N 142 
GLN C   OXT  sing N N 143 
GLN CB  CG   sing N N 144 
GLN CB  HB2  sing N N 145 
GLN CB  HB3  sing N N 146 
GLN CG  CD   sing N N 147 
GLN CG  HG2  sing N N 148 
GLN CG  HG3  sing N N 149 
GLN CD  OE1  doub N N 150 
GLN CD  NE2  sing N N 151 
GLN NE2 HE21 sing N N 152 
GLN NE2 HE22 sing N N 153 
GLN OXT HXT  sing N N 154 
GLU N   CA   sing N N 155 
GLU N   H    sing N N 156 
GLU N   H2   sing N N 157 
GLU CA  C    sing N N 158 
GLU CA  CB   sing N N 159 
GLU CA  HA   sing N N 160 
GLU C   O    doub N N 161 
GLU C   OXT  sing N N 162 
GLU CB  CG   sing N N 163 
GLU CB  HB2  sing N N 164 
GLU CB  HB3  sing N N 165 
GLU CG  CD   sing N N 166 
GLU CG  HG2  sing N N 167 
GLU CG  HG3  sing N N 168 
GLU CD  OE1  doub N N 169 
GLU CD  OE2  sing N N 170 
GLU OE2 HE2  sing N N 171 
GLU OXT HXT  sing N N 172 
GLY N   CA   sing N N 173 
GLY N   H    sing N N 174 
GLY N   H2   sing N N 175 
GLY CA  C    sing N N 176 
GLY CA  HA2  sing N N 177 
GLY CA  HA3  sing N N 178 
GLY C   O    doub N N 179 
GLY C   OXT  sing N N 180 
GLY OXT HXT  sing N N 181 
HIS N   CA   sing N N 182 
HIS N   H    sing N N 183 
HIS N   H2   sing N N 184 
HIS CA  C    sing N N 185 
HIS CA  CB   sing N N 186 
HIS CA  HA   sing N N 187 
HIS C   O    doub N N 188 
HIS C   OXT  sing N N 189 
HIS CB  CG   sing N N 190 
HIS CB  HB2  sing N N 191 
HIS CB  HB3  sing N N 192 
HIS CG  ND1  sing Y N 193 
HIS CG  CD2  doub Y N 194 
HIS ND1 CE1  doub Y N 195 
HIS ND1 HD1  sing N N 196 
HIS CD2 NE2  sing Y N 197 
HIS CD2 HD2  sing N N 198 
HIS CE1 NE2  sing Y N 199 
HIS CE1 HE1  sing N N 200 
HIS NE2 HE2  sing N N 201 
HIS OXT HXT  sing N N 202 
HOH O   H1   sing N N 203 
HOH O   H2   sing N N 204 
ILE N   CA   sing N N 205 
ILE N   H    sing N N 206 
ILE N   H2   sing N N 207 
ILE CA  C    sing N N 208 
ILE CA  CB   sing N N 209 
ILE CA  HA   sing N N 210 
ILE C   O    doub N N 211 
ILE C   OXT  sing N N 212 
ILE CB  CG1  sing N N 213 
ILE CB  CG2  sing N N 214 
ILE CB  HB   sing N N 215 
ILE CG1 CD1  sing N N 216 
ILE CG1 HG12 sing N N 217 
ILE CG1 HG13 sing N N 218 
ILE CG2 HG21 sing N N 219 
ILE CG2 HG22 sing N N 220 
ILE CG2 HG23 sing N N 221 
ILE CD1 HD11 sing N N 222 
ILE CD1 HD12 sing N N 223 
ILE CD1 HD13 sing N N 224 
ILE OXT HXT  sing N N 225 
LEU N   CA   sing N N 226 
LEU N   H    sing N N 227 
LEU N   H2   sing N N 228 
LEU CA  C    sing N N 229 
LEU CA  CB   sing N N 230 
LEU CA  HA   sing N N 231 
LEU C   O    doub N N 232 
LEU C   OXT  sing N N 233 
LEU CB  CG   sing N N 234 
LEU CB  HB2  sing N N 235 
LEU CB  HB3  sing N N 236 
LEU CG  CD1  sing N N 237 
LEU CG  CD2  sing N N 238 
LEU CG  HG   sing N N 239 
LEU CD1 HD11 sing N N 240 
LEU CD1 HD12 sing N N 241 
LEU CD1 HD13 sing N N 242 
LEU CD2 HD21 sing N N 243 
LEU CD2 HD22 sing N N 244 
LEU CD2 HD23 sing N N 245 
LEU OXT HXT  sing N N 246 
LYS N   CA   sing N N 247 
LYS N   H    sing N N 248 
LYS N   H2   sing N N 249 
LYS CA  C    sing N N 250 
LYS CA  CB   sing N N 251 
LYS CA  HA   sing N N 252 
LYS C   O    doub N N 253 
LYS C   OXT  sing N N 254 
LYS CB  CG   sing N N 255 
LYS CB  HB2  sing N N 256 
LYS CB  HB3  sing N N 257 
LYS CG  CD   sing N N 258 
LYS CG  HG2  sing N N 259 
LYS CG  HG3  sing N N 260 
LYS CD  CE   sing N N 261 
LYS CD  HD2  sing N N 262 
LYS CD  HD3  sing N N 263 
LYS CE  NZ   sing N N 264 
LYS CE  HE2  sing N N 265 
LYS CE  HE3  sing N N 266 
LYS NZ  HZ1  sing N N 267 
LYS NZ  HZ2  sing N N 268 
LYS NZ  HZ3  sing N N 269 
LYS OXT HXT  sing N N 270 
MET N   CA   sing N N 271 
MET N   H    sing N N 272 
MET N   H2   sing N N 273 
MET CA  C    sing N N 274 
MET CA  CB   sing N N 275 
MET CA  HA   sing N N 276 
MET C   O    doub N N 277 
MET C   OXT  sing N N 278 
MET CB  CG   sing N N 279 
MET CB  HB2  sing N N 280 
MET CB  HB3  sing N N 281 
MET CG  SD   sing N N 282 
MET CG  HG2  sing N N 283 
MET CG  HG3  sing N N 284 
MET SD  CE   sing N N 285 
MET CE  HE1  sing N N 286 
MET CE  HE2  sing N N 287 
MET CE  HE3  sing N N 288 
MET OXT HXT  sing N N 289 
PHE N   CA   sing N N 290 
PHE N   H    sing N N 291 
PHE N   H2   sing N N 292 
PHE CA  C    sing N N 293 
PHE CA  CB   sing N N 294 
PHE CA  HA   sing N N 295 
PHE C   O    doub N N 296 
PHE C   OXT  sing N N 297 
PHE CB  CG   sing N N 298 
PHE CB  HB2  sing N N 299 
PHE CB  HB3  sing N N 300 
PHE CG  CD1  doub Y N 301 
PHE CG  CD2  sing Y N 302 
PHE CD1 CE1  sing Y N 303 
PHE CD1 HD1  sing N N 304 
PHE CD2 CE2  doub Y N 305 
PHE CD2 HD2  sing N N 306 
PHE CE1 CZ   doub Y N 307 
PHE CE1 HE1  sing N N 308 
PHE CE2 CZ   sing Y N 309 
PHE CE2 HE2  sing N N 310 
PHE CZ  HZ   sing N N 311 
PHE OXT HXT  sing N N 312 
PRO N   CA   sing N N 313 
PRO N   CD   sing N N 314 
PRO N   H    sing N N 315 
PRO CA  C    sing N N 316 
PRO CA  CB   sing N N 317 
PRO CA  HA   sing N N 318 
PRO C   O    doub N N 319 
PRO C   OXT  sing N N 320 
PRO CB  CG   sing N N 321 
PRO CB  HB2  sing N N 322 
PRO CB  HB3  sing N N 323 
PRO CG  CD   sing N N 324 
PRO CG  HG2  sing N N 325 
PRO CG  HG3  sing N N 326 
PRO CD  HD2  sing N N 327 
PRO CD  HD3  sing N N 328 
PRO OXT HXT  sing N N 329 
SER N   CA   sing N N 330 
SER N   H    sing N N 331 
SER N   H2   sing N N 332 
SER CA  C    sing N N 333 
SER CA  CB   sing N N 334 
SER CA  HA   sing N N 335 
SER C   O    doub N N 336 
SER C   OXT  sing N N 337 
SER CB  OG   sing N N 338 
SER CB  HB2  sing N N 339 
SER CB  HB3  sing N N 340 
SER OG  HG   sing N N 341 
SER OXT HXT  sing N N 342 
THR N   CA   sing N N 343 
THR N   H    sing N N 344 
THR N   H2   sing N N 345 
THR CA  C    sing N N 346 
THR CA  CB   sing N N 347 
THR CA  HA   sing N N 348 
THR C   O    doub N N 349 
THR C   OXT  sing N N 350 
THR CB  OG1  sing N N 351 
THR CB  CG2  sing N N 352 
THR CB  HB   sing N N 353 
THR OG1 HG1  sing N N 354 
THR CG2 HG21 sing N N 355 
THR CG2 HG22 sing N N 356 
THR CG2 HG23 sing N N 357 
THR OXT HXT  sing N N 358 
TRP N   CA   sing N N 359 
TRP N   H    sing N N 360 
TRP N   H2   sing N N 361 
TRP CA  C    sing N N 362 
TRP CA  CB   sing N N 363 
TRP CA  HA   sing N N 364 
TRP C   O    doub N N 365 
TRP C   OXT  sing N N 366 
TRP CB  CG   sing N N 367 
TRP CB  HB2  sing N N 368 
TRP CB  HB3  sing N N 369 
TRP CG  CD1  doub Y N 370 
TRP CG  CD2  sing Y N 371 
TRP CD1 NE1  sing Y N 372 
TRP CD1 HD1  sing N N 373 
TRP CD2 CE2  doub Y N 374 
TRP CD2 CE3  sing Y N 375 
TRP NE1 CE2  sing Y N 376 
TRP NE1 HE1  sing N N 377 
TRP CE2 CZ2  sing Y N 378 
TRP CE3 CZ3  doub Y N 379 
TRP CE3 HE3  sing N N 380 
TRP CZ2 CH2  doub Y N 381 
TRP CZ2 HZ2  sing N N 382 
TRP CZ3 CH2  sing Y N 383 
TRP CZ3 HZ3  sing N N 384 
TRP CH2 HH2  sing N N 385 
TRP OXT HXT  sing N N 386 
TYR N   CA   sing N N 387 
TYR N   H    sing N N 388 
TYR N   H2   sing N N 389 
TYR CA  C    sing N N 390 
TYR CA  CB   sing N N 391 
TYR CA  HA   sing N N 392 
TYR C   O    doub N N 393 
TYR C   OXT  sing N N 394 
TYR CB  CG   sing N N 395 
TYR CB  HB2  sing N N 396 
TYR CB  HB3  sing N N 397 
TYR CG  CD1  doub Y N 398 
TYR CG  CD2  sing Y N 399 
TYR CD1 CE1  sing Y N 400 
TYR CD1 HD1  sing N N 401 
TYR CD2 CE2  doub Y N 402 
TYR CD2 HD2  sing N N 403 
TYR CE1 CZ   doub Y N 404 
TYR CE1 HE1  sing N N 405 
TYR CE2 CZ   sing Y N 406 
TYR CE2 HE2  sing N N 407 
TYR CZ  OH   sing N N 408 
TYR OH  HH   sing N N 409 
TYR OXT HXT  sing N N 410 
VAL N   CA   sing N N 411 
VAL N   H    sing N N 412 
VAL N   H2   sing N N 413 
VAL CA  C    sing N N 414 
VAL CA  CB   sing N N 415 
VAL CA  HA   sing N N 416 
VAL C   O    doub N N 417 
VAL C   OXT  sing N N 418 
VAL CB  CG1  sing N N 419 
VAL CB  CG2  sing N N 420 
VAL CB  HB   sing N N 421 
VAL CG1 HG11 sing N N 422 
VAL CG1 HG12 sing N N 423 
VAL CG1 HG13 sing N N 424 
VAL CG2 HG21 sing N N 425 
VAL CG2 HG22 sing N N 426 
VAL CG2 HG23 sing N N 427 
VAL OXT HXT  sing N N 428 
# 
_pdbx_initial_refinement_model.id               1 
_pdbx_initial_refinement_model.entity_id_list   ? 
_pdbx_initial_refinement_model.type             'experimental model' 
_pdbx_initial_refinement_model.source_name      PDB 
_pdbx_initial_refinement_model.accession_code   1RA2 
_pdbx_initial_refinement_model.details          'PDB ENTRY 1RA2' 
# 
_atom_sites.entry_id                    1RX7 
_atom_sites.fract_transf_matrix[1][1]   -0.00177425 
_atom_sites.fract_transf_matrix[1][2]   0.01050786 
_atom_sites.fract_transf_matrix[1][3]   0.02651893 
_atom_sites.fract_transf_matrix[2][1]   -0.01798289 
_atom_sites.fract_transf_matrix[2][2]   -0.01226291 
_atom_sites.fract_transf_matrix[2][3]   0.00365591 
_atom_sites.fract_transf_matrix[3][1]   0.00569931 
_atom_sites.fract_transf_matrix[3][2]   -0.00737307 
_atom_sites.fract_transf_matrix[3][3]   0.00330281 
_atom_sites.fract_transf_vector[1]      0.780071 
_atom_sites.fract_transf_vector[2]      0.976335 
_atom_sites.fract_transf_vector[3]      0.128969 
# 
loop_
_atom_type.symbol 
C 
N 
O 
S 
# 
loop_
_atom_site.group_PDB 
_atom_site.id 
_atom_site.type_symbol 
_atom_site.label_atom_id 
_atom_site.label_alt_id 
_atom_site.label_comp_id 
_atom_site.label_asym_id 
_atom_site.label_entity_id 
_atom_site.label_seq_id 
_atom_site.pdbx_PDB_ins_code 
_atom_site.Cartn_x 
_atom_site.Cartn_y 
_atom_site.Cartn_z 
_atom_site.occupancy 
_atom_site.B_iso_or_equiv 
_atom_site.pdbx_formal_charge 
_atom_site.auth_seq_id 
_atom_site.auth_comp_id 
_atom_site.auth_asym_id 
_atom_site.auth_atom_id 
_atom_site.pdbx_PDB_model_num 
ATOM   1    N N   . MET A 1 1   ? 1.134   -2.911  -15.650 1.00 29.48  ? 1   MET A N   1 
ATOM   2    C CA  . MET A 1 1   ? 2.083   -3.243  -14.585 1.00 26.39  ? 1   MET A CA  1 
ATOM   3    C C   . MET A 1 1   ? 1.515   -3.159  -13.133 1.00 15.62  ? 1   MET A C   1 
ATOM   4    O O   . MET A 1 1   ? 0.927   -2.171  -12.718 1.00 14.53  ? 1   MET A O   1 
ATOM   5    C CB  . MET A 1 1   ? 3.340   -2.377  -14.738 1.00 28.89  ? 1   MET A CB  1 
ATOM   6    C CG  . MET A 1 1   ? 4.441   -2.917  -13.863 1.00 37.23  ? 1   MET A CG  1 
ATOM   7    S SD  . MET A 1 1   ? 5.901   -1.866  -13.854 1.00 42.53  ? 1   MET A SD  1 
ATOM   8    C CE  . MET A 1 1   ? 5.085   -0.350  -13.285 1.00 43.57  ? 1   MET A CE  1 
ATOM   9    N N   . ILE A 1 2   ? 1.683   -4.210  -12.339 1.00 18.47  ? 2   ILE A N   1 
ATOM   10   C CA  . ILE A 1 2   ? 1.188   -4.220  -10.975 1.00 21.42  ? 2   ILE A CA  1 
ATOM   11   C C   . ILE A 1 2   ? 2.171   -3.642  -9.905  1.00 29.85  ? 2   ILE A C   1 
ATOM   12   O O   . ILE A 1 2   ? 3.389   -3.906  -9.882  1.00 23.16  ? 2   ILE A O   1 
ATOM   13   C CB  . ILE A 1 2   ? 0.582   -5.572  -10.571 1.00 12.50  ? 2   ILE A CB  1 
ATOM   14   C CG1 . ILE A 1 2   ? -0.791  -5.839  -11.212 1.00 10.72  ? 2   ILE A CG1 1 
ATOM   15   C CG2 . ILE A 1 2   ? 0.430   -5.512  -9.075  1.00 15.60  ? 2   ILE A CG2 1 
ATOM   16   C CD1 . ILE A 1 2   ? -1.219  -7.323  -11.318 1.00 12.75  ? 2   ILE A CD1 1 
ATOM   17   N N   . SER A 1 3   ? 1.648   -2.841  -8.971  1.00 23.21  ? 3   SER A N   1 
ATOM   18   C CA  . SER A 1 3   ? 2.534   -2.287  -7.979  1.00 9.93   ? 3   SER A CA  1 
ATOM   19   C C   . SER A 1 3   ? 2.096   -2.382  -6.526  1.00 12.20  ? 3   SER A C   1 
ATOM   20   O O   . SER A 1 3   ? 0.944   -2.265  -6.126  1.00 12.33  ? 3   SER A O   1 
ATOM   21   C CB  . SER A 1 3   ? 2.753   -0.850  -8.295  1.00 8.15   ? 3   SER A CB  1 
ATOM   22   O OG  . SER A 1 3   ? 3.826   -0.750  -9.181  1.00 14.33  ? 3   SER A OG  1 
ATOM   23   N N   . LEU A 1 4   ? 3.049   -2.602  -5.682  1.00 9.73   ? 4   LEU A N   1 
ATOM   24   C CA  . LEU A 1 4   ? 2.631   -2.667  -4.320  1.00 4.28   ? 4   LEU A CA  1 
ATOM   25   C C   . LEU A 1 4   ? 3.145   -1.457  -3.517  1.00 7.95   ? 4   LEU A C   1 
ATOM   26   O O   . LEU A 1 4   ? 4.238   -0.853  -3.775  1.00 8.65   ? 4   LEU A O   1 
ATOM   27   C CB  . LEU A 1 4   ? 3.026   -4.054  -3.781  1.00 6.75   ? 4   LEU A CB  1 
ATOM   28   C CG  . LEU A 1 4   ? 1.962   -5.166  -3.887  1.00 10.36  ? 4   LEU A CG  1 
ATOM   29   C CD1 . LEU A 1 4   ? 1.608   -5.746  -5.273  1.00 14.65  ? 4   LEU A CD1 1 
ATOM   30   C CD2 . LEU A 1 4   ? 2.292   -6.237  -2.916  1.00 1.36   ? 4   LEU A CD2 1 
ATOM   31   N N   . ILE A 1 5   ? 2.380   -1.053  -2.528  1.00 7.29   ? 5   ILE A N   1 
ATOM   32   C CA  . ILE A 1 5   ? 2.859   0.084   -1.738  1.00 14.79  ? 5   ILE A CA  1 
ATOM   33   C C   . ILE A 1 5   ? 2.452   0.022   -0.302  1.00 14.99  ? 5   ILE A C   1 
ATOM   34   O O   . ILE A 1 5   ? 1.274   -0.183  0.018   1.00 13.10  ? 5   ILE A O   1 
ATOM   35   C CB  . ILE A 1 5   ? 2.423   1.428   -2.244  1.00 18.20  ? 5   ILE A CB  1 
ATOM   36   C CG1 . ILE A 1 5   ? 2.771   2.494   -1.220  1.00 15.44  ? 5   ILE A CG1 1 
ATOM   37   C CG2 . ILE A 1 5   ? 0.926   1.413   -2.514  1.00 21.10  ? 5   ILE A CG2 1 
ATOM   38   C CD1 . ILE A 1 5   ? 3.093   3.795   -1.944  1.00 18.86  ? 5   ILE A CD1 1 
ATOM   39   N N   . ALA A 1 6   ? 3.450   0.241   0.543   1.00 13.02  ? 6   ALA A N   1 
ATOM   40   C CA  . ALA A 1 6   ? 3.231   0.198   1.963   1.00 1.53   ? 6   ALA A CA  1 
ATOM   41   C C   . ALA A 1 6   ? 4.239   0.947   2.842   1.00 8.13   ? 6   ALA A C   1 
ATOM   42   O O   . ALA A 1 6   ? 5.309   1.408   2.390   1.00 6.95   ? 6   ALA A O   1 
ATOM   43   C CB  . ALA A 1 6   ? 3.459   -1.240  2.233   1.00 1.00   ? 6   ALA A CB  1 
ATOM   44   N N   . ALA A 1 7   ? 3.845   1.025   4.133   1.00 5.46   ? 7   ALA A N   1 
ATOM   45   C CA  . ALA A 1 7   ? 4.581   1.638   5.244   1.00 11.17  ? 7   ALA A CA  1 
ATOM   46   C C   . ALA A 1 7   ? 4.803   0.521   6.284   1.00 18.30  ? 7   ALA A C   1 
ATOM   47   O O   . ALA A 1 7   ? 3.877   -0.106  6.807   1.00 10.54  ? 7   ALA A O   1 
ATOM   48   C CB  . ALA A 1 7   ? 3.921   2.889   5.841   1.00 15.21  ? 7   ALA A CB  1 
ATOM   49   N N   . LEU A 1 8   ? 6.065   0.234   6.573   1.00 14.31  ? 8   LEU A N   1 
ATOM   50   C CA  . LEU A 1 8   ? 6.351   -0.820  7.503   1.00 20.75  ? 8   LEU A CA  1 
ATOM   51   C C   . LEU A 1 8   ? 7.164   -0.366  8.667   1.00 25.62  ? 8   LEU A C   1 
ATOM   52   O O   . LEU A 1 8   ? 8.009   0.525   8.585   1.00 31.66  ? 8   LEU A O   1 
ATOM   53   C CB  . LEU A 1 8   ? 7.259   -1.865  6.872   1.00 27.56  ? 8   LEU A CB  1 
ATOM   54   C CG  . LEU A 1 8   ? 6.643   -2.727  5.811   1.00 33.66  ? 8   LEU A CG  1 
ATOM   55   C CD1 . LEU A 1 8   ? 6.519   -1.909  4.532   1.00 36.01  ? 8   LEU A CD1 1 
ATOM   56   C CD2 . LEU A 1 8   ? 7.599   -3.903  5.602   1.00 34.86  ? 8   LEU A CD2 1 
ATOM   57   N N   . ALA A 1 9   ? 6.897   -1.025  9.763   1.00 21.44  ? 9   ALA A N   1 
ATOM   58   C CA  . ALA A 1 9   ? 7.606   -0.719  10.953  1.00 19.08  ? 9   ALA A CA  1 
ATOM   59   C C   . ALA A 1 9   ? 8.630   -1.801  11.109  1.00 27.09  ? 9   ALA A C   1 
ATOM   60   O O   . ALA A 1 9   ? 8.814   -2.621  10.196  1.00 25.60  ? 9   ALA A O   1 
ATOM   61   C CB  . ALA A 1 9   ? 6.617   -0.684  12.104  1.00 13.15  ? 9   ALA A CB  1 
ATOM   62   N N   . VAL A 1 10  ? 9.272   -1.799  12.250  1.00 30.74  ? 10  VAL A N   1 
ATOM   63   C CA  . VAL A 1 10  ? 10.251  -2.810  12.485  1.00 36.72  ? 10  VAL A CA  1 
ATOM   64   C C   . VAL A 1 10  ? 9.709   -4.228  12.259  1.00 30.08  ? 10  VAL A C   1 
ATOM   65   O O   . VAL A 1 10  ? 8.609   -4.635  12.655  1.00 23.48  ? 10  VAL A O   1 
ATOM   66   C CB  . VAL A 1 10  ? 10.958  -2.623  13.800  1.00 32.70  ? 10  VAL A CB  1 
ATOM   67   C CG1 . VAL A 1 10  ? 12.103  -3.591  13.802  1.00 29.72  ? 10  VAL A CG1 1 
ATOM   68   C CG2 . VAL A 1 10  ? 11.443  -1.187  13.858  1.00 29.18  ? 10  VAL A CG2 1 
ATOM   69   N N   . ASP A 1 11  ? 10.503  -4.975  11.551  1.00 21.48  ? 11  ASP A N   1 
ATOM   70   C CA  . ASP A 1 11  ? 10.088  -6.304  11.260  1.00 25.75  ? 11  ASP A CA  1 
ATOM   71   C C   . ASP A 1 11  ? 8.922   -6.491  10.360  1.00 21.86  ? 11  ASP A C   1 
ATOM   72   O O   . ASP A 1 11  ? 8.084   -7.298  10.697  1.00 21.17  ? 11  ASP A O   1 
ATOM   73   C CB  . ASP A 1 11  ? 9.845   -7.145  12.494  1.00 41.40  ? 11  ASP A CB  1 
ATOM   74   C CG  . ASP A 1 11  ? 11.134  -7.649  13.022  1.00 51.42  ? 11  ASP A CG  1 
ATOM   75   O OD1 . ASP A 1 11  ? 12.095  -7.990  12.317  1.00 57.75  ? 11  ASP A OD1 1 
ATOM   76   O OD2 . ASP A 1 11  ? 11.158  -7.490  14.307  1.00 53.11  ? 11  ASP A OD2 1 
ATOM   77   N N   . ARG A 1 12  ? 8.856   -5.794  9.241   1.00 31.38  ? 12  ARG A N   1 
ATOM   78   C CA  . ARG A 1 12  ? 7.732   -5.974  8.318   1.00 36.58  ? 12  ARG A CA  1 
ATOM   79   C C   . ARG A 1 12  ? 6.332   -5.782  8.906   1.00 30.64  ? 12  ARG A C   1 
ATOM   80   O O   . ARG A 1 12  ? 5.334   -6.089  8.256   1.00 33.65  ? 12  ARG A O   1 
ATOM   81   C CB  . ARG A 1 12  ? 7.792   -7.312  7.557   1.00 40.70  ? 12  ARG A CB  1 
ATOM   82   C CG  . ARG A 1 12  ? 8.882   -7.472  6.481   1.00 43.23  ? 12  ARG A CG  1 
ATOM   83   C CD  . ARG A 1 12  ? 8.735   -8.767  5.645   1.00 42.70  ? 12  ARG A CD  1 
ATOM   84   N NE  . ARG A 1 12  ? 9.133   -9.985  6.378   1.00 41.76  ? 12  ARG A NE  1 
ATOM   85   C CZ  . ARG A 1 12  ? 8.358   -10.920 6.973   1.00 43.62  ? 12  ARG A CZ  1 
ATOM   86   N NH1 . ARG A 1 12  ? 7.023   -10.892 6.985   1.00 39.20  ? 12  ARG A NH1 1 
ATOM   87   N NH2 . ARG A 1 12  ? 8.969   -11.944 7.587   1.00 50.41  ? 12  ARG A NH2 1 
ATOM   88   N N   . VAL A 1 13  ? 6.202   -5.277  10.125  1.00 29.29  ? 13  VAL A N   1 
ATOM   89   C CA  . VAL A 1 13  ? 4.853   -5.102  10.641  1.00 26.20  ? 13  VAL A CA  1 
ATOM   90   C C   . VAL A 1 13  ? 4.066   -3.944  9.997   1.00 25.30  ? 13  VAL A C   1 
ATOM   91   O O   . VAL A 1 13  ? 4.638   -2.870  9.727   1.00 24.12  ? 13  VAL A O   1 
ATOM   92   C CB  . VAL A 1 13  ? 4.868   -4.919  12.134  1.00 28.48  ? 13  VAL A CB  1 
ATOM   93   C CG1 . VAL A 1 13  ? 3.459   -4.514  12.551  1.00 27.90  ? 13  VAL A CG1 1 
ATOM   94   C CG2 . VAL A 1 13  ? 5.267   -6.229  12.804  1.00 27.82  ? 13  VAL A CG2 1 
ATOM   95   N N   . ILE A 1 14  ? 2.743   -4.152  9.766   1.00 23.01  ? 14  ILE A N   1 
ATOM   96   C CA  . ILE A 1 14  ? 1.863   -3.125  9.161   1.00 24.36  ? 14  ILE A CA  1 
ATOM   97   C C   . ILE A 1 14  ? 0.627   -2.740  10.017  1.00 28.30  ? 14  ILE A C   1 
ATOM   98   O O   . ILE A 1 14  ? -0.069  -3.626  10.512  1.00 36.53  ? 14  ILE A O   1 
ATOM   99   C CB  . ILE A 1 14  ? 1.457   -3.538  7.764   1.00 16.55  ? 14  ILE A CB  1 
ATOM   100  C CG1 . ILE A 1 14  ? 1.026   -4.969  7.719   1.00 12.07  ? 14  ILE A CG1 1 
ATOM   101  C CG2 . ILE A 1 14  ? 2.582   -3.340  6.755   1.00 11.86  ? 14  ILE A CG2 1 
ATOM   102  C CD1 . ILE A 1 14  ? 0.518   -5.181  6.299   1.00 17.16  ? 14  ILE A CD1 1 
ATOM   103  N N   . GLY A 1 15  ? 0.297   -1.458  10.236  0.30 29.33  ? 15  GLY A N   1 
ATOM   104  C CA  . GLY A 1 15  ? -0.883  -1.232  11.088  0.30 39.43  ? 15  GLY A CA  1 
ATOM   105  C C   . GLY A 1 15  ? -2.009  -0.302  10.623  0.30 48.12  ? 15  GLY A C   1 
ATOM   106  O O   . GLY A 1 15  ? -1.950  0.300   9.561   0.30 50.89  ? 15  GLY A O   1 
ATOM   107  N N   . MET A 1 16  ? -3.059  -0.198  11.456  0.30 52.77  ? 16  MET A N   1 
ATOM   108  C CA  . MET A 1 16  ? -4.218  0.638   11.163  0.30 57.46  ? 16  MET A CA  1 
ATOM   109  C C   . MET A 1 16  ? -4.079  2.133   11.386  0.30 61.02  ? 16  MET A C   1 
ATOM   110  O O   . MET A 1 16  ? -3.253  2.615   12.161  0.30 59.63  ? 16  MET A O   1 
ATOM   111  C CB  . MET A 1 16  ? -5.580  0.118   11.660  0.30 62.10  ? 16  MET A CB  1 
ATOM   112  C CG  . MET A 1 16  ? -6.300  -0.671  10.584  0.30 66.49  ? 16  MET A CG  1 
ATOM   113  S SD  . MET A 1 16  ? -5.792  -0.113  8.941   0.30 71.59  ? 16  MET A SD  1 
ATOM   114  C CE  . MET A 1 16  ? -6.874  -1.094  7.875   0.30 70.88  ? 16  MET A CE  1 
ATOM   115  N N   . GLU A 1 17  ? -4.952  2.835   10.668  0.30 66.28  ? 17  GLU A N   1 
ATOM   116  C CA  . GLU A 1 17  ? -5.064  4.277   10.664  0.30 69.94  ? 17  GLU A CA  1 
ATOM   117  C C   . GLU A 1 17  ? -4.921  4.860   12.055  0.30 67.24  ? 17  GLU A C   1 
ATOM   118  O O   . GLU A 1 17  ? -3.947  5.540   12.353  0.30 65.26  ? 17  GLU A O   1 
ATOM   119  C CB  . GLU A 1 17  ? -6.411  4.698   10.045  0.30 75.86  ? 17  GLU A CB  1 
ATOM   120  C CG  . GLU A 1 17  ? -6.316  5.974   9.191   0.30 80.28  ? 17  GLU A CG  1 
ATOM   121  C CD  . GLU A 1 17  ? -5.807  7.159   9.951   0.30 83.87  ? 17  GLU A CD  1 
ATOM   122  O OE1 . GLU A 1 17  ? -6.292  7.542   11.003  0.30 84.96  ? 17  GLU A OE1 1 
ATOM   123  O OE2 . GLU A 1 17  ? -4.773  7.714   9.370   0.30 85.38  ? 17  GLU A OE2 1 
ATOM   124  N N   . ASN A 1 18  ? -5.897  4.582   12.910  0.30 68.87  ? 18  ASN A N   1 
ATOM   125  C CA  . ASN A 1 18  ? -5.870  5.083   14.270  0.30 69.61  ? 18  ASN A CA  1 
ATOM   126  C C   . ASN A 1 18  ? -4.751  4.449   15.066  0.30 68.09  ? 18  ASN A C   1 
ATOM   127  O O   . ASN A 1 18  ? -4.260  4.994   16.055  0.30 68.54  ? 18  ASN A O   1 
ATOM   128  C CB  . ASN A 1 18  ? -7.218  4.910   14.984  0.30 70.73  ? 18  ASN A CB  1 
ATOM   129  C CG  . ASN A 1 18  ? -8.312  5.772   14.389  0.30 68.68  ? 18  ASN A CG  1 
ATOM   130  O OD1 . ASN A 1 18  ? -8.058  6.838   13.808  0.30 67.18  ? 18  ASN A OD1 1 
ATOM   131  N ND2 . ASN A 1 18  ? -9.547  5.309   14.522  0.30 68.95  ? 18  ASN A ND2 1 
ATOM   132  N N   . ALA A 1 19  ? -4.357  3.274   14.613  0.30 66.39  ? 19  ALA A N   1 
ATOM   133  C CA  . ALA A 1 19  ? -3.299  2.573   15.278  0.30 62.99  ? 19  ALA A CA  1 
ATOM   134  C C   . ALA A 1 19  ? -2.017  3.308   15.007  0.30 64.05  ? 19  ALA A C   1 
ATOM   135  O O   . ALA A 1 19  ? -1.131  3.331   15.862  0.30 67.95  ? 19  ALA A O   1 
ATOM   136  C CB  . ALA A 1 19  ? -3.205  1.139   14.794  0.30 58.98  ? 19  ALA A CB  1 
ATOM   137  N N   . MET A 1 20  ? -1.968  3.902   13.804  0.30 59.08  ? 20  MET A N   1 
ATOM   138  C CA  . MET A 1 20  ? -0.808  4.649   13.373  0.30 53.07  ? 20  MET A CA  1 
ATOM   139  C C   . MET A 1 20  ? -0.174  5.517   14.433  0.30 36.59  ? 20  MET A C   1 
ATOM   140  O O   . MET A 1 20  ? -0.438  6.705   14.602  0.30 39.42  ? 20  MET A O   1 
ATOM   141  C CB  . MET A 1 20  ? -0.609  4.967   11.877  0.30 59.52  ? 20  MET A CB  1 
ATOM   142  C CG  . MET A 1 20  ? -0.737  3.709   11.031  0.30 65.89  ? 20  MET A CG  1 
ATOM   143  S SD  . MET A 1 20  ? -0.496  2.193   11.998  0.30 70.76  ? 20  MET A SD  1 
ATOM   144  C CE  . MET A 1 20  ? 1.278   1.946   11.896  0.30 69.27  ? 20  MET A CE  1 
ATOM   145  N N   . PRO A 1 21  ? 0.664   4.787   15.139  0.30 18.91  ? 21  PRO A N   1 
ATOM   146  C CA  . PRO A 1 21  ? 1.503   5.132   16.260  0.30 17.76  ? 21  PRO A CA  1 
ATOM   147  C C   . PRO A 1 21  ? 2.501   6.194   15.884  0.30 17.68  ? 21  PRO A C   1 
ATOM   148  O O   . PRO A 1 21  ? 3.098   6.911   16.692  0.30 10.92  ? 21  PRO A O   1 
ATOM   149  C CB  . PRO A 1 21  ? 2.268   3.838   16.532  0.30 19.34  ? 21  PRO A CB  1 
ATOM   150  C CG  . PRO A 1 21  ? 1.949   2.866   15.396  0.30 20.96  ? 21  PRO A CG  1 
ATOM   151  C CD  . PRO A 1 21  ? 1.187   3.648   14.359  0.30 19.66  ? 21  PRO A CD  1 
ATOM   152  N N   . TRP A 1 22  ? 2.684   6.275   14.605  1.00 26.56  ? 22  TRP A N   1 
ATOM   153  C CA  . TRP A 1 22  ? 3.596   7.255   14.082  1.00 34.22  ? 22  TRP A CA  1 
ATOM   154  C C   . TRP A 1 22  ? 2.851   8.468   13.550  1.00 36.72  ? 22  TRP A C   1 
ATOM   155  O O   . TRP A 1 22  ? 1.621   8.587   13.527  1.00 36.97  ? 22  TRP A O   1 
ATOM   156  C CB  . TRP A 1 22  ? 4.562   6.690   13.033  1.00 32.54  ? 22  TRP A CB  1 
ATOM   157  C CG  . TRP A 1 22  ? 4.001   6.108   11.747  1.00 33.75  ? 22  TRP A CG  1 
ATOM   158  C CD1 . TRP A 1 22  ? 3.497   6.784   10.680  1.00 32.47  ? 22  TRP A CD1 1 
ATOM   159  C CD2 . TRP A 1 22  ? 3.952   4.728   11.355  1.00 30.80  ? 22  TRP A CD2 1 
ATOM   160  N NE1 . TRP A 1 22  ? 3.132   5.926   9.660   1.00 22.94  ? 22  TRP A NE1 1 
ATOM   161  C CE2 . TRP A 1 22  ? 3.395   4.662   10.052  1.00 26.35  ? 22  TRP A CE2 1 
ATOM   162  C CE3 . TRP A 1 22  ? 4.332   3.558   11.979  1.00 25.23  ? 22  TRP A CE3 1 
ATOM   163  C CZ2 . TRP A 1 22  ? 3.207   3.471   9.382   1.00 30.25  ? 22  TRP A CZ2 1 
ATOM   164  C CZ3 . TRP A 1 22  ? 4.162   2.383   11.311  1.00 30.42  ? 22  TRP A CZ3 1 
ATOM   165  C CH2 . TRP A 1 22  ? 3.595   2.337   10.031  1.00 32.14  ? 22  TRP A CH2 1 
ATOM   166  N N   . ASN A 1 23  ? 3.607   9.397   13.096  1.00 36.92  ? 23  ASN A N   1 
ATOM   167  C CA  . ASN A 1 23  ? 2.989   10.569  12.572  1.00 37.39  ? 23  ASN A CA  1 
ATOM   168  C C   . ASN A 1 23  ? 3.995   11.129  11.563  1.00 28.33  ? 23  ASN A C   1 
ATOM   169  O O   . ASN A 1 23  ? 4.982   11.813  11.912  1.00 22.81  ? 23  ASN A O   1 
ATOM   170  C CB  . ASN A 1 23  ? 2.522   11.418  13.807  1.00 42.09  ? 23  ASN A CB  1 
ATOM   171  C CG  . ASN A 1 23  ? 2.160   12.877  13.616  1.00 42.04  ? 23  ASN A CG  1 
ATOM   172  O OD1 . ASN A 1 23  ? 1.461   13.216  12.673  1.00 47.93  ? 23  ASN A OD1 1 
ATOM   173  N ND2 . ASN A 1 23  ? 2.659   13.760  14.498  1.00 39.95  ? 23  ASN A ND2 1 
ATOM   174  N N   . LEU A 1 24  ? 3.729   10.767  10.282  1.00 23.90  ? 24  LEU A N   1 
ATOM   175  C CA  . LEU A 1 24  ? 4.578   11.196  9.161   1.00 18.23  ? 24  LEU A CA  1 
ATOM   176  C C   . LEU A 1 24  ? 3.870   11.707  7.915   1.00 23.06  ? 24  LEU A C   1 
ATOM   177  O O   . LEU A 1 24  ? 3.603   11.019  6.950   1.00 29.74  ? 24  LEU A O   1 
ATOM   178  C CB  . LEU A 1 24  ? 5.609   10.169  8.696   1.00 15.61  ? 24  LEU A CB  1 
ATOM   179  C CG  . LEU A 1 24  ? 6.154   9.306   9.790   1.00 17.80  ? 24  LEU A CG  1 
ATOM   180  C CD1 . LEU A 1 24  ? 6.219   7.920   9.181   1.00 25.74  ? 24  LEU A CD1 1 
ATOM   181  C CD2 . LEU A 1 24  ? 7.548   9.780   10.236  1.00 14.92  ? 24  LEU A CD2 1 
ATOM   182  N N   . PRO A 1 25  ? 3.583   12.963  7.957   1.00 31.31  ? 25  PRO A N   1 
ATOM   183  C CA  . PRO A 1 25  ? 2.953   13.668  6.872   1.00 35.24  ? 25  PRO A CA  1 
ATOM   184  C C   . PRO A 1 25  ? 3.690   13.402  5.545   1.00 30.23  ? 25  PRO A C   1 
ATOM   185  O O   . PRO A 1 25  ? 3.075   13.196  4.482   1.00 20.99  ? 25  PRO A O   1 
ATOM   186  C CB  . PRO A 1 25  ? 3.280   15.113  7.258   1.00 31.91  ? 25  PRO A CB  1 
ATOM   187  C CG  . PRO A 1 25  ? 3.848   15.105  8.690   1.00 26.32  ? 25  PRO A CG  1 
ATOM   188  C CD  . PRO A 1 25  ? 3.582   13.732  9.224   1.00 22.45  ? 25  PRO A CD  1 
ATOM   189  N N   . ALA A 1 26  ? 5.034   13.391  5.663   1.00 16.78  ? 26  ALA A N   1 
ATOM   190  C CA  . ALA A 1 26  ? 5.874   13.159  4.514   1.00 5.01   ? 26  ALA A CA  1 
ATOM   191  C C   . ALA A 1 26  ? 5.631   11.842  3.854   1.00 12.12  ? 26  ALA A C   1 
ATOM   192  O O   . ALA A 1 26  ? 5.722   11.736  2.656   1.00 24.09  ? 26  ALA A O   1 
ATOM   193  C CB  . ALA A 1 26  ? 7.322   13.302  4.813   1.00 3.63   ? 26  ALA A CB  1 
ATOM   194  N N   . ASP A 1 27  ? 5.342   10.836  4.635   1.00 8.47   ? 27  ASP A N   1 
ATOM   195  C CA  . ASP A 1 27  ? 5.105   9.579   4.063   1.00 11.25  ? 27  ASP A CA  1 
ATOM   196  C C   . ASP A 1 27  ? 3.815   9.711   3.275   1.00 28.20  ? 27  ASP A C   1 
ATOM   197  O O   . ASP A 1 27  ? 3.713   9.216   2.132   1.00 33.85  ? 27  ASP A O   1 
ATOM   198  C CB  . ASP A 1 27  ? 5.043   8.501   5.163   1.00 16.37  ? 27  ASP A CB  1 
ATOM   199  C CG  . ASP A 1 27  ? 4.582   7.134   4.692   1.00 16.52  ? 27  ASP A CG  1 
ATOM   200  O OD1 . ASP A 1 27  ? 5.121   6.561   3.770   1.00 8.29   ? 27  ASP A OD1 1 
ATOM   201  O OD2 . ASP A 1 27  ? 3.487   6.685   5.308   1.00 14.18  ? 27  ASP A OD2 1 
ATOM   202  N N   . LEU A 1 28  ? 2.825   10.404  3.885   1.00 26.35  ? 28  LEU A N   1 
ATOM   203  C CA  . LEU A 1 28  ? 1.565   10.555  3.163   1.00 17.51  ? 28  LEU A CA  1 
ATOM   204  C C   . LEU A 1 28  ? 1.690   11.226  1.841   1.00 11.46  ? 28  LEU A C   1 
ATOM   205  O O   . LEU A 1 28  ? 1.046   10.810  0.876   1.00 9.98   ? 28  LEU A O   1 
ATOM   206  C CB  . LEU A 1 28  ? 0.300   10.985  3.897   1.00 21.54  ? 28  LEU A CB  1 
ATOM   207  C CG  . LEU A 1 28  ? -0.117  10.085  5.067   1.00 21.82  ? 28  LEU A CG  1 
ATOM   208  C CD1 . LEU A 1 28  ? -0.921  10.943  6.034   1.00 26.18  ? 28  LEU A CD1 1 
ATOM   209  C CD2 . LEU A 1 28  ? -1.004  8.946   4.613   1.00 17.26  ? 28  LEU A CD2 1 
ATOM   210  N N   . ALA A 1 29  ? 2.520   12.255  1.789   1.00 7.56   ? 29  ALA A N   1 
ATOM   211  C CA  . ALA A 1 29  ? 2.659   12.918  0.542   1.00 13.15  ? 29  ALA A CA  1 
ATOM   212  C C   . ALA A 1 29  ? 3.211   11.925  -0.484  1.00 21.32  ? 29  ALA A C   1 
ATOM   213  O O   . ALA A 1 29  ? 2.745   11.777  -1.617  1.00 19.61  ? 29  ALA A O   1 
ATOM   214  C CB  . ALA A 1 29  ? 3.525   14.130  0.747   1.00 7.53   ? 29  ALA A CB  1 
ATOM   215  N N   . TRP A 1 30  ? 4.200   11.215  -0.032  1.00 14.18  ? 30  TRP A N   1 
ATOM   216  C CA  . TRP A 1 30  ? 4.830   10.250  -0.853  1.00 15.73  ? 30  TRP A CA  1 
ATOM   217  C C   . TRP A 1 30  ? 3.873   9.250   -1.439  1.00 15.54  ? 30  TRP A C   1 
ATOM   218  O O   . TRP A 1 30  ? 3.926   8.868   -2.599  1.00 20.02  ? 30  TRP A O   1 
ATOM   219  C CB  . TRP A 1 30  ? 5.866   9.587   0.014   1.00 13.04  ? 30  TRP A CB  1 
ATOM   220  C CG  . TRP A 1 30  ? 6.390   8.316   -0.519  1.00 16.12  ? 30  TRP A CG  1 
ATOM   221  C CD1 . TRP A 1 30  ? 6.030   7.066   -0.144  1.00 20.57  ? 30  TRP A CD1 1 
ATOM   222  C CD2 . TRP A 1 30  ? 7.408   8.163   -1.488  1.00 17.98  ? 30  TRP A CD2 1 
ATOM   223  N NE1 . TRP A 1 30  ? 6.749   6.102   -0.832  1.00 18.31  ? 30  TRP A NE1 1 
ATOM   224  C CE2 . TRP A 1 30  ? 7.607   6.758   -1.670  1.00 23.04  ? 30  TRP A CE2 1 
ATOM   225  C CE3 . TRP A 1 30  ? 8.149   9.069   -2.203  1.00 9.31   ? 30  TRP A CE3 1 
ATOM   226  C CZ2 . TRP A 1 30  ? 8.549   6.254   -2.554  1.00 17.75  ? 30  TRP A CZ2 1 
ATOM   227  C CZ3 . TRP A 1 30  ? 9.060   8.558   -3.076  1.00 13.77  ? 30  TRP A CZ3 1 
ATOM   228  C CH2 . TRP A 1 30  ? 9.261   7.179   -3.247  1.00 13.50  ? 30  TRP A CH2 1 
ATOM   229  N N   . PHE A 1 31  ? 2.979   8.848   -0.609  1.00 8.78   ? 31  PHE A N   1 
ATOM   230  C CA  . PHE A 1 31  ? 1.988   7.907   -1.013  1.00 12.23  ? 31  PHE A CA  1 
ATOM   231  C C   . PHE A 1 31  ? 0.957   8.501   -2.019  1.00 20.75  ? 31  PHE A C   1 
ATOM   232  O O   . PHE A 1 31  ? 0.379   7.906   -2.946  1.00 10.60  ? 31  PHE A O   1 
ATOM   233  C CB  . PHE A 1 31  ? 1.220   7.626   0.307   1.00 11.95  ? 31  PHE A CB  1 
ATOM   234  C CG  . PHE A 1 31  ? -0.064  6.874   0.051   1.00 11.97  ? 31  PHE A CG  1 
ATOM   235  C CD1 . PHE A 1 31  ? -0.072  5.475   0.008   1.00 8.32   ? 31  PHE A CD1 1 
ATOM   236  C CD2 . PHE A 1 31  ? -1.251  7.574   -0.181  1.00 10.03  ? 31  PHE A CD2 1 
ATOM   237  C CE1 . PHE A 1 31  ? -1.255  4.780   -0.243  1.00 9.56   ? 31  PHE A CE1 1 
ATOM   238  C CE2 . PHE A 1 31  ? -2.449  6.890   -0.423  1.00 12.84  ? 31  PHE A CE2 1 
ATOM   239  C CZ  . PHE A 1 31  ? -2.443  5.490   -0.457  1.00 6.44   ? 31  PHE A CZ  1 
ATOM   240  N N   . LYS A 1 32  ? 0.677   9.747   -1.811  1.00 24.62  ? 32  LYS A N   1 
ATOM   241  C CA  . LYS A 1 32  ? -0.276  10.315  -2.655  1.00 22.11  ? 32  LYS A CA  1 
ATOM   242  C C   . LYS A 1 32  ? 0.317   10.562  -4.000  1.00 22.20  ? 32  LYS A C   1 
ATOM   243  O O   . LYS A 1 32  ? -0.267  10.331  -5.065  1.00 20.32  ? 32  LYS A O   1 
ATOM   244  C CB  . LYS A 1 32  ? -0.804  11.522  -1.945  1.00 18.46  ? 32  LYS A CB  1 
ATOM   245  C CG  . LYS A 1 32  ? -1.625  12.429  -2.807  1.00 27.76  ? 32  LYS A CG  1 
ATOM   246  C CD  . LYS A 1 32  ? -1.557  13.842  -2.261  1.00 36.07  ? 32  LYS A CD  1 
ATOM   247  C CE  . LYS A 1 32  ? -2.750  14.687  -2.670  1.00 40.31  ? 32  LYS A CE  1 
ATOM   248  N NZ  . LYS A 1 32  ? -4.045  14.088  -2.288  1.00 39.92  ? 32  LYS A NZ  1 
ATOM   249  N N   . ARG A 1 33  ? 1.508   11.022  -3.963  1.00 16.77  ? 33  ARG A N   1 
ATOM   250  C CA  . ARG A 1 33  ? 2.086   11.267  -5.242  1.00 23.05  ? 33  ARG A CA  1 
ATOM   251  C C   . ARG A 1 33  ? 2.322   9.968   -6.049  1.00 19.35  ? 33  ARG A C   1 
ATOM   252  O O   . ARG A 1 33  ? 2.367   9.980   -7.281  1.00 11.65  ? 33  ARG A O   1 
ATOM   253  C CB  . ARG A 1 33  ? 3.289   12.164  -5.063  1.00 30.48  ? 33  ARG A CB  1 
ATOM   254  C CG  . ARG A 1 33  ? 4.496   11.704  -5.839  1.00 45.25  ? 33  ARG A CG  1 
ATOM   255  C CD  . ARG A 1 33  ? 5.788   11.960  -5.075  1.00 66.63  ? 33  ARG A CD  1 
ATOM   256  N NE  . ARG A 1 33  ? 6.487   13.206  -5.406  1.00 84.27  ? 33  ARG A NE  1 
ATOM   257  C CZ  . ARG A 1 33  ? 6.370   13.941  -6.532  1.00 97.69  ? 33  ARG A CZ  1 
ATOM   258  N NH1 . ARG A 1 33  ? 5.559   13.625  -7.556  1.00 99.98  ? 33  ARG A NH1 1 
ATOM   259  N NH2 . ARG A 1 33  ? 7.112   15.053  -6.635  1.00 100.00 ? 33  ARG A NH2 1 
ATOM   260  N N   . ASN A 1 34  ? 2.462   8.832   -5.343  1.00 14.50  ? 34  ASN A N   1 
ATOM   261  C CA  . ASN A 1 34  ? 2.695   7.572   -6.027  1.00 10.47  ? 34  ASN A CA  1 
ATOM   262  C C   . ASN A 1 34  ? 1.510   6.752   -6.399  1.00 13.42  ? 34  ASN A C   1 
ATOM   263  O O   . ASN A 1 34  ? 1.758   5.712   -7.004  1.00 14.19  ? 34  ASN A O   1 
ATOM   264  C CB  . ASN A 1 34  ? 3.783   6.675   -5.421  1.00 14.17  ? 34  ASN A CB  1 
ATOM   265  C CG  . ASN A 1 34  ? 5.132   7.400   -5.303  1.00 16.06  ? 34  ASN A CG  1 
ATOM   266  O OD1 . ASN A 1 34  ? 5.806   7.718   -6.287  1.00 11.82  ? 34  ASN A OD1 1 
ATOM   267  N ND2 . ASN A 1 34  ? 5.560   7.629   -4.084  1.00 14.29  ? 34  ASN A ND2 1 
ATOM   268  N N   . THR A 1 35  ? 0.291   7.226   -6.020  1.00 14.59  ? 35  THR A N   1 
ATOM   269  C CA  . THR A 1 35  ? -1.014  6.618   -6.263  1.00 13.29  ? 35  THR A CA  1 
ATOM   270  C C   . THR A 1 35  ? -1.976  7.485   -7.136  1.00 15.45  ? 35  THR A C   1 
ATOM   271  O O   . THR A 1 35  ? -2.934  7.032   -7.801  1.00 7.80   ? 35  THR A O   1 
ATOM   272  C CB  . THR A 1 35  ? -1.685  6.191   -4.931  1.00 11.65  ? 35  THR A CB  1 
ATOM   273  O OG1 . THR A 1 35  ? -2.131  7.286   -4.143  1.00 14.79  ? 35  THR A OG1 1 
ATOM   274  C CG2 . THR A 1 35  ? -0.693  5.367   -4.140  1.00 5.82   ? 35  THR A CG2 1 
ATOM   275  N N   . LEU A 1 36  ? -1.710  8.771   -7.121  1.00 16.71  ? 36  LEU A N   1 
ATOM   276  C CA  . LEU A 1 36  ? -2.511  9.745   -7.864  1.00 20.72  ? 36  LEU A CA  1 
ATOM   277  C C   . LEU A 1 36  ? -2.632  9.525   -9.364  1.00 19.44  ? 36  LEU A C   1 
ATOM   278  O O   . LEU A 1 36  ? -1.640  9.372   -10.099 1.00 24.06  ? 36  LEU A O   1 
ATOM   279  C CB  . LEU A 1 36  ? -1.969  11.156  -7.627  1.00 14.99  ? 36  LEU A CB  1 
ATOM   280  C CG  . LEU A 1 36  ? -3.029  12.227  -7.725  1.00 18.37  ? 36  LEU A CG  1 
ATOM   281  C CD1 . LEU A 1 36  ? -4.147  11.928  -6.718  1.00 15.53  ? 36  LEU A CD1 1 
ATOM   282  C CD2 . LEU A 1 36  ? -2.398  13.575  -7.421  1.00 11.51  ? 36  LEU A CD2 1 
ATOM   283  N N   . ASP A 1 37  ? -3.879  9.549   -9.787  1.00 18.90  ? 37  ASP A N   1 
ATOM   284  C CA  . ASP A 1 37  ? -4.215  9.379   -11.173 1.00 11.69  ? 37  ASP A CA  1 
ATOM   285  C C   . ASP A 1 37  ? -3.972  7.949   -11.557 1.00 14.12  ? 37  ASP A C   1 
ATOM   286  O O   . ASP A 1 37  ? -3.715  7.684   -12.718 1.00 25.31  ? 37  ASP A O   1 
ATOM   287  C CB  . ASP A 1 37  ? -3.373  10.363  -12.035 1.00 15.70  ? 37  ASP A CB  1 
ATOM   288  C CG  . ASP A 1 37  ? -3.665  11.804  -11.653 1.00 21.94  ? 37  ASP A CG  1 
ATOM   289  O OD1 . ASP A 1 37  ? -4.799  12.199  -11.524 1.00 23.67  ? 37  ASP A OD1 1 
ATOM   290  O OD2 . ASP A 1 37  ? -2.617  12.532  -11.326 1.00 21.91  ? 37  ASP A OD2 1 
ATOM   291  N N   . LYS A 1 38  ? -4.041  7.028   -10.569 1.00 10.74  ? 38  LYS A N   1 
ATOM   292  C CA  . LYS A 1 38  ? -3.832  5.570   -10.746 1.00 1.00   ? 38  LYS A CA  1 
ATOM   293  C C   . LYS A 1 38  ? -4.907  4.822   -10.037 1.00 11.52  ? 38  LYS A C   1 
ATOM   294  O O   . LYS A 1 38  ? -5.530  5.427   -9.171  1.00 17.94  ? 38  LYS A O   1 
ATOM   295  C CB  . LYS A 1 38  ? -2.539  5.144   -10.104 1.00 4.73   ? 38  LYS A CB  1 
ATOM   296  C CG  . LYS A 1 38  ? -1.345  5.346   -11.029 1.00 4.30   ? 38  LYS A CG  1 
ATOM   297  C CD  . LYS A 1 38  ? 0.044   4.974   -10.507 1.00 1.00   ? 38  LYS A CD  1 
ATOM   298  C CE  . LYS A 1 38  ? 0.775   6.081   -9.763  1.00 4.55   ? 38  LYS A CE  1 
ATOM   299  N NZ  . LYS A 1 38  ? 2.145   5.711   -9.269  1.00 11.16  ? 38  LYS A NZ  1 
ATOM   300  N N   . PRO A 1 39  ? -5.154  3.528   -10.362 1.00 16.52  ? 39  PRO A N   1 
ATOM   301  C CA  . PRO A 1 39  ? -6.203  2.817   -9.622  1.00 11.61  ? 39  PRO A CA  1 
ATOM   302  C C   . PRO A 1 39  ? -5.627  2.218   -8.390  1.00 7.75   ? 39  PRO A C   1 
ATOM   303  O O   . PRO A 1 39  ? -4.463  1.844   -8.347  1.00 10.40  ? 39  PRO A O   1 
ATOM   304  C CB  . PRO A 1 39  ? -6.703  1.639   -10.471 1.00 5.21   ? 39  PRO A CB  1 
ATOM   305  C CG  . PRO A 1 39  ? -5.944  1.717   -11.772 1.00 2.60   ? 39  PRO A CG  1 
ATOM   306  C CD  . PRO A 1 39  ? -5.062  2.973   -11.741 1.00 2.15   ? 39  PRO A CD  1 
ATOM   307  N N   . VAL A 1 40  ? -6.434  2.098   -7.389  1.00 12.05  ? 40  VAL A N   1 
ATOM   308  C CA  . VAL A 1 40  ? -5.918  1.497   -6.181  1.00 4.32   ? 40  VAL A CA  1 
ATOM   309  C C   . VAL A 1 40  ? -6.852  0.432   -5.805  1.00 2.32   ? 40  VAL A C   1 
ATOM   310  O O   . VAL A 1 40  ? -8.030  0.681   -5.919  1.00 5.29   ? 40  VAL A O   1 
ATOM   311  C CB  . VAL A 1 40  ? -5.831  2.493   -5.090  1.00 1.00   ? 40  VAL A CB  1 
ATOM   312  C CG1 . VAL A 1 40  ? -4.817  3.499   -5.559  1.00 1.00   ? 40  VAL A CG1 1 
ATOM   313  C CG2 . VAL A 1 40  ? -7.189  3.169   -4.943  1.00 3.50   ? 40  VAL A CG2 1 
ATOM   314  N N   . ILE A 1 41  ? -6.308  -0.724  -5.406  1.00 13.25  ? 41  ILE A N   1 
ATOM   315  C CA  . ILE A 1 41  ? -7.081  -1.907  -4.998  1.00 16.34  ? 41  ILE A CA  1 
ATOM   316  C C   . ILE A 1 41  ? -6.959  -2.124  -3.503  1.00 17.40  ? 41  ILE A C   1 
ATOM   317  O O   . ILE A 1 41  ? -5.907  -1.837  -2.944  1.00 16.41  ? 41  ILE A O   1 
ATOM   318  C CB  . ILE A 1 41  ? -6.678  -3.132  -5.785  1.00 10.37  ? 41  ILE A CB  1 
ATOM   319  C CG1 . ILE A 1 41  ? -6.911  -2.893  -7.277  1.00 8.72   ? 41  ILE A CG1 1 
ATOM   320  C CG2 . ILE A 1 41  ? -7.531  -4.306  -5.320  1.00 6.91   ? 41  ILE A CG2 1 
ATOM   321  C CD1 . ILE A 1 41  ? -6.186  -3.962  -8.112  1.00 11.43  ? 41  ILE A CD1 1 
ATOM   322  N N   . MET A 1 42  ? -8.001  -2.616  -2.836  1.00 19.08  ? 42  MET A N   1 
ATOM   323  C CA  . MET A 1 42  ? -7.801  -2.750  -1.425  1.00 13.34  ? 42  MET A CA  1 
ATOM   324  C C   . MET A 1 42  ? -8.801  -3.651  -0.768  1.00 10.82  ? 42  MET A C   1 
ATOM   325  O O   . MET A 1 42  ? -9.873  -3.937  -1.311  1.00 12.11  ? 42  MET A O   1 
ATOM   326  C CB  . MET A 1 42  ? -7.867  -1.312  -0.808  1.00 13.51  ? 42  MET A CB  1 
ATOM   327  C CG  . MET A 1 42  ? -9.299  -0.737  -0.713  1.00 17.67  ? 42  MET A CG  1 
ATOM   328  S SD  . MET A 1 42  ? -9.431  1.012   -0.165  1.00 21.15  ? 42  MET A SD  1 
ATOM   329  C CE  . MET A 1 42  ? -9.018  1.779   -1.743  1.00 22.67  ? 42  MET A CE  1 
ATOM   330  N N   . GLY A 1 43  ? -8.418  -4.104  0.425   1.00 1.00   ? 43  GLY A N   1 
ATOM   331  C CA  . GLY A 1 43  ? -9.298  -4.946  1.147   1.00 1.00   ? 43  GLY A CA  1 
ATOM   332  C C   . GLY A 1 43  ? -10.393 -4.094  1.782   1.00 10.38  ? 43  GLY A C   1 
ATOM   333  O O   . GLY A 1 43  ? -10.331 -2.856  1.833   1.00 19.49  ? 43  GLY A O   1 
ATOM   334  N N   . ARG A 1 44  ? -11.402 -4.754  2.296   1.00 11.43  ? 44  ARG A N   1 
ATOM   335  C CA  . ARG A 1 44  ? -12.515 -4.049  2.917   1.00 16.67  ? 44  ARG A CA  1 
ATOM   336  C C   . ARG A 1 44  ? -12.193 -3.378  4.215   1.00 18.99  ? 44  ARG A C   1 
ATOM   337  O O   . ARG A 1 44  ? -12.822 -2.386  4.593   1.00 18.71  ? 44  ARG A O   1 
ATOM   338  C CB  . ARG A 1 44  ? -13.636 -5.010  3.187   1.00 16.66  ? 44  ARG A CB  1 
ATOM   339  C CG  . ARG A 1 44  ? -14.783 -4.295  3.850   1.00 28.92  ? 44  ARG A CG  1 
ATOM   340  C CD  . ARG A 1 44  ? -15.974 -5.231  4.009   1.00 40.86  ? 44  ARG A CD  1 
ATOM   341  N NE  . ARG A 1 44  ? -16.635 -5.658  2.750   1.00 49.74  ? 44  ARG A NE  1 
ATOM   342  C CZ  . ARG A 1 44  ? -17.935 -5.472  2.413   1.00 51.99  ? 44  ARG A CZ  1 
ATOM   343  N NH1 . ARG A 1 44  ? -18.800 -4.847  3.217   1.00 54.57  ? 44  ARG A NH1 1 
ATOM   344  N NH2 . ARG A 1 44  ? -18.387 -5.931  1.233   1.00 49.35  ? 44  ARG A NH2 1 
ATOM   345  N N   . HIS A 1 45  ? -11.215 -3.966  4.891   1.00 17.76  ? 45  HIS A N   1 
ATOM   346  C CA  . HIS A 1 45  ? -10.771 -3.481  6.158   1.00 23.72  ? 45  HIS A CA  1 
ATOM   347  C C   . HIS A 1 45  ? -10.079 -2.172  5.972   1.00 16.69  ? 45  HIS A C   1 
ATOM   348  O O   . HIS A 1 45  ? -10.130 -1.254  6.786   1.00 5.40   ? 45  HIS A O   1 
ATOM   349  C CB  . HIS A 1 45  ? -9.916  -4.513  6.894   1.00 36.31  ? 45  HIS A CB  1 
ATOM   350  C CG  . HIS A 1 45  ? -10.681 -5.775  7.160   1.00 52.05  ? 45  HIS A CG  1 
ATOM   351  N ND1 . HIS A 1 45  ? -11.559 -5.878  8.235   1.00 55.26  ? 45  HIS A ND1 1 
ATOM   352  C CD2 . HIS A 1 45  ? -10.677 -6.968  6.485   1.00 56.15  ? 45  HIS A CD2 1 
ATOM   353  C CE1 . HIS A 1 45  ? -12.057 -7.109  8.188   1.00 61.12  ? 45  HIS A CE1 1 
ATOM   354  N NE2 . HIS A 1 45  ? -11.549 -7.791  7.151   1.00 59.76  ? 45  HIS A NE2 1 
ATOM   355  N N   . THR A 1 46  ? -9.416  -2.083  4.858   1.00 25.33  ? 46  THR A N   1 
ATOM   356  C CA  . THR A 1 46  ? -8.739  -0.852  4.600   1.00 24.07  ? 46  THR A CA  1 
ATOM   357  C C   . THR A 1 46  ? -9.799  0.162   4.171   1.00 20.49  ? 46  THR A C   1 
ATOM   358  O O   . THR A 1 46  ? -9.710  1.339   4.612   1.00 7.74   ? 46  THR A O   1 
ATOM   359  C CB  . THR A 1 46  ? -7.487  -1.044  3.716   1.00 23.37  ? 46  THR A CB  1 
ATOM   360  O OG1 . THR A 1 46  ? -6.670  -2.014  4.352   1.00 26.62  ? 46  THR A OG1 1 
ATOM   361  C CG2 . THR A 1 46  ? -6.679  0.235   3.608   1.00 26.79  ? 46  THR A CG2 1 
ATOM   362  N N   . TRP A 1 47  ? -10.797 -0.343  3.351   1.00 8.88   ? 47  TRP A N   1 
ATOM   363  C CA  . TRP A 1 47  ? -11.884 0.516   2.873   1.00 14.41  ? 47  TRP A CA  1 
ATOM   364  C C   . TRP A 1 47  ? -12.406 1.292   4.042   1.00 10.30  ? 47  TRP A C   1 
ATOM   365  O O   . TRP A 1 47  ? -12.320 2.532   4.078   1.00 9.07   ? 47  TRP A O   1 
ATOM   366  C CB  . TRP A 1 47  ? -13.046 -0.241  2.281   1.00 7.80   ? 47  TRP A CB  1 
ATOM   367  C CG  . TRP A 1 47  ? -14.299 0.556   2.096   1.00 11.88  ? 47  TRP A CG  1 
ATOM   368  C CD1 . TRP A 1 47  ? -15.533 0.135   2.485   1.00 17.07  ? 47  TRP A CD1 1 
ATOM   369  C CD2 . TRP A 1 47  ? -14.492 1.845   1.447   1.00 9.25   ? 47  TRP A CD2 1 
ATOM   370  N NE1 . TRP A 1 47  ? -16.472 1.071   2.135   1.00 18.75  ? 47  TRP A NE1 1 
ATOM   371  C CE2 . TRP A 1 47  ? -15.866 2.132   1.501   1.00 10.16  ? 47  TRP A CE2 1 
ATOM   372  C CE3 . TRP A 1 47  ? -13.657 2.786   0.848   1.00 5.23   ? 47  TRP A CE3 1 
ATOM   373  C CZ2 . TRP A 1 47  ? -16.400 3.311   0.967   1.00 5.53   ? 47  TRP A CZ2 1 
ATOM   374  C CZ3 . TRP A 1 47  ? -14.188 3.955   0.327   1.00 16.79  ? 47  TRP A CZ3 1 
ATOM   375  C CH2 . TRP A 1 47  ? -15.549 4.213   0.378   1.00 15.28  ? 47  TRP A CH2 1 
ATOM   376  N N   . GLU A 1 48  ? -12.885 0.462   4.959   1.00 10.97  ? 48  GLU A N   1 
ATOM   377  C CA  . GLU A 1 48  ? -13.426 0.802   6.230   1.00 12.47  ? 48  GLU A CA  1 
ATOM   378  C C   . GLU A 1 48  ? -12.495 1.731   6.976   1.00 15.76  ? 48  GLU A C   1 
ATOM   379  O O   . GLU A 1 48  ? -12.882 2.823   7.380   1.00 25.25  ? 48  GLU A O   1 
ATOM   380  C CB  . GLU A 1 48  ? -13.595 -0.521  6.946   1.00 20.70  ? 48  GLU A CB  1 
ATOM   381  C CG  . GLU A 1 48  ? -15.078 -0.869  6.822   1.00 29.65  ? 48  GLU A CG  1 
ATOM   382  C CD  . GLU A 1 48  ? -15.404 -2.299  7.038   1.00 35.18  ? 48  GLU A CD  1 
ATOM   383  O OE1 . GLU A 1 48  ? -15.125 -2.880  8.058   1.00 42.94  ? 48  GLU A OE1 1 
ATOM   384  O OE2 . GLU A 1 48  ? -15.926 -2.862  5.970   1.00 38.59  ? 48  GLU A OE2 1 
ATOM   385  N N   . SER A 1 49  ? -11.245 1.352   7.141   1.00 15.58  ? 49  SER A N   1 
ATOM   386  C CA  . SER A 1 49  ? -10.294 2.239   7.843   1.00 16.79  ? 49  SER A CA  1 
ATOM   387  C C   . SER A 1 49  ? -10.231 3.675   7.370   1.00 22.33  ? 49  SER A C   1 
ATOM   388  O O   . SER A 1 49  ? -10.160 4.598   8.183   1.00 32.53  ? 49  SER A O   1 
ATOM   389  C CB  . SER A 1 49  ? -8.886  1.727   7.815   1.00 18.70  ? 49  SER A CB  1 
ATOM   390  O OG  . SER A 1 49  ? -8.785  0.748   8.824   1.00 39.66  ? 49  SER A OG  1 
ATOM   391  N N   . ILE A 1 50  ? -10.252 3.842   6.059   1.00 24.54  ? 50  ILE A N   1 
ATOM   392  C CA  . ILE A 1 50  ? -10.181 5.105   5.360   1.00 25.04  ? 50  ILE A CA  1 
ATOM   393  C C   . ILE A 1 50  ? -11.453 5.956   5.340   1.00 25.50  ? 50  ILE A C   1 
ATOM   394  O O   . ILE A 1 50  ? -11.394 7.182   5.325   1.00 23.46  ? 50  ILE A O   1 
ATOM   395  C CB  . ILE A 1 50  ? -9.691  4.808   3.991   1.00 20.90  ? 50  ILE A CB  1 
ATOM   396  C CG1 . ILE A 1 50  ? -8.190  4.845   4.083   1.00 18.06  ? 50  ILE A CG1 1 
ATOM   397  C CG2 . ILE A 1 50  ? -10.214 5.885   3.077   1.00 31.86  ? 50  ILE A CG2 1 
ATOM   398  C CD1 . ILE A 1 50  ? -7.484  4.336   2.825   1.00 18.59  ? 50  ILE A CD1 1 
ATOM   399  N N   . GLY A 1 51  ? -12.603 5.303   5.338   1.00 26.36  ? 51  GLY A N   1 
ATOM   400  C CA  . GLY A 1 51  ? -13.895 5.982   5.341   1.00 24.56  ? 51  GLY A CA  1 
ATOM   401  C C   . GLY A 1 51  ? -14.355 6.753   4.100   1.00 23.78  ? 51  GLY A C   1 
ATOM   402  O O   . GLY A 1 51  ? -15.520 7.134   3.981   1.00 24.76  ? 51  GLY A O   1 
ATOM   403  N N   . ARG A 1 52  ? -13.497 7.022   3.154   1.00 20.45  ? 52  ARG A N   1 
ATOM   404  C CA  . ARG A 1 52  ? -14.000 7.760   2.018   1.00 23.19  ? 52  ARG A CA  1 
ATOM   405  C C   . ARG A 1 52  ? -13.116 7.460   0.887   1.00 24.68  ? 52  ARG A C   1 
ATOM   406  O O   . ARG A 1 52  ? -11.923 7.272   1.121   1.00 24.05  ? 52  ARG A O   1 
ATOM   407  C CB  . ARG A 1 52  ? -14.031 9.261   2.267   1.00 34.07  ? 52  ARG A CB  1 
ATOM   408  C CG  . ARG A 1 52  ? -12.701 9.821   2.755   1.00 49.30  ? 52  ARG A CG  1 
ATOM   409  C CD  . ARG A 1 52  ? -11.702 10.004  1.623   1.00 66.36  ? 52  ARG A CD  1 
ATOM   410  N NE  . ARG A 1 52  ? -10.294 10.004  2.033   1.00 79.57  ? 52  ARG A NE  1 
ATOM   411  C CZ  . ARG A 1 52  ? -9.508  11.092  2.061   1.00 84.90  ? 52  ARG A CZ  1 
ATOM   412  N NH1 . ARG A 1 52  ? -9.961  12.309  1.709   1.00 81.97  ? 52  ARG A NH1 1 
ATOM   413  N NH2 . ARG A 1 52  ? -8.230  10.954  2.452   1.00 87.46  ? 52  ARG A NH2 1 
ATOM   414  N N   . PRO A 1 53  ? -13.717 7.402   -0.291  1.00 23.37  ? 53  PRO A N   1 
ATOM   415  C CA  . PRO A 1 53  ? -13.006 7.122   -1.534  1.00 18.18  ? 53  PRO A CA  1 
ATOM   416  C C   . PRO A 1 53  ? -11.783 7.963   -1.549  1.00 9.06   ? 53  PRO A C   1 
ATOM   417  O O   . PRO A 1 53  ? -11.772 9.067   -1.065  1.00 25.60  ? 53  PRO A O   1 
ATOM   418  C CB  . PRO A 1 53  ? -13.933 7.616   -2.641  1.00 21.08  ? 53  PRO A CB  1 
ATOM   419  C CG  . PRO A 1 53  ? -15.302 7.892   -1.997  1.00 15.91  ? 53  PRO A CG  1 
ATOM   420  C CD  . PRO A 1 53  ? -15.141 7.741   -0.491  1.00 16.75  ? 53  PRO A CD  1 
ATOM   421  N N   . LEU A 1 54  ? -10.727 7.486   -2.035  1.00 6.56   ? 54  LEU A N   1 
ATOM   422  C CA  . LEU A 1 54  ? -9.624  8.350   -2.012  1.00 14.67  ? 54  LEU A CA  1 
ATOM   423  C C   . LEU A 1 54  ? -9.719  9.200   -3.256  1.00 15.29  ? 54  LEU A C   1 
ATOM   424  O O   . LEU A 1 54  ? -9.735  8.670   -4.390  1.00 11.43  ? 54  LEU A O   1 
ATOM   425  C CB  . LEU A 1 54  ? -8.354  7.544   -2.218  1.00 23.08  ? 54  LEU A CB  1 
ATOM   426  C CG  . LEU A 1 54  ? -7.535  7.094   -1.047  1.00 22.49  ? 54  LEU A CG  1 
ATOM   427  C CD1 . LEU A 1 54  ? -6.147  6.898   -1.636  1.00 28.39  ? 54  LEU A CD1 1 
ATOM   428  C CD2 . LEU A 1 54  ? -7.544  8.042   0.145   1.00 19.36  ? 54  LEU A CD2 1 
ATOM   429  N N   . PRO A 1 55  ? -9.749  10.517  -3.076  1.00 20.82  ? 55  PRO A N   1 
ATOM   430  C CA  . PRO A 1 55  ? -9.866  11.394  -4.256  1.00 20.69  ? 55  PRO A CA  1 
ATOM   431  C C   . PRO A 1 55  ? -8.812  11.273  -5.314  1.00 13.12  ? 55  PRO A C   1 
ATOM   432  O O   . PRO A 1 55  ? -7.642  11.036  -4.997  1.00 15.53  ? 55  PRO A O   1 
ATOM   433  C CB  . PRO A 1 55  ? -9.780  12.847  -3.752  1.00 20.69  ? 55  PRO A CB  1 
ATOM   434  C CG  . PRO A 1 55  ? -9.087  12.762  -2.404  1.00 22.53  ? 55  PRO A CG  1 
ATOM   435  C CD  . PRO A 1 55  ? -9.286  11.324  -1.903  1.00 20.27  ? 55  PRO A CD  1 
ATOM   436  N N   . GLY A 1 56  ? -9.236  11.473  -6.573  1.00 9.72   ? 56  GLY A N   1 
ATOM   437  C CA  . GLY A 1 56  ? -8.340  11.454  -7.749  1.00 8.70   ? 56  GLY A CA  1 
ATOM   438  C C   . GLY A 1 56  ? -7.727  10.137  -8.191  1.00 13.09  ? 56  GLY A C   1 
ATOM   439  O O   . GLY A 1 56  ? -6.735  10.111  -8.948  1.00 11.29  ? 56  GLY A O   1 
ATOM   440  N N   . ARG A 1 57  ? -8.355  9.064   -7.735  1.00 3.91   ? 57  ARG A N   1 
ATOM   441  C CA  . ARG A 1 57  ? -7.902  7.759   -8.046  1.00 6.05   ? 57  ARG A CA  1 
ATOM   442  C C   . ARG A 1 57  ? -9.106  6.831   -8.234  1.00 8.86   ? 57  ARG A C   1 
ATOM   443  O O   . ARG A 1 57  ? -10.155 7.100   -7.680  1.00 2.05   ? 57  ARG A O   1 
ATOM   444  C CB  . ARG A 1 57  ? -7.073  7.333   -6.827  1.00 2.09   ? 57  ARG A CB  1 
ATOM   445  C CG  . ARG A 1 57  ? -5.592  7.573   -6.960  1.00 3.30   ? 57  ARG A CG  1 
ATOM   446  C CD  . ARG A 1 57  ? -4.966  7.743   -5.578  1.00 11.50  ? 57  ARG A CD  1 
ATOM   447  N NE  . ARG A 1 57  ? -5.577  8.901   -4.894  1.00 8.03   ? 57  ARG A NE  1 
ATOM   448  C CZ  . ARG A 1 57  ? -5.230  9.411   -3.720  1.00 3.16   ? 57  ARG A CZ  1 
ATOM   449  N NH1 . ARG A 1 57  ? -4.250  8.940   -2.944  1.00 10.05  ? 57  ARG A NH1 1 
ATOM   450  N NH2 . ARG A 1 57  ? -5.890  10.445  -3.287  1.00 4.12   ? 57  ARG A NH2 1 
ATOM   451  N N   . LYS A 1 58  ? -9.015  5.745   -9.010  1.00 9.45   ? 58  LYS A N   1 
ATOM   452  C CA  . LYS A 1 58  ? -10.186 4.884   -9.129  1.00 10.80  ? 58  LYS A CA  1 
ATOM   453  C C   . LYS A 1 58  ? -10.110 3.875   -7.937  1.00 21.88  ? 58  LYS A C   1 
ATOM   454  O O   . LYS A 1 58  ? -9.198  3.048   -7.897  1.00 26.06  ? 58  LYS A O   1 
ATOM   455  C CB  . LYS A 1 58  ? -10.190 4.156   -10.451 1.00 12.30  ? 58  LYS A CB  1 
ATOM   456  C CG  . LYS A 1 58  ? -11.429 3.283   -10.656 1.00 13.54  ? 58  LYS A CG  1 
ATOM   457  C CD  . LYS A 1 58  ? -11.112 2.055   -11.517 1.00 24.24  ? 58  LYS A CD  1 
ATOM   458  C CE  . LYS A 1 58  ? -12.138 1.666   -12.603 1.00 29.13  ? 58  LYS A CE  1 
ATOM   459  N NZ  . LYS A 1 58  ? -11.660 1.773   -14.006 1.00 29.83  ? 58  LYS A NZ  1 
ATOM   460  N N   . ASN A 1 59  ? -11.032 3.932   -6.939  1.00 17.47  ? 59  ASN A N   1 
ATOM   461  C CA  . ASN A 1 59  ? -10.999 3.014   -5.774  1.00 10.47  ? 59  ASN A CA  1 
ATOM   462  C C   . ASN A 1 59  ? -11.679 1.670   -5.954  1.00 11.45  ? 59  ASN A C   1 
ATOM   463  O O   . ASN A 1 59  ? -12.908 1.570   -6.064  1.00 12.41  ? 59  ASN A O   1 
ATOM   464  C CB  . ASN A 1 59  ? -11.517 3.698   -4.481  1.00 12.71  ? 59  ASN A CB  1 
ATOM   465  C CG  . ASN A 1 59  ? -10.727 4.977   -4.064  1.00 13.89  ? 59  ASN A CG  1 
ATOM   466  O OD1 . ASN A 1 59  ? -10.442 5.180   -2.874  1.00 11.81  ? 59  ASN A OD1 1 
ATOM   467  N ND2 . ASN A 1 59  ? -10.426 5.879   -5.012  1.00 1.00   ? 59  ASN A ND2 1 
ATOM   468  N N   . ILE A 1 60  ? -10.911 0.587   -5.976  1.00 8.64   ? 60  ILE A N   1 
ATOM   469  C CA  . ILE A 1 60  ? -11.554 -0.728  -6.146  1.00 2.40   ? 60  ILE A CA  1 
ATOM   470  C C   . ILE A 1 60  ? -11.435 -1.576  -4.910  1.00 1.00   ? 60  ILE A C   1 
ATOM   471  O O   . ILE A 1 60  ? -10.332 -1.760  -4.384  1.00 1.00   ? 60  ILE A O   1 
ATOM   472  C CB  . ILE A 1 60  ? -10.919 -1.398  -7.335  1.00 4.28   ? 60  ILE A CB  1 
ATOM   473  C CG1 . ILE A 1 60  ? -11.091 -0.567  -8.609  1.00 4.76   ? 60  ILE A CG1 1 
ATOM   474  C CG2 . ILE A 1 60  ? -11.020 -2.927  -7.434  1.00 1.58   ? 60  ILE A CG2 1 
ATOM   475  C CD1 . ILE A 1 60  ? -10.002 -0.841  -9.596  1.00 1.69   ? 60  ILE A CD1 1 
ATOM   476  N N   . ILE A 1 61  ? -12.569 -2.092  -4.432  1.00 5.85   ? 61  ILE A N   1 
ATOM   477  C CA  . ILE A 1 61  ? -12.574 -2.933  -3.221  1.00 3.34   ? 61  ILE A CA  1 
ATOM   478  C C   . ILE A 1 61  ? -12.689 -4.439  -3.520  1.00 13.18  ? 61  ILE A C   1 
ATOM   479  O O   . ILE A 1 61  ? -13.708 -4.989  -4.041  1.00 10.89  ? 61  ILE A O   1 
ATOM   480  C CB  . ILE A 1 61  ? -13.642 -2.559  -2.161  1.00 17.72  ? 61  ILE A CB  1 
ATOM   481  C CG1 . ILE A 1 61  ? -13.612 -1.163  -1.551  1.00 24.92  ? 61  ILE A CG1 1 
ATOM   482  C CG2 . ILE A 1 61  ? -13.537 -3.507  -0.973  1.00 24.40  ? 61  ILE A CG2 1 
ATOM   483  C CD1 . ILE A 1 61  ? -12.784 -0.126  -2.277  1.00 31.99  ? 61  ILE A CD1 1 
ATOM   484  N N   . LEU A 1 62  ? -11.613 -5.125  -3.157  1.00 9.67   ? 62  LEU A N   1 
ATOM   485  C CA  . LEU A 1 62  ? -11.570 -6.542  -3.338  1.00 9.98   ? 62  LEU A CA  1 
ATOM   486  C C   . LEU A 1 62  ? -12.214 -7.158  -2.133  1.00 10.22  ? 62  LEU A C   1 
ATOM   487  O O   . LEU A 1 62  ? -11.757 -6.984  -0.997  1.00 12.19  ? 62  LEU A O   1 
ATOM   488  C CB  . LEU A 1 62  ? -10.117 -7.007  -3.454  1.00 16.34  ? 62  LEU A CB  1 
ATOM   489  C CG  . LEU A 1 62  ? -10.069 -8.474  -3.213  1.00 15.88  ? 62  LEU A CG  1 
ATOM   490  C CD1 . LEU A 1 62  ? -11.091 -9.121  -4.116  1.00 14.37  ? 62  LEU A CD1 1 
ATOM   491  C CD2 . LEU A 1 62  ? -8.668  -8.979  -3.508  1.00 25.40  ? 62  LEU A CD2 1 
ATOM   492  N N   . SER A 1 63  ? -13.291 -7.871  -2.337  1.00 5.62   ? 63  SER A N   1 
ATOM   493  C CA  . SER A 1 63  ? -13.928 -8.448  -1.163  1.00 17.19  ? 63  SER A CA  1 
ATOM   494  C C   . SER A 1 63  ? -14.854 -9.527  -1.540  1.00 12.69  ? 63  SER A C   1 
ATOM   495  O O   . SER A 1 63  ? -15.375 -9.510  -2.627  1.00 28.61  ? 63  SER A O   1 
ATOM   496  C CB  . SER A 1 63  ? -14.680 -7.461  -0.269  1.00 19.02  ? 63  SER A CB  1 
ATOM   497  O OG  . SER A 1 63  ? -15.698 -8.128  0.510   1.00 21.99  ? 63  SER A OG  1 
ATOM   498  N N   . SER A 1 64  ? -15.049 -10.441 -0.624  1.00 16.20  ? 64  SER A N   1 
ATOM   499  C CA  . SER A 1 64  ? -15.924 -11.570 -0.832  1.00 27.55  ? 64  SER A CA  1 
ATOM   500  C C   . SER A 1 64  ? -17.425 -11.310 -0.680  1.00 32.74  ? 64  SER A C   1 
ATOM   501  O O   . SER A 1 64  ? -18.226 -11.988 -1.309  1.00 33.42  ? 64  SER A O   1 
ATOM   502  C CB  . SER A 1 64  ? -15.491 -12.726 0.025   1.00 30.99  ? 64  SER A CB  1 
ATOM   503  O OG  . SER A 1 64  ? -16.336 -13.796 -0.307  1.00 42.65  ? 64  SER A OG  1 
ATOM   504  N N   . GLN A 1 65  ? -17.792 -10.334 0.162   1.00 40.71  ? 65  GLN A N   1 
ATOM   505  C CA  . GLN A 1 65  ? -19.178 -9.937  0.442   1.00 38.85  ? 65  GLN A CA  1 
ATOM   506  C C   . GLN A 1 65  ? -19.660 -8.860  -0.513  1.00 34.64  ? 65  GLN A C   1 
ATOM   507  O O   . GLN A 1 65  ? -18.890 -8.084  -1.035  1.00 29.98  ? 65  GLN A O   1 
ATOM   508  C CB  . GLN A 1 65  ? -19.314 -9.350  1.860   1.00 41.91  ? 65  GLN A CB  1 
ATOM   509  C CG  . GLN A 1 65  ? -19.234 -10.399 2.986   1.00 53.21  ? 65  GLN A CG  1 
ATOM   510  C CD  . GLN A 1 65  ? -17.857 -10.634 3.619   1.00 65.48  ? 65  GLN A CD  1 
ATOM   511  O OE1 . GLN A 1 65  ? -17.178 -9.713  4.121   1.00 64.43  ? 65  GLN A OE1 1 
ATOM   512  N NE2 . GLN A 1 65  ? -17.474 -11.910 3.688   1.00 72.69  ? 65  GLN A NE2 1 
ATOM   513  N N   . PRO A 1 66  ? -20.950 -8.787  -0.735  1.00 34.35  ? 66  PRO A N   1 
ATOM   514  C CA  . PRO A 1 66  ? -21.417 -7.772  -1.635  1.00 34.02  ? 66  PRO A CA  1 
ATOM   515  C C   . PRO A 1 66  ? -21.099 -6.384  -1.059  1.00 26.05  ? 66  PRO A C   1 
ATOM   516  O O   . PRO A 1 66  ? -20.912 -6.207  0.148   1.00 26.66  ? 66  PRO A O   1 
ATOM   517  C CB  . PRO A 1 66  ? -22.915 -8.032  -1.805  1.00 33.45  ? 66  PRO A CB  1 
ATOM   518  C CG  . PRO A 1 66  ? -23.202 -9.260  -0.968  1.00 33.72  ? 66  PRO A CG  1 
ATOM   519  C CD  . PRO A 1 66  ? -22.091 -9.296  0.052   1.00 30.27  ? 66  PRO A CD  1 
ATOM   520  N N   . GLY A 1 67  ? -21.011 -5.395  -1.940  1.00 18.14  ? 67  GLY A N   1 
ATOM   521  C CA  . GLY A 1 67  ? -20.693 -4.046  -1.498  1.00 30.56  ? 67  GLY A CA  1 
ATOM   522  C C   . GLY A 1 67  ? -21.794 -3.373  -0.709  1.00 40.58  ? 67  GLY A C   1 
ATOM   523  O O   . GLY A 1 67  ? -22.936 -3.824  -0.711  1.00 58.33  ? 67  GLY A O   1 
ATOM   524  N N   . THR A 1 68  ? -21.443 -2.270  -0.055  1.00 37.14  ? 68  THR A N   1 
ATOM   525  C CA  . THR A 1 68  ? -22.352 -1.477  0.770   1.00 25.97  ? 68  THR A CA  1 
ATOM   526  C C   . THR A 1 68  ? -22.189 0.026   0.530   1.00 22.07  ? 68  THR A C   1 
ATOM   527  O O   . THR A 1 68  ? -22.516 0.849   1.426   1.00 22.07  ? 68  THR A O   1 
ATOM   528  C CB  . THR A 1 68  ? -22.054 -1.752  2.263   1.00 40.75  ? 68  THR A CB  1 
ATOM   529  O OG1 . THR A 1 68  ? -20.670 -1.574  2.535   1.00 55.62  ? 68  THR A OG1 1 
ATOM   530  C CG2 . THR A 1 68  ? -22.498 -3.144  2.723   1.00 36.33  ? 68  THR A CG2 1 
ATOM   531  N N   . ASP A 1 69  ? -21.683 0.396   -0.658  1.00 10.65  ? 69  ASP A N   1 
ATOM   532  C CA  . ASP A 1 69  ? -21.485 1.800   -0.915  1.00 8.11   ? 69  ASP A CA  1 
ATOM   533  C C   . ASP A 1 69  ? -21.223 2.149   -2.372  1.00 13.19  ? 69  ASP A C   1 
ATOM   534  O O   . ASP A 1 69  ? -20.185 1.782   -2.900  1.00 21.00  ? 69  ASP A O   1 
ATOM   535  C CB  . ASP A 1 69  ? -20.336 2.250   -0.031  1.00 1.18   ? 69  ASP A CB  1 
ATOM   536  C CG  . ASP A 1 69  ? -19.962 3.693   -0.149  1.00 9.38   ? 69  ASP A CG  1 
ATOM   537  O OD1 . ASP A 1 69  ? -20.232 4.414   -1.054  1.00 7.41   ? 69  ASP A OD1 1 
ATOM   538  O OD2 . ASP A 1 69  ? -19.308 4.111   0.861   1.00 19.47  ? 69  ASP A OD2 1 
ATOM   539  N N   . ASP A 1 70  ? -22.137 2.880   -3.022  1.00 13.96  ? 70  ASP A N   1 
ATOM   540  C CA  . ASP A 1 70  ? -21.975 3.271   -4.453  1.00 19.56  ? 70  ASP A CA  1 
ATOM   541  C C   . ASP A 1 70  ? -20.769 4.106   -4.825  1.00 15.15  ? 70  ASP A C   1 
ATOM   542  O O   . ASP A 1 70  ? -20.398 4.153   -5.982  1.00 19.57  ? 70  ASP A O   1 
ATOM   543  C CB  . ASP A 1 70  ? -23.183 3.862   -5.194  1.00 27.68  ? 70  ASP A CB  1 
ATOM   544  C CG  . ASP A 1 70  ? -24.443 3.041   -5.135  1.00 50.43  ? 70  ASP A CG  1 
ATOM   545  O OD1 . ASP A 1 70  ? -24.465 1.824   -5.236  1.00 52.86  ? 70  ASP A OD1 1 
ATOM   546  O OD2 . ASP A 1 70  ? -25.520 3.787   -4.967  1.00 61.67  ? 70  ASP A OD2 1 
ATOM   547  N N   . ARG A 1 71  ? -20.133 4.786   -3.902  1.00 13.43  ? 71  ARG A N   1 
ATOM   548  C CA  . ARG A 1 71  ? -18.982 5.568   -4.331  1.00 15.55  ? 71  ARG A CA  1 
ATOM   549  C C   . ARG A 1 71  ? -17.787 4.717   -4.854  1.00 13.44  ? 71  ARG A C   1 
ATOM   550  O O   . ARG A 1 71  ? -16.813 5.199   -5.472  1.00 5.93   ? 71  ARG A O   1 
ATOM   551  C CB  . ARG A 1 71  ? -18.569 6.584   -3.252  1.00 13.40  ? 71  ARG A CB  1 
ATOM   552  C CG  . ARG A 1 71  ? -19.739 7.421   -2.709  1.00 10.45  ? 71  ARG A CG  1 
ATOM   553  C CD  . ARG A 1 71  ? -20.043 7.189   -1.233  1.00 17.17  ? 71  ARG A CD  1 
ATOM   554  N NE  . ARG A 1 71  ? -19.187 8.038   -0.452  1.00 20.32  ? 71  ARG A NE  1 
ATOM   555  C CZ  . ARG A 1 71  ? -18.586 7.791   0.691   1.00 24.55  ? 71  ARG A CZ  1 
ATOM   556  N NH1 . ARG A 1 71  ? -18.669 6.631   1.353   1.00 15.78  ? 71  ARG A NH1 1 
ATOM   557  N NH2 . ARG A 1 71  ? -17.861 8.802   1.174   1.00 34.91  ? 71  ARG A NH2 1 
ATOM   558  N N   . VAL A 1 72  ? -17.835 3.408   -4.625  1.00 5.36   ? 72  VAL A N   1 
ATOM   559  C CA  . VAL A 1 72  ? -16.716 2.603   -5.083  1.00 8.84   ? 72  VAL A CA  1 
ATOM   560  C C   . VAL A 1 72  ? -17.072 1.382   -5.941  1.00 13.81  ? 72  VAL A C   1 
ATOM   561  O O   . VAL A 1 72  ? -18.250 1.033   -6.191  1.00 14.55  ? 72  VAL A O   1 
ATOM   562  C CB  . VAL A 1 72  ? -15.873 2.169   -3.873  1.00 12.73  ? 72  VAL A CB  1 
ATOM   563  C CG1 . VAL A 1 72  ? -15.336 3.383   -3.128  1.00 12.25  ? 72  VAL A CG1 1 
ATOM   564  C CG2 . VAL A 1 72  ? -16.682 1.291   -2.887  1.00 4.45   ? 72  VAL A CG2 1 
ATOM   565  N N   . THR A 1 73  ? -15.993 0.742   -6.402  1.00 11.84  ? 73  THR A N   1 
ATOM   566  C CA  . THR A 1 73  ? -16.097 -0.437  -7.247  1.00 7.95   ? 73  THR A CA  1 
ATOM   567  C C   . THR A 1 73  ? -15.781 -1.681  -6.487  1.00 12.26  ? 73  THR A C   1 
ATOM   568  O O   . THR A 1 73  ? -14.640 -1.876  -6.083  1.00 15.76  ? 73  THR A O   1 
ATOM   569  C CB  . THR A 1 73  ? -15.136 -0.339  -8.415  1.00 9.53   ? 73  THR A CB  1 
ATOM   570  O OG1 . THR A 1 73  ? -15.220 0.984   -8.903  1.00 9.99   ? 73  THR A OG1 1 
ATOM   571  C CG2 . THR A 1 73  ? -15.444 -1.407  -9.468  1.00 5.89   ? 73  THR A CG2 1 
ATOM   572  N N   . TRP A 1 74  ? -16.789 -2.519  -6.313  1.00 11.82  ? 74  TRP A N   1 
ATOM   573  C CA  . TRP A 1 74  ? -16.558 -3.740  -5.597  1.00 12.90  ? 74  TRP A CA  1 
ATOM   574  C C   . TRP A 1 74  ? -16.177 -4.864  -6.537  1.00 22.97  ? 74  TRP A C   1 
ATOM   575  O O   . TRP A 1 74  ? -16.849 -5.055  -7.576  1.00 10.88  ? 74  TRP A O   1 
ATOM   576  C CB  . TRP A 1 74  ? -17.776 -4.141  -4.796  1.00 7.68   ? 74  TRP A CB  1 
ATOM   577  C CG  . TRP A 1 74  ? -18.080 -3.029  -3.883  1.00 17.37  ? 74  TRP A CG  1 
ATOM   578  C CD1 . TRP A 1 74  ? -18.644 -1.826  -4.210  1.00 7.74   ? 74  TRP A CD1 1 
ATOM   579  C CD2 . TRP A 1 74  ? -17.799 -3.020  -2.487  1.00 21.45  ? 74  TRP A CD2 1 
ATOM   580  N NE1 . TRP A 1 74  ? -18.720 -1.049  -3.079  1.00 15.63  ? 74  TRP A NE1 1 
ATOM   581  C CE2 . TRP A 1 74  ? -18.234 -1.759  -1.999  1.00 24.52  ? 74  TRP A CE2 1 
ATOM   582  C CE3 . TRP A 1 74  ? -17.232 -3.954  -1.609  1.00 18.25  ? 74  TRP A CE3 1 
ATOM   583  C CZ2 . TRP A 1 74  ? -18.112 -1.433  -0.630  1.00 26.92  ? 74  TRP A CZ2 1 
ATOM   584  C CZ3 . TRP A 1 74  ? -17.106 -3.628  -0.270  1.00 15.89  ? 74  TRP A CZ3 1 
ATOM   585  C CH2 . TRP A 1 74  ? -17.543 -2.380  0.210   1.00 21.48  ? 74  TRP A CH2 1 
ATOM   586  N N   . VAL A 1 75  ? -15.097 -5.572  -6.132  1.00 22.92  ? 75  VAL A N   1 
ATOM   587  C CA  . VAL A 1 75  ? -14.591 -6.683  -6.898  1.00 22.68  ? 75  VAL A CA  1 
ATOM   588  C C   . VAL A 1 75  ? -14.640 -8.043  -6.128  1.00 18.52  ? 75  VAL A C   1 
ATOM   589  O O   . VAL A 1 75  ? -14.561 -8.083  -4.914  1.00 6.11   ? 75  VAL A O   1 
ATOM   590  C CB  . VAL A 1 75  ? -13.323 -6.206  -7.638  1.00 16.13  ? 75  VAL A CB  1 
ATOM   591  C CG1 . VAL A 1 75  ? -12.082 -7.070  -7.459  1.00 13.18  ? 75  VAL A CG1 1 
ATOM   592  C CG2 . VAL A 1 75  ? -13.646 -5.816  -9.091  1.00 10.79  ? 75  VAL A CG2 1 
ATOM   593  N N   . LYS A 1 76  ? -14.810 -9.197  -6.783  1.00 21.81  ? 76  LYS A N   1 
ATOM   594  C CA  . LYS A 1 76  ? -14.845 -10.461 -6.014  1.00 21.55  ? 76  LYS A CA  1 
ATOM   595  C C   . LYS A 1 76  ? -13.549 -11.294 -6.153  1.00 21.81  ? 76  LYS A C   1 
ATOM   596  O O   . LYS A 1 76  ? -13.460 -12.387 -5.599  1.00 8.73   ? 76  LYS A O   1 
ATOM   597  C CB  . LYS A 1 76  ? -16.058 -11.352 -6.263  1.00 24.46  ? 76  LYS A CB  1 
ATOM   598  C CG  . LYS A 1 76  ? -17.346 -10.800 -5.673  1.00 38.82  ? 76  LYS A CG  1 
ATOM   599  C CD  . LYS A 1 76  ? -18.457 -11.838 -5.575  1.00 48.42  ? 76  LYS A CD  1 
ATOM   600  C CE  . LYS A 1 76  ? -19.269 -11.713 -4.288  1.00 58.89  ? 76  LYS A CE  1 
ATOM   601  N NZ  . LYS A 1 76  ? -19.767 -13.006 -3.774  1.00 63.28  ? 76  LYS A NZ  1 
ATOM   602  N N   . SER A 1 77  ? -12.525 -10.809 -6.891  1.00 17.45  ? 77  SER A N   1 
ATOM   603  C CA  . SER A 1 77  ? -11.332 -11.615 -7.019  1.00 12.49  ? 77  SER A CA  1 
ATOM   604  C C   . SER A 1 77  ? -10.159 -10.895 -7.653  1.00 16.40  ? 77  SER A C   1 
ATOM   605  O O   . SER A 1 77  ? -10.323 -9.826  -8.224  1.00 26.22  ? 77  SER A O   1 
ATOM   606  C CB  . SER A 1 77  ? -11.626 -12.943 -7.750  1.00 12.92  ? 77  SER A CB  1 
ATOM   607  O OG  . SER A 1 77  ? -12.321 -12.764 -8.985  1.00 13.75  ? 77  SER A OG  1 
ATOM   608  N N   . VAL A 1 78  ? -8.971  -11.500 -7.545  1.00 15.07  ? 78  VAL A N   1 
ATOM   609  C CA  . VAL A 1 78  ? -7.734  -10.930 -8.094  1.00 16.21  ? 78  VAL A CA  1 
ATOM   610  C C   . VAL A 1 78  ? -7.908  -10.574 -9.550  1.00 9.09   ? 78  VAL A C   1 
ATOM   611  O O   . VAL A 1 78  ? -7.631  -9.449  -9.996  1.00 10.35  ? 78  VAL A O   1 
ATOM   612  C CB  . VAL A 1 78  ? -6.483  -11.791 -7.865  1.00 3.75   ? 78  VAL A CB  1 
ATOM   613  C CG1 . VAL A 1 78  ? -5.278  -10.940 -8.186  1.00 3.51   ? 78  VAL A CG1 1 
ATOM   614  C CG2 . VAL A 1 78  ? -6.422  -12.171 -6.392  1.00 9.15   ? 78  VAL A CG2 1 
ATOM   615  N N   . ASP A 1 79  ? -8.395  -11.578 -10.245 1.00 5.12   ? 79  ASP A N   1 
ATOM   616  C CA  . ASP A 1 79  ? -8.663  -11.498 -11.634 1.00 15.22  ? 79  ASP A CA  1 
ATOM   617  C C   . ASP A 1 79  ? -9.711  -10.362 -11.928 1.00 18.94  ? 79  ASP A C   1 
ATOM   618  O O   . ASP A 1 79  ? -9.482  -9.448  -12.721 1.00 10.26  ? 79  ASP A O   1 
ATOM   619  C CB  . ASP A 1 79  ? -8.938  -12.954 -12.109 1.00 23.74  ? 79  ASP A CB  1 
ATOM   620  C CG  . ASP A 1 79  ? -7.626  -13.781 -12.150 1.00 38.26  ? 79  ASP A CG  1 
ATOM   621  O OD1 . ASP A 1 79  ? -6.551  -13.300 -12.491 1.00 38.86  ? 79  ASP A OD1 1 
ATOM   622  O OD2 . ASP A 1 79  ? -7.719  -15.048 -11.767 1.00 42.31  ? 79  ASP A OD2 1 
ATOM   623  N N   . GLU A 1 80  ? -10.853 -10.389 -11.248 1.00 11.36  ? 80  GLU A N   1 
ATOM   624  C CA  . GLU A 1 80  ? -11.856 -9.399  -11.443 1.00 8.05   ? 80  GLU A CA  1 
ATOM   625  C C   . GLU A 1 80  ? -11.364 -7.968  -11.284 1.00 7.68   ? 80  GLU A C   1 
ATOM   626  O O   . GLU A 1 80  ? -11.729 -7.060  -12.046 1.00 8.34   ? 80  GLU A O   1 
ATOM   627  C CB  . GLU A 1 80  ? -13.048 -9.675  -10.492 1.00 12.87  ? 80  GLU A CB  1 
ATOM   628  C CG  . GLU A 1 80  ? -14.336 -8.851  -10.778 1.00 18.02  ? 80  GLU A CG  1 
ATOM   629  C CD  . GLU A 1 80  ? -15.581 -9.388  -10.082 1.00 29.23  ? 80  GLU A CD  1 
ATOM   630  O OE1 . GLU A 1 80  ? -15.454 -10.611 -9.597  1.00 34.59  ? 80  GLU A OE1 1 
ATOM   631  O OE2 . GLU A 1 80  ? -16.632 -8.767  -10.028 1.00 34.26  ? 80  GLU A OE2 1 
ATOM   632  N N   . ALA A 1 81  ? -10.537 -7.778  -10.287 1.00 6.07   ? 81  ALA A N   1 
ATOM   633  C CA  . ALA A 1 81  ? -9.941  -6.490  -9.901  1.00 8.50   ? 81  ALA A CA  1 
ATOM   634  C C   . ALA A 1 81  ? -8.957  -5.871  -10.865 1.00 15.45  ? 81  ALA A C   1 
ATOM   635  O O   . ALA A 1 81  ? -8.833  -4.630  -11.016 1.00 10.56  ? 81  ALA A O   1 
ATOM   636  C CB  . ALA A 1 81  ? -9.242  -6.732  -8.571  1.00 7.08   ? 81  ALA A CB  1 
ATOM   637  N N   . ILE A 1 82  ? -8.230  -6.778  -11.498 1.00 13.46  ? 82  ILE A N   1 
ATOM   638  C CA  . ILE A 1 82  ? -7.241  -6.424  -12.482 1.00 13.41  ? 82  ILE A CA  1 
ATOM   639  C C   . ILE A 1 82  ? -7.961  -6.025  -13.777 1.00 14.84  ? 82  ILE A C   1 
ATOM   640  O O   . ILE A 1 82  ? -7.586  -5.087  -14.476 1.00 18.56  ? 82  ILE A O   1 
ATOM   641  C CB  . ILE A 1 82  ? -6.384  -7.644  -12.767 1.00 23.75  ? 82  ILE A CB  1 
ATOM   642  C CG1 . ILE A 1 82  ? -5.671  -8.080  -11.515 1.00 19.60  ? 82  ILE A CG1 1 
ATOM   643  C CG2 . ILE A 1 82  ? -5.380  -7.350  -13.875 1.00 22.46  ? 82  ILE A CG2 1 
ATOM   644  C CD1 . ILE A 1 82  ? -4.234  -8.366  -11.850 1.00 8.88   ? 82  ILE A CD1 1 
ATOM   645  N N   . ALA A 1 83  ? -9.027  -6.778  -14.073 1.00 16.81  ? 83  ALA A N   1 
ATOM   646  C CA  . ALA A 1 83  ? -9.858  -6.556  -15.224 1.00 15.59  ? 83  ALA A CA  1 
ATOM   647  C C   . ALA A 1 83  ? -10.517 -5.190  -15.100 1.00 15.74  ? 83  ALA A C   1 
ATOM   648  O O   . ALA A 1 83  ? -10.395 -4.367  -16.014 1.00 19.99  ? 83  ALA A O   1 
ATOM   649  C CB  . ALA A 1 83  ? -10.905 -7.629  -15.302 1.00 1.47   ? 83  ALA A CB  1 
ATOM   650  N N   . ALA A 1 84  ? -11.187 -4.961  -13.955 1.00 8.03   ? 84  ALA A N   1 
ATOM   651  C CA  . ALA A 1 84  ? -11.850 -3.682  -13.671 1.00 6.08   ? 84  ALA A CA  1 
ATOM   652  C C   . ALA A 1 84  ? -10.913 -2.496  -13.926 1.00 10.46  ? 84  ALA A C   1 
ATOM   653  O O   . ALA A 1 84  ? -11.310 -1.394  -14.271 1.00 5.90   ? 84  ALA A O   1 
ATOM   654  C CB  . ALA A 1 84  ? -12.332 -3.618  -12.244 1.00 1.00   ? 84  ALA A CB  1 
ATOM   655  N N   . CYS A 1 85  ? -9.633  -2.754  -13.728 1.00 20.63  ? 85  CYS A N   1 
ATOM   656  C CA  . CYS A 1 85  ? -8.586  -1.791  -13.922 1.00 17.41  ? 85  CYS A CA  1 
ATOM   657  C C   . CYS A 1 85  ? -8.459  -1.426  -15.391 1.00 16.50  ? 85  CYS A C   1 
ATOM   658  O O   . CYS A 1 85  ? -8.092  -0.310  -15.725 1.00 26.49  ? 85  CYS A O   1 
ATOM   659  C CB  . CYS A 1 85  ? -7.270  -2.254  -13.261 1.00 12.09  ? 85  CYS A CB  1 
ATOM   660  S SG  . CYS A 1 85  ? -7.416  -2.046  -11.451 1.00 13.78  ? 85  CYS A SG  1 
ATOM   661  N N   . GLY A 1 86  ? -8.775  -2.336  -16.301 1.00 18.20  ? 86  GLY A N   1 
ATOM   662  C CA  . GLY A 1 86  ? -8.657  -1.963  -17.697 1.00 19.94  ? 86  GLY A CA  1 
ATOM   663  C C   . GLY A 1 86  ? -7.193  -1.746  -18.126 1.00 20.60  ? 86  GLY A C   1 
ATOM   664  O O   . GLY A 1 86  ? -6.238  -2.217  -17.504 1.00 22.92  ? 86  GLY A O   1 
ATOM   665  N N   . ASP A 1 87  ? -6.967  -1.037  -19.214 1.00 20.30  ? 87  ASP A N   1 
ATOM   666  C CA  . ASP A 1 87  ? -5.577  -0.863  -19.606 1.00 32.65  ? 87  ASP A CA  1 
ATOM   667  C C   . ASP A 1 87  ? -4.931  0.371   -19.060 1.00 21.02  ? 87  ASP A C   1 
ATOM   668  O O   . ASP A 1 87  ? -5.195  1.446   -19.575 1.00 36.14  ? 87  ASP A O   1 
ATOM   669  C CB  . ASP A 1 87  ? -5.451  -0.850  -21.131 1.00 56.36  ? 87  ASP A CB  1 
ATOM   670  C CG  . ASP A 1 87  ? -5.286  -2.233  -21.666 1.00 75.52  ? 87  ASP A CG  1 
ATOM   671  O OD1 . ASP A 1 87  ? -4.431  -2.925  -20.943 1.00 84.69  ? 87  ASP A OD1 1 
ATOM   672  O OD2 . ASP A 1 87  ? -5.882  -2.658  -22.648 1.00 80.40  ? 87  ASP A OD2 1 
ATOM   673  N N   . VAL A 1 88  ? -4.090  0.229   -18.052 1.00 8.31   ? 88  VAL A N   1 
ATOM   674  C CA  . VAL A 1 88  ? -3.382  1.370   -17.426 1.00 12.21  ? 88  VAL A CA  1 
ATOM   675  C C   . VAL A 1 88  ? -1.964  0.948   -17.319 1.00 9.40   ? 88  VAL A C   1 
ATOM   676  O O   . VAL A 1 88  ? -1.674  -0.218  -17.437 1.00 13.67  ? 88  VAL A O   1 
ATOM   677  C CB  . VAL A 1 88  ? -3.952  1.906   -16.087 1.00 11.56  ? 88  VAL A CB  1 
ATOM   678  C CG1 . VAL A 1 88  ? -5.401  2.332   -16.337 1.00 14.99  ? 88  VAL A CG1 1 
ATOM   679  C CG2 . VAL A 1 88  ? -4.035  0.836   -14.978 1.00 3.15   ? 88  VAL A CG2 1 
ATOM   680  N N   . PRO A 1 89  ? -1.076  1.852   -17.123 1.00 2.05   ? 89  PRO A N   1 
ATOM   681  C CA  . PRO A 1 89  ? 0.305   1.452   -17.029 1.00 4.89   ? 89  PRO A CA  1 
ATOM   682  C C   . PRO A 1 89  ? 0.726   0.908   -15.649 1.00 13.26  ? 89  PRO A C   1 
ATOM   683  O O   . PRO A 1 89  ? 1.726   0.145   -15.465 1.00 8.11   ? 89  PRO A O   1 
ATOM   684  C CB  . PRO A 1 89  ? 1.091   2.738   -17.342 1.00 5.41   ? 89  PRO A CB  1 
ATOM   685  C CG  . PRO A 1 89  ? 0.112   3.845   -17.705 1.00 2.82   ? 89  PRO A CG  1 
ATOM   686  C CD  . PRO A 1 89  ? -1.288  3.257   -17.529 1.00 1.00   ? 89  PRO A CD  1 
ATOM   687  N N   . GLU A 1 90  ? -0.044  1.321   -14.646 1.00 9.83   ? 90  GLU A N   1 
ATOM   688  C CA  . GLU A 1 90  ? 0.264   0.913   -13.303 1.00 10.14  ? 90  GLU A CA  1 
ATOM   689  C C   . GLU A 1 90  ? -0.971  0.811   -12.380 1.00 16.36  ? 90  GLU A C   1 
ATOM   690  O O   . GLU A 1 90  ? -1.840  1.664   -12.362 1.00 21.14  ? 90  GLU A O   1 
ATOM   691  C CB  . GLU A 1 90  ? 1.358   1.891   -12.793 1.00 1.00   ? 90  GLU A CB  1 
ATOM   692  C CG  . GLU A 1 90  ? 2.105   1.486   -11.506 1.00 11.68  ? 90  GLU A CG  1 
ATOM   693  C CD  . GLU A 1 90  ? 3.212   2.461   -11.135 1.00 12.92  ? 90  GLU A CD  1 
ATOM   694  O OE1 . GLU A 1 90  ? 3.164   3.670   -11.350 1.00 20.57  ? 90  GLU A OE1 1 
ATOM   695  O OE2 . GLU A 1 90  ? 4.158   1.912   -10.426 1.00 7.71   ? 90  GLU A OE2 1 
ATOM   696  N N   . ILE A 1 91  ? -1.024  -0.276  -11.612 1.00 9.21   ? 91  ILE A N   1 
ATOM   697  C CA  . ILE A 1 91  ? -2.067  -0.587  -10.647 1.00 12.53  ? 91  ILE A CA  1 
ATOM   698  C C   . ILE A 1 91  ? -1.411  -0.561  -9.304  1.00 14.77  ? 91  ILE A C   1 
ATOM   699  O O   . ILE A 1 91  ? -0.424  -1.277  -9.077  1.00 12.71  ? 91  ILE A O   1 
ATOM   700  C CB  . ILE A 1 91  ? -2.617  -1.979  -10.914 1.00 11.15  ? 91  ILE A CB  1 
ATOM   701  C CG1 . ILE A 1 91  ? -3.217  -1.904  -12.334 1.00 5.01   ? 91  ILE A CG1 1 
ATOM   702  C CG2 . ILE A 1 91  ? -3.659  -2.257  -9.847  1.00 14.12  ? 91  ILE A CG2 1 
ATOM   703  C CD1 . ILE A 1 91  ? -3.802  -3.179  -12.892 1.00 1.00   ? 91  ILE A CD1 1 
ATOM   704  N N   . MET A 1 92  ? -1.905  0.257   -8.413  1.00 14.28  ? 92  MET A N   1 
ATOM   705  C CA  . MET A 1 92  ? -1.245  0.284   -7.129  1.00 13.49  ? 92  MET A CA  1 
ATOM   706  C C   . MET A 1 92  ? -1.957  -0.557  -6.098  1.00 7.78   ? 92  MET A C   1 
ATOM   707  O O   . MET A 1 92  ? -3.100  -0.253  -5.837  1.00 7.02   ? 92  MET A O   1 
ATOM   708  C CB  . MET A 1 92  ? -1.202  1.742   -6.659  1.00 8.57   ? 92  MET A CB  1 
ATOM   709  C CG  . MET A 1 92  ? -0.516  2.629   -7.670  1.00 10.21  ? 92  MET A CG  1 
ATOM   710  S SD  . MET A 1 92  ? 1.308   2.438   -7.825  1.00 16.08  ? 92  MET A SD  1 
ATOM   711  C CE  . MET A 1 92  ? 1.957   2.798   -6.168  1.00 13.47  ? 92  MET A CE  1 
ATOM   712  N N   . VAL A 1 93  ? -1.342  -1.586  -5.511  1.00 5.61   ? 93  VAL A N   1 
ATOM   713  C CA  . VAL A 1 93  ? -2.050  -2.351  -4.493  1.00 5.15   ? 93  VAL A CA  1 
ATOM   714  C C   . VAL A 1 93  ? -1.722  -1.674  -3.154  1.00 6.11   ? 93  VAL A C   1 
ATOM   715  O O   . VAL A 1 93  ? -0.544  -1.424  -2.917  1.00 11.61  ? 93  VAL A O   1 
ATOM   716  C CB  . VAL A 1 93  ? -1.728  -3.829  -4.462  1.00 1.00   ? 93  VAL A CB  1 
ATOM   717  C CG1 . VAL A 1 93  ? -2.274  -4.484  -3.185  1.00 1.00   ? 93  VAL A CG1 1 
ATOM   718  C CG2 . VAL A 1 93  ? -2.449  -4.413  -5.633  1.00 1.00   ? 93  VAL A CG2 1 
ATOM   719  N N   . ILE A 1 94  ? -2.742  -1.362  -2.321  1.00 1.00   ? 94  ILE A N   1 
ATOM   720  C CA  . ILE A 1 94  ? -2.548  -0.701  -1.019  1.00 1.00   ? 94  ILE A CA  1 
ATOM   721  C C   . ILE A 1 94  ? -2.839  -1.518  0.231   1.00 15.08  ? 94  ILE A C   1 
ATOM   722  O O   . ILE A 1 94  ? -2.823  -0.957  1.318   1.00 14.32  ? 94  ILE A O   1 
ATOM   723  C CB  . ILE A 1 94  ? -3.176  0.662   -0.851  1.00 1.00   ? 94  ILE A CB  1 
ATOM   724  C CG1 . ILE A 1 94  ? -4.686  0.499   -1.033  1.00 5.80   ? 94  ILE A CG1 1 
ATOM   725  C CG2 . ILE A 1 94  ? -2.607  1.600   -1.890  1.00 1.00   ? 94  ILE A CG2 1 
ATOM   726  C CD1 . ILE A 1 94  ? -5.500  1.812   -0.916  1.00 2.62   ? 94  ILE A CD1 1 
ATOM   727  N N   . GLY A 1 95  ? -3.082  -2.825  0.103   1.00 22.33  ? 95  GLY A N   1 
ATOM   728  C CA  . GLY A 1 95  ? -3.331  -3.613  1.281   1.00 19.64  ? 95  GLY A CA  1 
ATOM   729  C C   . GLY A 1 95  ? -4.788  -3.832  1.416   1.00 20.67  ? 95  GLY A C   1 
ATOM   730  O O   . GLY A 1 95  ? -5.540  -3.391  0.526   1.00 27.55  ? 95  GLY A O   1 
ATOM   731  N N   . GLY A 1 96  ? -5.161  -4.508  2.513   1.00 10.88  ? 96  GLY A N   1 
ATOM   732  C CA  . GLY A 1 96  ? -4.234  -4.998  3.558   1.00 13.24  ? 96  GLY A CA  1 
ATOM   733  C C   . GLY A 1 96  ? -3.288  -6.177  3.236   1.00 17.57  ? 96  GLY A C   1 
ATOM   734  O O   . GLY A 1 96  ? -2.940  -6.453  2.073   1.00 29.64  ? 96  GLY A O   1 
ATOM   735  N N   . GLY A 1 97  ? -2.878  -6.854  4.315   1.00 10.02  ? 97  GLY A N   1 
ATOM   736  C CA  . GLY A 1 97  ? -1.968  -7.992  4.318   1.00 8.35   ? 97  GLY A CA  1 
ATOM   737  C C   . GLY A 1 97  ? -2.312  -9.104  3.338   1.00 8.68   ? 97  GLY A C   1 
ATOM   738  O O   . GLY A 1 97  ? -1.492  -9.463  2.505   1.00 15.40  ? 97  GLY A O   1 
ATOM   739  N N   . ARG A 1 98  ? -3.520  -9.628  3.463   1.00 12.31  ? 98  ARG A N   1 
ATOM   740  C CA  . ARG A 1 98  ? -4.011  -10.694 2.602   1.00 18.24  ? 98  ARG A CA  1 
ATOM   741  C C   . ARG A 1 98  ? -3.899  -10.267 1.171   1.00 17.37  ? 98  ARG A C   1 
ATOM   742  O O   . ARG A 1 98  ? -3.615  -11.092 0.296   1.00 9.14   ? 98  ARG A O   1 
ATOM   743  C CB  . ARG A 1 98  ? -5.481  -10.942 2.852   1.00 22.48  ? 98  ARG A CB  1 
ATOM   744  C CG  . ARG A 1 98  ? -5.704  -12.295 3.485   1.00 43.68  ? 98  ARG A CG  1 
ATOM   745  C CD  . ARG A 1 98  ? -5.394  -13.458 2.541   1.00 50.77  ? 98  ARG A CD  1 
ATOM   746  N NE  . ARG A 1 98  ? -6.549  -14.249 2.115   1.00 50.65  ? 98  ARG A NE  1 
ATOM   747  C CZ  . ARG A 1 98  ? -6.480  -14.997 1.023   1.00 49.62  ? 98  ARG A CZ  1 
ATOM   748  N NH1 . ARG A 1 98  ? -5.354  -15.021 0.304   1.00 50.12  ? 98  ARG A NH1 1 
ATOM   749  N NH2 . ARG A 1 98  ? -7.533  -15.724 0.641   1.00 41.77  ? 98  ARG A NH2 1 
ATOM   750  N N   . VAL A 1 99  ? -4.161  -8.944  1.027   1.00 7.90   ? 99  VAL A N   1 
ATOM   751  C CA  . VAL A 1 99  ? -4.132  -8.232  -0.213  1.00 4.43   ? 99  VAL A CA  1 
ATOM   752  C C   . VAL A 1 99  ? -2.793  -8.265  -0.778  1.00 6.38   ? 99  VAL A C   1 
ATOM   753  O O   . VAL A 1 99  ? -2.569  -8.693  -1.901  1.00 11.88  ? 99  VAL A O   1 
ATOM   754  C CB  . VAL A 1 99  ? -4.686  -6.842  -0.077  1.00 4.35   ? 99  VAL A CB  1 
ATOM   755  C CG1 . VAL A 1 99  ? -4.602  -6.197  -1.459  1.00 11.20  ? 99  VAL A CG1 1 
ATOM   756  C CG2 . VAL A 1 99  ? -6.146  -7.158  0.195   1.00 7.50   ? 99  VAL A CG2 1 
ATOM   757  N N   . TYR A 1 100 ? -1.901  -7.840  0.050   1.00 10.63  ? 100 TYR A N   1 
ATOM   758  C CA  . TYR A 1 100 ? -0.513  -7.818  -0.323  1.00 22.38  ? 100 TYR A CA  1 
ATOM   759  C C   . TYR A 1 100 ? -0.004  -9.133  -0.940  1.00 21.10  ? 100 TYR A C   1 
ATOM   760  O O   . TYR A 1 100 ? 0.497   -9.174  -2.109  1.00 16.38  ? 100 TYR A O   1 
ATOM   761  C CB  . TYR A 1 100 ? 0.254   -7.375  0.913   1.00 17.39  ? 100 TYR A CB  1 
ATOM   762  C CG  . TYR A 1 100 ? 0.200   -5.878  1.081   1.00 11.65  ? 100 TYR A CG  1 
ATOM   763  C CD1 . TYR A 1 100 ? 0.388   -5.022  -0.005  1.00 7.40   ? 100 TYR A CD1 1 
ATOM   764  C CD2 . TYR A 1 100 ? 0.006   -5.321  2.344   1.00 11.38  ? 100 TYR A CD2 1 
ATOM   765  C CE1 . TYR A 1 100 ? 0.385   -3.625  0.097   1.00 1.00   ? 100 TYR A CE1 1 
ATOM   766  C CE2 . TYR A 1 100 ? -0.005  -3.930  2.459   1.00 16.83  ? 100 TYR A CE2 1 
ATOM   767  C CZ  . TYR A 1 100 ? 0.176   -3.080  1.363   1.00 8.65   ? 100 TYR A CZ  1 
ATOM   768  O OH  . TYR A 1 100 ? 0.154   -1.718  1.541   1.00 16.73  ? 100 TYR A OH  1 
ATOM   769  N N   . GLU A 1 101 ? -0.159  -10.211 -0.152  1.00 13.72  ? 101 GLU A N   1 
ATOM   770  C CA  . GLU A 1 101 ? 0.264   -11.546 -0.573  1.00 16.40  ? 101 GLU A CA  1 
ATOM   771  C C   . GLU A 1 101 ? -0.436  -12.038 -1.847  1.00 16.39  ? 101 GLU A C   1 
ATOM   772  O O   . GLU A 1 101 ? 0.159   -12.671 -2.720  1.00 21.87  ? 101 GLU A O   1 
ATOM   773  C CB  . GLU A 1 101 ? -0.052  -12.592 0.489   1.00 13.29  ? 101 GLU A CB  1 
ATOM   774  C CG  . GLU A 1 101 ? -0.271  -12.047 1.898   1.00 15.85  ? 101 GLU A CG  1 
ATOM   775  C CD  . GLU A 1 101 ? -0.441  -13.262 2.778   1.00 29.23  ? 101 GLU A CD  1 
ATOM   776  O OE1 . GLU A 1 101 ? -0.433  -14.386 2.283   1.00 38.53  ? 101 GLU A OE1 1 
ATOM   777  O OE2 . GLU A 1 101 ? -0.586  -13.015 4.075   1.00 22.41  ? 101 GLU A OE2 1 
ATOM   778  N N   . GLN A 1 102 ? -1.725  -11.767 -1.936  1.00 3.58   ? 102 GLN A N   1 
ATOM   779  C CA  . GLN A 1 102 ? -2.433  -12.189 -3.094  1.00 7.43   ? 102 GLN A CA  1 
ATOM   780  C C   . GLN A 1 102 ? -1.804  -11.531 -4.353  1.00 10.44  ? 102 GLN A C   1 
ATOM   781  O O   . GLN A 1 102 ? -1.813  -12.096 -5.424  1.00 10.47  ? 102 GLN A O   1 
ATOM   782  C CB  . GLN A 1 102 ? -3.975  -11.898 -2.973  1.00 1.00   ? 102 GLN A CB  1 
ATOM   783  C CG  . GLN A 1 102 ? -4.679  -12.611 -1.794  1.00 16.66  ? 102 GLN A CG  1 
ATOM   784  C CD  . GLN A 1 102 ? -6.215  -12.441 -1.643  1.00 23.73  ? 102 GLN A CD  1 
ATOM   785  O OE1 . GLN A 1 102 ? -7.002  -13.164 -2.258  1.00 16.45  ? 102 GLN A OE1 1 
ATOM   786  N NE2 . GLN A 1 102 ? -6.649  -11.690 -0.625  1.00 27.32  ? 102 GLN A NE2 1 
ATOM   787  N N   . PHE A 1 103 ? -1.228  -10.335 -4.258  1.00 6.19   ? 103 PHE A N   1 
ATOM   788  C CA  . PHE A 1 103 ? -0.695  -9.713  -5.463  1.00 3.79   ? 103 PHE A CA  1 
ATOM   789  C C   . PHE A 1 103 ? 0.785   -9.608  -5.740  1.00 7.59   ? 103 PHE A C   1 
ATOM   790  O O   . PHE A 1 103 ? 1.223   -9.313  -6.891  1.00 6.72   ? 103 PHE A O   1 
ATOM   791  C CB  . PHE A 1 103 ? -1.295  -8.307  -5.614  1.00 15.86  ? 103 PHE A CB  1 
ATOM   792  C CG  . PHE A 1 103 ? -2.766  -8.127  -5.924  1.00 9.94   ? 103 PHE A CG  1 
ATOM   793  C CD1 . PHE A 1 103 ? -3.725  -8.124  -4.901  1.00 8.82   ? 103 PHE A CD1 1 
ATOM   794  C CD2 . PHE A 1 103 ? -3.179  -7.934  -7.247  1.00 4.28   ? 103 PHE A CD2 1 
ATOM   795  C CE1 . PHE A 1 103 ? -5.086  -7.948  -5.180  1.00 1.00   ? 103 PHE A CE1 1 
ATOM   796  C CE2 . PHE A 1 103 ? -4.534  -7.747  -7.546  1.00 10.94  ? 103 PHE A CE2 1 
ATOM   797  C CZ  . PHE A 1 103 ? -5.485  -7.754  -6.511  1.00 1.68   ? 103 PHE A CZ  1 
ATOM   798  N N   . LEU A 1 104 ? 1.514   -9.795  -4.680  1.00 10.71  ? 104 LEU A N   1 
ATOM   799  C CA  . LEU A 1 104 ? 2.934   -9.750  -4.711  1.00 5.24   ? 104 LEU A CA  1 
ATOM   800  C C   . LEU A 1 104 ? 3.450   -10.578 -5.887  1.00 8.15   ? 104 LEU A C   1 
ATOM   801  O O   . LEU A 1 104 ? 4.195   -10.114 -6.740  1.00 12.16  ? 104 LEU A O   1 
ATOM   802  C CB  . LEU A 1 104 ? 3.314   -10.398 -3.397  1.00 8.34   ? 104 LEU A CB  1 
ATOM   803  C CG  . LEU A 1 104 ? 4.787   -10.474 -3.082  1.00 16.84  ? 104 LEU A CG  1 
ATOM   804  C CD1 . LEU A 1 104 ? 5.405   -9.109  -3.267  1.00 10.54  ? 104 LEU A CD1 1 
ATOM   805  C CD2 . LEU A 1 104 ? 4.909   -10.879 -1.619  1.00 21.77  ? 104 LEU A CD2 1 
ATOM   806  N N   . PRO A 1 105 ? 3.000   -11.809 -5.985  1.00 1.22   ? 105 PRO A N   1 
ATOM   807  C CA  . PRO A 1 105 ? 3.444   -12.624 -7.088  1.00 12.05  ? 105 PRO A CA  1 
ATOM   808  C C   . PRO A 1 105 ? 3.132   -12.056 -8.436  1.00 16.88  ? 105 PRO A C   1 
ATOM   809  O O   . PRO A 1 105 ? 3.532   -12.595 -9.471  1.00 18.18  ? 105 PRO A O   1 
ATOM   810  C CB  . PRO A 1 105 ? 2.668   -13.917 -7.020  1.00 4.18   ? 105 PRO A CB  1 
ATOM   811  C CG  . PRO A 1 105 ? 1.905   -13.895 -5.720  1.00 1.00   ? 105 PRO A CG  1 
ATOM   812  C CD  . PRO A 1 105 ? 1.904   -12.469 -5.260  1.00 1.00   ? 105 PRO A CD  1 
ATOM   813  N N   . LYS A 1 106 ? 2.388   -10.989 -8.433  1.00 14.73  ? 106 LYS A N   1 
ATOM   814  C CA  . LYS A 1 106 ? 2.075   -10.448 -9.689  1.00 7.89   ? 106 LYS A CA  1 
ATOM   815  C C   . LYS A 1 106 ? 2.794   -9.192  -9.815  1.00 8.87   ? 106 LYS A C   1 
ATOM   816  O O   . LYS A 1 106 ? 3.057   -8.750  -10.909 1.00 12.13  ? 106 LYS A O   1 
ATOM   817  C CB  . LYS A 1 106 ? 0.641   -10.173 -9.729  1.00 14.24  ? 106 LYS A CB  1 
ATOM   818  C CG  . LYS A 1 106 ? -0.158  -11.439 -9.757  1.00 10.88  ? 106 LYS A CG  1 
ATOM   819  C CD  . LYS A 1 106 ? -1.401  -11.118 -10.547 1.00 15.18  ? 106 LYS A CD  1 
ATOM   820  C CE  . LYS A 1 106 ? -1.948  -12.308 -11.291 1.00 18.40  ? 106 LYS A CE  1 
ATOM   821  N NZ  . LYS A 1 106 ? -2.405  -13.355 -10.372 1.00 31.62  ? 106 LYS A NZ  1 
ATOM   822  N N   . ALA A 1 107 ? 3.107   -8.624  -8.661  1.00 13.26  ? 107 ALA A N   1 
ATOM   823  C CA  . ALA A 1 107 ? 3.812   -7.374  -8.702  1.00 8.55   ? 107 ALA A CA  1 
ATOM   824  C C   . ALA A 1 107 ? 5.093   -7.473  -9.504  1.00 17.68  ? 107 ALA A C   1 
ATOM   825  O O   . ALA A 1 107 ? 5.638   -8.543  -9.731  1.00 19.40  ? 107 ALA A O   1 
ATOM   826  C CB  . ALA A 1 107 ? 4.137   -6.858  -7.311  1.00 7.07   ? 107 ALA A CB  1 
ATOM   827  N N   . GLN A 1 108 ? 5.549   -6.288  -9.918  1.00 24.45  ? 108 GLN A N   1 
ATOM   828  C CA  . GLN A 1 108 ? 6.751   -6.044  -10.669 1.00 15.98  ? 108 GLN A CA  1 
ATOM   829  C C   . GLN A 1 108 ? 7.459   -4.966  -9.922  1.00 11.88  ? 108 GLN A C   1 
ATOM   830  O O   . GLN A 1 108 ? 8.618   -4.643  -10.178 1.00 12.97  ? 108 GLN A O   1 
ATOM   831  C CB  . GLN A 1 108 ? 6.572   -5.485  -12.097 1.00 28.33  ? 108 GLN A CB  1 
ATOM   832  C CG  . GLN A 1 108 ? 6.859   -6.472  -13.273 1.00 44.88  ? 108 GLN A CG  1 
ATOM   833  C CD  . GLN A 1 108 ? 7.974   -7.536  -13.151 1.00 53.73  ? 108 GLN A CD  1 
ATOM   834  O OE1 . GLN A 1 108 ? 9.175   -7.295  -13.427 1.00 56.57  ? 108 GLN A OE1 1 
ATOM   835  N NE2 . GLN A 1 108 ? 7.544   -8.781  -12.899 1.00 57.21  ? 108 GLN A NE2 1 
ATOM   836  N N   . LYS A 1 109 ? 6.768   -4.402  -8.964  1.00 20.81  ? 109 LYS A N   1 
ATOM   837  C CA  . LYS A 1 109 ? 7.425   -3.340  -8.257  1.00 22.76  ? 109 LYS A CA  1 
ATOM   838  C C   . LYS A 1 109 ? 6.939   -3.057  -6.875  1.00 15.29  ? 109 LYS A C   1 
ATOM   839  O O   . LYS A 1 109 ? 5.790   -3.306  -6.522  1.00 2.67   ? 109 LYS A O   1 
ATOM   840  C CB  . LYS A 1 109 ? 7.092   -2.148  -9.035  1.00 13.83  ? 109 LYS A CB  1 
ATOM   841  C CG  . LYS A 1 109 ? 7.798   -0.964  -8.572  1.00 7.64   ? 109 LYS A CG  1 
ATOM   842  C CD  . LYS A 1 109 ? 7.985   -0.357  -9.902  1.00 19.42  ? 109 LYS A CD  1 
ATOM   843  C CE  . LYS A 1 109 ? 8.348   1.079   -9.929  1.00 30.60  ? 109 LYS A CE  1 
ATOM   844  N NZ  . LYS A 1 109 ? 8.215   1.484   -11.322 1.00 36.84  ? 109 LYS A NZ  1 
ATOM   845  N N   . LEU A 1 110 ? 7.858   -2.481  -6.128  1.00 15.60  ? 110 LEU A N   1 
ATOM   846  C CA  . LEU A 1 110 ? 7.525   -2.193  -4.776  1.00 16.64  ? 110 LEU A CA  1 
ATOM   847  C C   . LEU A 1 110 ? 7.826   -0.849  -4.203  1.00 20.38  ? 110 LEU A C   1 
ATOM   848  O O   . LEU A 1 110 ? 8.989   -0.375  -4.260  1.00 22.25  ? 110 LEU A O   1 
ATOM   849  C CB  . LEU A 1 110 ? 8.435   -3.085  -3.935  1.00 16.67  ? 110 LEU A CB  1 
ATOM   850  C CG  . LEU A 1 110 ? 8.198   -4.572  -4.058  1.00 18.29  ? 110 LEU A CG  1 
ATOM   851  C CD1 . LEU A 1 110 ? 9.030   -5.289  -2.980  1.00 25.90  ? 110 LEU A CD1 1 
ATOM   852  C CD2 . LEU A 1 110 ? 6.732   -4.853  -3.805  1.00 19.96  ? 110 LEU A CD2 1 
ATOM   853  N N   . TYR A 1 111 ? 6.779   -0.255  -3.606  1.00 8.81   ? 111 TYR A N   1 
ATOM   854  C CA  . TYR A 1 111 ? 7.038   1.031   -2.987  1.00 12.90  ? 111 TYR A CA  1 
ATOM   855  C C   . TYR A 1 111 ? 6.949   0.872   -1.452  1.00 16.51  ? 111 TYR A C   1 
ATOM   856  O O   . TYR A 1 111 ? 5.848   0.588   -0.877  1.00 10.27  ? 111 TYR A O   1 
ATOM   857  C CB  . TYR A 1 111 ? 6.199   2.208   -3.501  1.00 15.49  ? 111 TYR A CB  1 
ATOM   858  C CG  . TYR A 1 111 ? 6.129   2.517   -4.988  1.00 9.98   ? 111 TYR A CG  1 
ATOM   859  C CD1 . TYR A 1 111 ? 5.402   1.685   -5.840  1.00 4.46   ? 111 TYR A CD1 1 
ATOM   860  C CD2 . TYR A 1 111 ? 6.738   3.665   -5.504  1.00 6.22   ? 111 TYR A CD2 1 
ATOM   861  C CE1 . TYR A 1 111 ? 5.268   1.945   -7.195  1.00 4.19   ? 111 TYR A CE1 1 
ATOM   862  C CE2 . TYR A 1 111 ? 6.624   3.953   -6.872  1.00 12.19  ? 111 TYR A CE2 1 
ATOM   863  C CZ  . TYR A 1 111 ? 5.888   3.089   -7.702  1.00 14.93  ? 111 TYR A CZ  1 
ATOM   864  O OH  . TYR A 1 111 ? 5.779   3.353   -9.036  1.00 7.36   ? 111 TYR A OH  1 
ATOM   865  N N   . LEU A 1 112 ? 8.126   1.058   -0.799  1.00 16.49  ? 112 LEU A N   1 
ATOM   866  C CA  . LEU A 1 112 ? 8.207   0.908   0.641   1.00 6.39   ? 112 LEU A CA  1 
ATOM   867  C C   . LEU A 1 112 ? 8.889   1.990   1.408   1.00 11.39  ? 112 LEU A C   1 
ATOM   868  O O   . LEU A 1 112 ? 9.987   2.501   1.049   1.00 10.62  ? 112 LEU A O   1 
ATOM   869  C CB  . LEU A 1 112 ? 8.892   -0.403  1.058   1.00 2.25   ? 112 LEU A CB  1 
ATOM   870  C CG  . LEU A 1 112 ? 8.638   -1.582  0.095   1.00 10.80  ? 112 LEU A CG  1 
ATOM   871  C CD1 . LEU A 1 112 ? 9.651   -2.710  0.314   1.00 5.25   ? 112 LEU A CD1 1 
ATOM   872  C CD2 . LEU A 1 112 ? 7.209   -2.106  0.218   1.00 3.20   ? 112 LEU A CD2 1 
ATOM   873  N N   . THR A 1 113 ? 8.161   2.287   2.490   1.00 9.63   ? 113 THR A N   1 
ATOM   874  C CA  . THR A 1 113 ? 8.546   3.249   3.476   1.00 13.87  ? 113 THR A CA  1 
ATOM   875  C C   . THR A 1 113 ? 8.905   2.446   4.705   1.00 28.75  ? 113 THR A C   1 
ATOM   876  O O   . THR A 1 113 ? 8.012   1.805   5.292   1.00 19.56  ? 113 THR A O   1 
ATOM   877  C CB  . THR A 1 113 ? 7.469   4.218   3.840   1.00 11.11  ? 113 THR A CB  1 
ATOM   878  O OG1 . THR A 1 113 ? 6.814   4.574   2.632   1.00 10.82  ? 113 THR A OG1 1 
ATOM   879  C CG2 . THR A 1 113 ? 8.218   5.406   4.484   1.00 9.18   ? 113 THR A CG2 1 
ATOM   880  N N   . HIS A 1 114 ? 10.217  2.497   5.026   1.00 26.42  ? 114 HIS A N   1 
ATOM   881  C CA  . HIS A 1 114 ? 10.842  1.819   6.141   1.00 19.46  ? 114 HIS A CA  1 
ATOM   882  C C   . HIS A 1 114 ? 10.812  2.745   7.337   1.00 11.40  ? 114 HIS A C   1 
ATOM   883  O O   . HIS A 1 114 ? 11.494  3.745   7.340   1.00 15.92  ? 114 HIS A O   1 
ATOM   884  C CB  . HIS A 1 114 ? 12.283  1.340   5.776   1.00 15.66  ? 114 HIS A CB  1 
ATOM   885  C CG  . HIS A 1 114 ? 12.270  0.360   4.641   1.00 11.32  ? 114 HIS A CG  1 
ATOM   886  N ND1 . HIS A 1 114 ? 11.935  -0.978  4.838   1.00 8.14   ? 114 HIS A ND1 1 
ATOM   887  C CD2 . HIS A 1 114 ? 12.537  0.529   3.300   1.00 21.53  ? 114 HIS A CD2 1 
ATOM   888  C CE1 . HIS A 1 114 ? 12.000  -1.595  3.643   1.00 14.84  ? 114 HIS A CE1 1 
ATOM   889  N NE2 . HIS A 1 114 ? 12.361  -0.716  2.686   1.00 25.59  ? 114 HIS A NE2 1 
ATOM   890  N N   . ILE A 1 115 ? 10.027  2.437   8.340   1.00 12.90  ? 115 ILE A N   1 
ATOM   891  C CA  . ILE A 1 115 ? 9.961   3.318   9.491   1.00 20.57  ? 115 ILE A CA  1 
ATOM   892  C C   . ILE A 1 115 ? 10.688  2.882   10.765  1.00 23.02  ? 115 ILE A C   1 
ATOM   893  O O   . ILE A 1 115 ? 10.362  1.849   11.324  1.00 22.59  ? 115 ILE A O   1 
ATOM   894  C CB  . ILE A 1 115 ? 8.505   3.550   9.794   1.00 17.58  ? 115 ILE A CB  1 
ATOM   895  C CG1 . ILE A 1 115 ? 7.805   4.209   8.611   1.00 12.30  ? 115 ILE A CG1 1 
ATOM   896  C CG2 . ILE A 1 115 ? 8.295   4.350   11.080  1.00 12.93  ? 115 ILE A CG2 1 
ATOM   897  C CD1 . ILE A 1 115 ? 6.337   4.317   8.988   1.00 3.08   ? 115 ILE A CD1 1 
ATOM   898  N N   . ASP A 1 116 ? 11.661  3.678   11.243  1.00 26.24  ? 116 ASP A N   1 
ATOM   899  C CA  . ASP A 1 116 ? 12.393  3.342   12.469  1.00 30.03  ? 116 ASP A CA  1 
ATOM   900  C C   . ASP A 1 116 ? 11.492  3.393   13.751  1.00 25.84  ? 116 ASP A C   1 
ATOM   901  O O   . ASP A 1 116 ? 11.462  4.388   14.536  1.00 15.38  ? 116 ASP A O   1 
ATOM   902  C CB  . ASP A 1 116 ? 13.757  4.069   12.553  1.00 47.09  ? 116 ASP A CB  1 
ATOM   903  C CG  . ASP A 1 116 ? 14.471  4.038   13.892  1.00 64.57  ? 116 ASP A CG  1 
ATOM   904  O OD1 . ASP A 1 116 ? 14.817  2.994   14.440  1.00 70.70  ? 116 ASP A OD1 1 
ATOM   905  O OD2 . ASP A 1 116 ? 14.681  5.250   14.406  1.00 64.85  ? 116 ASP A OD2 1 
ATOM   906  N N   . ALA A 1 117 ? 10.746  2.250   13.935  1.00 19.62  ? 117 ALA A N   1 
ATOM   907  C CA  . ALA A 1 117 ? 9.820   2.059   15.034  1.00 25.24  ? 117 ALA A CA  1 
ATOM   908  C C   . ALA A 1 117 ? 9.418   0.619   15.325  1.00 31.42  ? 117 ALA A C   1 
ATOM   909  O O   . ALA A 1 117 ? 8.940   -0.090  14.446  1.00 34.57  ? 117 ALA A O   1 
ATOM   910  C CB  . ALA A 1 117 ? 8.560   2.839   14.712  1.00 33.47  ? 117 ALA A CB  1 
ATOM   911  N N   . GLU A 1 118 ? 9.597   0.205   16.584  1.00 39.04  ? 118 GLU A N   1 
ATOM   912  C CA  . GLU A 1 118 ? 9.241   -1.146  17.019  1.00 40.08  ? 118 GLU A CA  1 
ATOM   913  C C   . GLU A 1 118 ? 7.817   -1.129  17.489  1.00 41.10  ? 118 GLU A C   1 
ATOM   914  O O   . GLU A 1 118 ? 7.506   -0.307  18.339  1.00 51.83  ? 118 GLU A O   1 
ATOM   915  C CB  . GLU A 1 118 ? 10.115  -1.687  18.192  1.00 37.72  ? 118 GLU A CB  1 
ATOM   916  C CG  . GLU A 1 118 ? 11.538  -1.095  18.265  1.00 29.34  ? 118 GLU A CG  1 
ATOM   917  C CD  . GLU A 1 118 ? 12.357  -1.585  19.419  0.00 24.85  ? 118 GLU A CD  1 
ATOM   918  O OE1 . GLU A 1 118 ? 11.686  -2.362  20.233  0.00 21.41  ? 118 GLU A OE1 1 
ATOM   919  O OE2 . GLU A 1 118 ? 13.526  -1.278  19.576  0.00 21.41  ? 118 GLU A OE2 1 
ATOM   920  N N   . VAL A 1 119 ? 6.958   -2.005  16.960  1.00 39.91  ? 119 VAL A N   1 
ATOM   921  C CA  . VAL A 1 119 ? 5.568   -2.025  17.410  1.00 40.83  ? 119 VAL A CA  1 
ATOM   922  C C   . VAL A 1 119 ? 4.897   -3.371  17.320  1.00 42.00  ? 119 VAL A C   1 
ATOM   923  O O   . VAL A 1 119 ? 5.221   -4.202  16.465  1.00 37.07  ? 119 VAL A O   1 
ATOM   924  C CB  . VAL A 1 119 ? 4.609   -0.994  16.837  1.00 30.63  ? 119 VAL A CB  1 
ATOM   925  C CG1 . VAL A 1 119 ? 5.308   0.281   16.426  1.00 29.94  ? 119 VAL A CG1 1 
ATOM   926  C CG2 . VAL A 1 119 ? 3.817   -1.622  15.706  1.00 28.44  ? 119 VAL A CG2 1 
ATOM   927  N N   . GLU A 1 120 ? 3.937   -3.549  18.232  1.00 53.65  ? 120 GLU A N   1 
ATOM   928  C CA  . GLU A 1 120 ? 3.202   -4.788  18.270  1.00 64.78  ? 120 GLU A CA  1 
ATOM   929  C C   . GLU A 1 120 ? 2.036   -4.831  17.330  1.00 61.61  ? 120 GLU A C   1 
ATOM   930  O O   . GLU A 1 120 ? 1.044   -4.094  17.409  1.00 62.34  ? 120 GLU A O   1 
ATOM   931  C CB  . GLU A 1 120 ? 2.886   -5.448  19.621  1.00 68.60  ? 120 GLU A CB  1 
ATOM   932  C CG  . GLU A 1 120 ? 2.988   -6.976  19.450  1.00 72.19  ? 120 GLU A CG  1 
ATOM   933  C CD  . GLU A 1 120 ? 1.808   -7.774  19.921  1.00 75.03  ? 120 GLU A CD  1 
ATOM   934  O OE1 . GLU A 1 120 ? 0.784   -7.265  20.389  1.00 75.20  ? 120 GLU A OE1 1 
ATOM   935  O OE2 . GLU A 1 120 ? 2.008   -9.073  19.730  1.00 71.95  ? 120 GLU A OE2 1 
ATOM   936  N N   . GLY A 1 121 ? 2.191   -5.743  16.423  1.00 53.87  ? 121 GLY A N   1 
ATOM   937  C CA  . GLY A 1 121 ? 1.168   -5.876  15.487  1.00 49.35  ? 121 GLY A CA  1 
ATOM   938  C C   . GLY A 1 121 ? 0.914   -7.304  15.161  1.00 44.02  ? 121 GLY A C   1 
ATOM   939  O O   . GLY A 1 121 ? 1.708   -8.199  15.333  1.00 49.18  ? 121 GLY A O   1 
ATOM   940  N N   . ASP A 1 122 ? -0.252  -7.419  14.679  1.00 46.84  ? 122 ASP A N   1 
ATOM   941  C CA  . ASP A 1 122 ? -0.895  -8.575  14.224  1.00 55.06  ? 122 ASP A CA  1 
ATOM   942  C C   . ASP A 1 122 ? -0.238  -9.081  12.931  1.00 49.08  ? 122 ASP A C   1 
ATOM   943  O O   . ASP A 1 122 ? 0.455   -10.104 12.861  1.00 44.33  ? 122 ASP A O   1 
ATOM   944  C CB  . ASP A 1 122 ? -2.203  -7.895  13.794  1.00 63.93  ? 122 ASP A CB  1 
ATOM   945  C CG  . ASP A 1 122 ? -3.417  -8.696  14.019  1.00 64.85  ? 122 ASP A CG  1 
ATOM   946  O OD1 . ASP A 1 122 ? -3.442  -9.625  14.790  1.00 63.43  ? 122 ASP A OD1 1 
ATOM   947  O OD2 . ASP A 1 122 ? -4.426  -8.267  13.303  1.00 68.48  ? 122 ASP A OD2 1 
ATOM   948  N N   . THR A 1 123 ? -0.507  -8.284  11.899  1.00 40.38  ? 123 THR A N   1 
ATOM   949  C CA  . THR A 1 123 ? -0.083  -8.479  10.530  1.00 32.30  ? 123 THR A CA  1 
ATOM   950  C C   . THR A 1 123 ? 1.300   -8.008  10.125  1.00 19.68  ? 123 THR A C   1 
ATOM   951  O O   . THR A 1 123 ? 1.848   -7.088  10.710  1.00 23.39  ? 123 THR A O   1 
ATOM   952  C CB  . THR A 1 123 ? -1.222  -8.045  9.583   1.00 34.10  ? 123 THR A CB  1 
ATOM   953  O OG1 . THR A 1 123 ? -1.289  -6.637  9.466   1.00 37.72  ? 123 THR A OG1 1 
ATOM   954  C CG2 . THR A 1 123 ? -2.524  -8.490  10.234  1.00 38.96  ? 123 THR A CG2 1 
ATOM   955  N N   . HIS A 1 124 ? 1.836   -8.684  9.103   1.00 14.24  ? 124 HIS A N   1 
ATOM   956  C CA  . HIS A 1 124 ? 3.156   -8.432  8.523   1.00 22.54  ? 124 HIS A CA  1 
ATOM   957  C C   . HIS A 1 124 ? 3.127   -8.355  7.028   1.00 13.96  ? 124 HIS A C   1 
ATOM   958  O O   . HIS A 1 124 ? 2.335   -9.005  6.412   1.00 13.28  ? 124 HIS A O   1 
ATOM   959  C CB  . HIS A 1 124 ? 4.035   -9.637  8.791   1.00 26.58  ? 124 HIS A CB  1 
ATOM   960  C CG  . HIS A 1 124 ? 4.183   -9.694  10.240  1.00 38.64  ? 124 HIS A CG  1 
ATOM   961  N ND1 . HIS A 1 124 ? 5.384   -9.376  10.837  1.00 41.30  ? 124 HIS A ND1 1 
ATOM   962  C CD2 . HIS A 1 124 ? 3.263   -9.997  11.193  1.00 40.69  ? 124 HIS A CD2 1 
ATOM   963  C CE1 . HIS A 1 124 ? 5.179   -9.508  12.144  1.00 43.22  ? 124 HIS A CE1 1 
ATOM   964  N NE2 . HIS A 1 124 ? 3.919   -9.876  12.395  1.00 40.97  ? 124 HIS A NE2 1 
ATOM   965  N N   . PHE A 1 125 ? 3.981   -7.585  6.413   1.00 15.00  ? 125 PHE A N   1 
ATOM   966  C CA  . PHE A 1 125 ? 3.924   -7.571  4.974   1.00 15.69  ? 125 PHE A CA  1 
ATOM   967  C C   . PHE A 1 125 ? 4.560   -8.900  4.591   1.00 21.37  ? 125 PHE A C   1 
ATOM   968  O O   . PHE A 1 125 ? 5.367   -9.408  5.356   1.00 18.99  ? 125 PHE A O   1 
ATOM   969  C CB  . PHE A 1 125 ? 4.641   -6.313  4.456   1.00 18.89  ? 125 PHE A CB  1 
ATOM   970  C CG  . PHE A 1 125 ? 4.788   -6.182  2.979   1.00 20.07  ? 125 PHE A CG  1 
ATOM   971  C CD1 . PHE A 1 125 ? 3.738   -5.726  2.186   1.00 23.14  ? 125 PHE A CD1 1 
ATOM   972  C CD2 . PHE A 1 125 ? 5.997   -6.503  2.366   1.00 26.93  ? 125 PHE A CD2 1 
ATOM   973  C CE1 . PHE A 1 125 ? 3.882   -5.601  0.806   1.00 28.32  ? 125 PHE A CE1 1 
ATOM   974  C CE2 . PHE A 1 125 ? 6.161   -6.386  0.988   1.00 29.41  ? 125 PHE A CE2 1 
ATOM   975  C CZ  . PHE A 1 125 ? 5.096   -5.931  0.209   1.00 29.07  ? 125 PHE A CZ  1 
ATOM   976  N N   . PRO A 1 126 ? 4.187   -9.485  3.455   1.00 30.83  ? 126 PRO A N   1 
ATOM   977  C CA  . PRO A 1 126 ? 4.739   -10.770 3.049   1.00 25.58  ? 126 PRO A CA  1 
ATOM   978  C C   . PRO A 1 126 ? 6.258   -10.798 2.923   1.00 21.44  ? 126 PRO A C   1 
ATOM   979  O O   . PRO A 1 126 ? 6.815   -9.855  2.360   1.00 10.57  ? 126 PRO A O   1 
ATOM   980  C CB  . PRO A 1 126 ? 4.167   -11.037 1.663   1.00 22.76  ? 126 PRO A CB  1 
ATOM   981  C CG  . PRO A 1 126 ? 3.695   -9.699  1.112   1.00 23.66  ? 126 PRO A CG  1 
ATOM   982  C CD  . PRO A 1 126 ? 3.499   -8.801  2.319   1.00 25.96  ? 126 PRO A CD  1 
ATOM   983  N N   . ASP A 1 127 ? 6.887   -11.901 3.446   1.00 17.02  ? 127 ASP A N   1 
ATOM   984  C CA  . ASP A 1 127 ? 8.316   -12.034 3.364   1.00 28.71  ? 127 ASP A CA  1 
ATOM   985  C C   . ASP A 1 127 ? 8.622   -12.104 1.870   1.00 35.20  ? 127 ASP A C   1 
ATOM   986  O O   . ASP A 1 127 ? 8.203   -13.055 1.211   1.00 48.80  ? 127 ASP A O   1 
ATOM   987  C CB  . ASP A 1 127 ? 8.881   -13.268 4.164   1.00 34.84  ? 127 ASP A CB  1 
ATOM   988  C CG  . ASP A 1 127 ? 10.360  -13.182 4.595   1.00 44.59  ? 127 ASP A CG  1 
ATOM   989  O OD1 . ASP A 1 127 ? 10.988  -12.126 4.621   1.00 50.25  ? 127 ASP A OD1 1 
ATOM   990  O OD2 . ASP A 1 127 ? 10.922  -14.341 4.937   1.00 38.98  ? 127 ASP A OD2 1 
ATOM   991  N N   . TYR A 1 128 ? 9.318   -11.101 1.325   1.00 19.68  ? 128 TYR A N   1 
ATOM   992  C CA  . TYR A 1 128 ? 9.654   -11.091 -0.075  1.00 20.82  ? 128 TYR A CA  1 
ATOM   993  C C   . TYR A 1 128 ? 11.171  -11.334 -0.222  1.00 32.63  ? 128 TYR A C   1 
ATOM   994  O O   . TYR A 1 128 ? 11.999  -10.710 0.467   1.00 35.43  ? 128 TYR A O   1 
ATOM   995  C CB  . TYR A 1 128 ? 9.239   -9.742  -0.720  1.00 20.51  ? 128 TYR A CB  1 
ATOM   996  C CG  . TYR A 1 128 ? 10.135  -8.577  -0.293  1.00 12.90  ? 128 TYR A CG  1 
ATOM   997  C CD1 . TYR A 1 128 ? 11.285  -8.249  -1.004  1.00 8.27   ? 128 TYR A CD1 1 
ATOM   998  C CD2 . TYR A 1 128 ? 9.814   -7.824  0.825   1.00 13.15  ? 128 TYR A CD2 1 
ATOM   999  C CE1 . TYR A 1 128 ? 12.107  -7.188  -0.611  1.00 12.08  ? 128 TYR A CE1 1 
ATOM   1000 C CE2 . TYR A 1 128 ? 10.608  -6.763  1.244   1.00 14.95  ? 128 TYR A CE2 1 
ATOM   1001 C CZ  . TYR A 1 128 ? 11.773  -6.441  0.534   1.00 21.12  ? 128 TYR A CZ  1 
ATOM   1002 O OH  . TYR A 1 128 ? 12.559  -5.394  0.975   1.00 33.11  ? 128 TYR A OH  1 
ATOM   1003 N N   . GLU A 1 129 ? 11.569  -12.243 -1.120  1.00 31.47  ? 129 GLU A N   1 
ATOM   1004 C CA  . GLU A 1 129 ? 12.994  -12.532 -1.318  1.00 25.14  ? 129 GLU A CA  1 
ATOM   1005 C C   . GLU A 1 129 ? 13.832  -11.404 -1.922  1.00 22.65  ? 129 GLU A C   1 
ATOM   1006 O O   . GLU A 1 129 ? 13.753  -11.022 -3.097  1.00 24.35  ? 129 GLU A O   1 
ATOM   1007 C CB  . GLU A 1 129 ? 13.263  -13.861 -2.030  1.00 24.73  ? 129 GLU A CB  1 
ATOM   1008 C CG  . GLU A 1 129 ? 14.669  -14.400 -1.691  1.00 20.54  ? 129 GLU A CG  1 
ATOM   1009 C CD  . GLU A 1 129 ? 14.834  -14.892 -0.287  0.00 20.57  ? 129 GLU A CD  1 
ATOM   1010 O OE1 . GLU A 1 129 ? 13.779  -14.696 0.468   0.00 20.22  ? 129 GLU A OE1 1 
ATOM   1011 O OE2 . GLU A 1 129 ? 15.862  -15.417 0.100   0.00 20.22  ? 129 GLU A OE2 1 
ATOM   1012 N N   . PRO A 1 130 ? 14.686  -10.871 -1.088  1.00 30.24  ? 130 PRO A N   1 
ATOM   1013 C CA  . PRO A 1 130 ? 15.561  -9.768  -1.430  1.00 31.53  ? 130 PRO A CA  1 
ATOM   1014 C C   . PRO A 1 130 ? 16.479  -9.997  -2.609  1.00 35.20  ? 130 PRO A C   1 
ATOM   1015 O O   . PRO A 1 130 ? 16.955  -9.006  -3.179  1.00 47.21  ? 130 PRO A O   1 
ATOM   1016 C CB  . PRO A 1 130 ? 16.459  -9.552  -0.225  1.00 28.94  ? 130 PRO A CB  1 
ATOM   1017 C CG  . PRO A 1 130 ? 16.005  -10.569 0.791   1.00 34.04  ? 130 PRO A CG  1 
ATOM   1018 C CD  . PRO A 1 130 ? 15.282  -11.646 0.005   1.00 32.81  ? 130 PRO A CD  1 
ATOM   1019 N N   . ASP A 1 131 ? 16.740  -11.265 -2.956  1.00 29.40  ? 131 ASP A N   1 
ATOM   1020 C CA  . ASP A 1 131 ? 17.629  -11.561 -4.089  1.00 24.31  ? 131 ASP A CA  1 
ATOM   1021 C C   . ASP A 1 131 ? 16.891  -11.485 -5.390  1.00 23.35  ? 131 ASP A C   1 
ATOM   1022 O O   . ASP A 1 131 ? 17.522  -11.502 -6.436  1.00 18.43  ? 131 ASP A O   1 
ATOM   1023 C CB  . ASP A 1 131 ? 18.312  -12.934 -4.094  1.00 23.23  ? 131 ASP A CB  1 
ATOM   1024 C CG  . ASP A 1 131 ? 19.201  -13.360 -2.951  1.00 24.70  ? 131 ASP A CG  1 
ATOM   1025 O OD1 . ASP A 1 131 ? 19.951  -12.431 -2.347  1.00 25.39  ? 131 ASP A OD1 1 
ATOM   1026 O OD2 . ASP A 1 131 ? 19.265  -14.534 -2.699  1.00 25.26  ? 131 ASP A OD2 1 
ATOM   1027 N N   . ASP A 1 132 ? 15.555  -11.415 -5.291  1.00 21.89  ? 132 ASP A N   1 
ATOM   1028 C CA  . ASP A 1 132 ? 14.724  -11.336 -6.462  1.00 26.71  ? 132 ASP A CA  1 
ATOM   1029 C C   . ASP A 1 132 ? 14.373  -9.905  -6.873  1.00 20.73  ? 132 ASP A C   1 
ATOM   1030 O O   . ASP A 1 132 ? 13.926  -9.583  -7.993  1.00 19.55  ? 132 ASP A O   1 
ATOM   1031 C CB  . ASP A 1 132 ? 13.471  -12.170 -6.219  1.00 27.35  ? 132 ASP A CB  1 
ATOM   1032 C CG  . ASP A 1 132 ? 13.761  -13.629 -6.367  1.00 33.38  ? 132 ASP A CG  1 
ATOM   1033 O OD1 . ASP A 1 132 ? 14.884  -14.136 -6.346  1.00 38.75  ? 132 ASP A OD1 1 
ATOM   1034 O OD2 . ASP A 1 132 ? 12.679  -14.252 -6.708  1.00 33.34  ? 132 ASP A OD2 1 
ATOM   1035 N N   . TRP A 1 133 ? 14.592  -9.047  -5.919  1.00 15.79  ? 133 TRP A N   1 
ATOM   1036 C CA  . TRP A 1 133 ? 14.314  -7.657  -6.061  1.00 12.26  ? 133 TRP A CA  1 
ATOM   1037 C C   . TRP A 1 133 ? 15.579  -6.893  -6.038  1.00 19.21  ? 133 TRP A C   1 
ATOM   1038 O O   . TRP A 1 133 ? 16.491  -7.231  -5.284  1.00 22.52  ? 133 TRP A O   1 
ATOM   1039 C CB  . TRP A 1 133 ? 13.337  -7.215  -4.936  1.00 6.41   ? 133 TRP A CB  1 
ATOM   1040 C CG  . TRP A 1 133 ? 12.010  -7.942  -5.083  1.00 15.92  ? 133 TRP A CG  1 
ATOM   1041 C CD1 . TRP A 1 133 ? 11.708  -9.190  -4.606  1.00 20.40  ? 133 TRP A CD1 1 
ATOM   1042 C CD2 . TRP A 1 133 ? 10.814  -7.504  -5.797  1.00 9.33   ? 133 TRP A CD2 1 
ATOM   1043 N NE1 . TRP A 1 133 ? 10.413  -9.551  -4.959  1.00 16.98  ? 133 TRP A NE1 1 
ATOM   1044 C CE2 . TRP A 1 133 ? 9.850   -8.535  -5.697  1.00 15.20  ? 133 TRP A CE2 1 
ATOM   1045 C CE3 . TRP A 1 133 ? 10.462  -6.345  -6.491  1.00 5.49   ? 133 TRP A CE3 1 
ATOM   1046 C CZ2 . TRP A 1 133 ? 8.568   -8.406  -6.282  1.00 24.53  ? 133 TRP A CZ2 1 
ATOM   1047 C CZ3 . TRP A 1 133 ? 9.211   -6.221  -7.044  1.00 15.34  ? 133 TRP A CZ3 1 
ATOM   1048 C CH2 . TRP A 1 133 ? 8.256   -7.242  -6.949  1.00 23.48  ? 133 TRP A CH2 1 
ATOM   1049 N N   . GLU A 1 134 ? 15.561  -5.881  -6.900  1.00 10.37  ? 134 GLU A N   1 
ATOM   1050 C CA  . GLU A 1 134 ? 16.575  -4.914  -7.123  1.00 9.23   ? 134 GLU A CA  1 
ATOM   1051 C C   . GLU A 1 134 ? 16.160  -3.495  -6.671  1.00 15.84  ? 134 GLU A C   1 
ATOM   1052 O O   . GLU A 1 134 ? 15.119  -2.910  -7.079  1.00 21.30  ? 134 GLU A O   1 
ATOM   1053 C CB  . GLU A 1 134 ? 16.947  -4.909  -8.599  1.00 23.46  ? 134 GLU A CB  1 
ATOM   1054 C CG  . GLU A 1 134 ? 17.500  -3.556  -9.013  1.00 27.59  ? 134 GLU A CG  1 
ATOM   1055 C CD  . GLU A 1 134 ? 18.447  -3.701  -10.143 1.00 43.63  ? 134 GLU A CD  1 
ATOM   1056 O OE1 . GLU A 1 134 ? 18.347  -4.539  -11.044 1.00 44.97  ? 134 GLU A OE1 1 
ATOM   1057 O OE2 . GLU A 1 134 ? 19.482  -2.939  -9.933  1.00 52.04  ? 134 GLU A OE2 1 
ATOM   1058 N N   . SER A 1 135 ? 16.992  -2.913  -5.808  1.00 15.89  ? 135 SER A N   1 
ATOM   1059 C CA  . SER A 1 135 ? 16.748  -1.589  -5.291  1.00 9.12   ? 135 SER A CA  1 
ATOM   1060 C C   . SER A 1 135 ? 17.124  -0.505  -6.242  1.00 25.51  ? 135 SER A C   1 
ATOM   1061 O O   . SER A 1 135 ? 18.298  -0.358  -6.491  1.00 33.62  ? 135 SER A O   1 
ATOM   1062 C CB  . SER A 1 135 ? 17.457  -1.346  -3.984  1.00 11.63  ? 135 SER A CB  1 
ATOM   1063 O OG  . SER A 1 135 ? 17.284  0.011   -3.561  1.00 21.24  ? 135 SER A OG  1 
ATOM   1064 N N   . VAL A 1 136 ? 16.140  0.258   -6.753  1.00 27.18  ? 136 VAL A N   1 
ATOM   1065 C CA  . VAL A 1 136 ? 16.447  1.331   -7.677  1.00 21.59  ? 136 VAL A CA  1 
ATOM   1066 C C   . VAL A 1 136 ? 16.370  2.718   -7.079  1.00 26.35  ? 136 VAL A C   1 
ATOM   1067 O O   . VAL A 1 136 ? 16.672  3.711   -7.721  1.00 28.78  ? 136 VAL A O   1 
ATOM   1068 C CB  . VAL A 1 136 ? 15.673  1.254   -8.994  1.00 23.96  ? 136 VAL A CB  1 
ATOM   1069 C CG1 . VAL A 1 136 ? 16.143  0.039   -9.794  1.00 22.43  ? 136 VAL A CG1 1 
ATOM   1070 C CG2 . VAL A 1 136 ? 14.148  1.274   -8.806  1.00 11.38  ? 136 VAL A CG2 1 
ATOM   1071 N N   . PHE A 1 137 ? 15.946  2.812   -5.837  1.00 32.02  ? 137 PHE A N   1 
ATOM   1072 C CA  . PHE A 1 137 ? 15.854  4.117   -5.215  1.00 23.67  ? 137 PHE A CA  1 
ATOM   1073 C C   . PHE A 1 137 ? 15.723  3.974   -3.726  1.00 22.93  ? 137 PHE A C   1 
ATOM   1074 O O   . PHE A 1 137 ? 15.132  3.014   -3.217  1.00 30.84  ? 137 PHE A O   1 
ATOM   1075 C CB  . PHE A 1 137 ? 14.761  5.057   -5.811  1.00 17.11  ? 137 PHE A CB  1 
ATOM   1076 C CG  . PHE A 1 137 ? 14.546  6.348   -5.015  1.00 22.71  ? 137 PHE A CG  1 
ATOM   1077 C CD1 . PHE A 1 137 ? 13.797  6.364   -3.837  1.00 20.75  ? 137 PHE A CD1 1 
ATOM   1078 C CD2 . PHE A 1 137 ? 15.101  7.561   -5.441  1.00 18.29  ? 137 PHE A CD2 1 
ATOM   1079 C CE1 . PHE A 1 137 ? 13.609  7.547   -3.110  1.00 20.68  ? 137 PHE A CE1 1 
ATOM   1080 C CE2 . PHE A 1 137 ? 14.929  8.753   -4.726  1.00 14.81  ? 137 PHE A CE2 1 
ATOM   1081 C CZ  . PHE A 1 137 ? 14.180  8.746   -3.556  1.00 19.64  ? 137 PHE A CZ  1 
ATOM   1082 N N   . SER A 1 138 ? 16.302  4.960   -3.061  1.00 22.01  ? 138 SER A N   1 
ATOM   1083 C CA  . SER A 1 138 ? 16.297  5.058   -1.626  1.00 21.92  ? 138 SER A CA  1 
ATOM   1084 C C   . SER A 1 138 ? 16.519  6.505   -1.208  1.00 20.79  ? 138 SER A C   1 
ATOM   1085 O O   . SER A 1 138 ? 17.129  7.266   -1.904  1.00 21.10  ? 138 SER A O   1 
ATOM   1086 C CB  . SER A 1 138 ? 17.209  4.073   -0.922  1.00 20.40  ? 138 SER A CB  1 
ATOM   1087 O OG  . SER A 1 138 ? 18.413  4.730   -0.635  1.00 28.08  ? 138 SER A OG  1 
ATOM   1088 N N   . GLU A 1 139 ? 15.992  6.864   -0.071  1.00 28.66  ? 139 GLU A N   1 
ATOM   1089 C CA  . GLU A 1 139 ? 16.083  8.194   0.479   1.00 31.92  ? 139 GLU A CA  1 
ATOM   1090 C C   . GLU A 1 139 ? 15.554  8.095   1.914   1.00 30.34  ? 139 GLU A C   1 
ATOM   1091 O O   . GLU A 1 139 ? 14.369  7.783   2.135   1.00 32.01  ? 139 GLU A O   1 
ATOM   1092 C CB  . GLU A 1 139 ? 15.295  9.193   -0.396  1.00 30.58  ? 139 GLU A CB  1 
ATOM   1093 C CG  . GLU A 1 139 ? 15.336  10.688  0.035   1.00 29.48  ? 139 GLU A CG  1 
ATOM   1094 C CD  . GLU A 1 139 ? 14.432  11.567  -0.807  1.00 28.00  ? 139 GLU A CD  1 
ATOM   1095 O OE1 . GLU A 1 139 ? 14.889  11.828  -2.023  1.00 27.57  ? 139 GLU A OE1 1 
ATOM   1096 O OE2 . GLU A 1 139 ? 13.330  11.904  -0.426  1.00 32.31  ? 139 GLU A OE2 1 
ATOM   1097 N N   . PHE A 1 140 ? 16.516  8.338   2.822   1.00 23.16  ? 140 PHE A N   1 
ATOM   1098 C CA  . PHE A 1 140 ? 16.498  8.337   4.269   1.00 22.06  ? 140 PHE A CA  1 
ATOM   1099 C C   . PHE A 1 140 ? 16.304  9.708   4.865   1.00 25.88  ? 140 PHE A C   1 
ATOM   1100 O O   . PHE A 1 140 ? 16.949  10.689  4.477   1.00 25.17  ? 140 PHE A O   1 
ATOM   1101 C CB  . PHE A 1 140 ? 17.839  7.778   4.814   1.00 25.16  ? 140 PHE A CB  1 
ATOM   1102 C CG  . PHE A 1 140 ? 17.916  7.727   6.326   1.00 24.43  ? 140 PHE A CG  1 
ATOM   1103 C CD1 . PHE A 1 140 ? 17.272  6.703   7.027   1.00 10.84  ? 140 PHE A CD1 1 
ATOM   1104 C CD2 . PHE A 1 140 ? 18.609  8.696   7.061   1.00 26.82  ? 140 PHE A CD2 1 
ATOM   1105 C CE1 . PHE A 1 140 ? 17.314  6.643   8.424   1.00 16.64  ? 140 PHE A CE1 1 
ATOM   1106 C CE2 . PHE A 1 140 ? 18.668  8.635   8.456   1.00 22.15  ? 140 PHE A CE2 1 
ATOM   1107 C CZ  . PHE A 1 140 ? 18.020  7.604   9.146   1.00 13.84  ? 140 PHE A CZ  1 
ATOM   1108 N N   . HIS A 1 141 ? 15.421  9.758   5.831   1.00 23.05  ? 141 HIS A N   1 
ATOM   1109 C CA  . HIS A 1 141 ? 15.163  11.001  6.450   1.00 32.41  ? 141 HIS A CA  1 
ATOM   1110 C C   . HIS A 1 141 ? 15.160  10.844  7.919   1.00 35.63  ? 141 HIS A C   1 
ATOM   1111 O O   . HIS A 1 141 ? 14.663  9.831   8.419   1.00 33.26  ? 141 HIS A O   1 
ATOM   1112 C CB  . HIS A 1 141 ? 13.785  11.485  5.996   1.00 38.37  ? 141 HIS A CB  1 
ATOM   1113 C CG  . HIS A 1 141 ? 13.736  11.723  4.516   1.00 38.73  ? 141 HIS A CG  1 
ATOM   1114 N ND1 . HIS A 1 141 ? 14.205  12.908  3.943   1.00 40.41  ? 141 HIS A ND1 1 
ATOM   1115 C CD2 . HIS A 1 141 ? 13.275  10.922  3.522   1.00 30.68  ? 141 HIS A CD2 1 
ATOM   1116 C CE1 . HIS A 1 141 ? 14.016  12.805  2.634   1.00 40.40  ? 141 HIS A CE1 1 
ATOM   1117 N NE2 . HIS A 1 141 ? 13.455  11.622  2.354   1.00 36.81  ? 141 HIS A NE2 1 
ATOM   1118 N N   . ASP A 1 142 ? 15.737  11.852  8.571   1.00 37.63  ? 142 ASP A N   1 
ATOM   1119 C CA  . ASP A 1 142 ? 15.792  11.855  10.017  1.00 36.38  ? 142 ASP A CA  1 
ATOM   1120 C C   . ASP A 1 142 ? 14.450  12.396  10.437  1.00 32.95  ? 142 ASP A C   1 
ATOM   1121 O O   . ASP A 1 142 ? 13.764  13.050  9.624   1.00 29.57  ? 142 ASP A O   1 
ATOM   1122 C CB  . ASP A 1 142 ? 16.883  12.760  10.627  1.00 37.53  ? 142 ASP A CB  1 
ATOM   1123 C CG  . ASP A 1 142 ? 18.295  12.222  10.555  1.00 41.28  ? 142 ASP A CG  1 
ATOM   1124 O OD1 . ASP A 1 142 ? 18.570  11.163  10.050  1.00 40.45  ? 142 ASP A OD1 1 
ATOM   1125 O OD2 . ASP A 1 142 ? 19.205  13.017  11.083  1.00 45.46  ? 142 ASP A OD2 1 
ATOM   1126 N N   . ALA A 1 143 ? 14.062  12.138  11.682  1.00 30.58  ? 143 ALA A N   1 
ATOM   1127 C CA  . ALA A 1 143 ? 12.765  12.666  12.120  1.00 35.86  ? 143 ALA A CA  1 
ATOM   1128 C C   . ALA A 1 143 ? 12.897  14.176  12.201  1.00 32.06  ? 143 ALA A C   1 
ATOM   1129 O O   . ALA A 1 143 ? 14.019  14.656  12.252  1.00 33.21  ? 143 ALA A O   1 
ATOM   1130 C CB  . ALA A 1 143 ? 12.249  12.073  13.435  1.00 32.79  ? 143 ALA A CB  1 
ATOM   1131 N N   . ASP A 1 144 ? 11.793  14.914  12.219  1.00 28.86  ? 144 ASP A N   1 
ATOM   1132 C CA  . ASP A 1 144 ? 11.891  16.361  12.289  1.00 23.92  ? 144 ASP A CA  1 
ATOM   1133 C C   . ASP A 1 144 ? 10.707  17.004  12.987  1.00 35.08  ? 144 ASP A C   1 
ATOM   1134 O O   . ASP A 1 144 ? 9.870   16.347  13.608  1.00 40.65  ? 144 ASP A O   1 
ATOM   1135 C CB  . ASP A 1 144 ? 12.117  16.969  10.901  1.00 30.09  ? 144 ASP A CB  1 
ATOM   1136 C CG  . ASP A 1 144 ? 10.965  16.736  9.961   1.00 37.01  ? 144 ASP A CG  1 
ATOM   1137 O OD1 . ASP A 1 144 ? 9.821   16.479  10.339  1.00 34.76  ? 144 ASP A OD1 1 
ATOM   1138 O OD2 . ASP A 1 144 ? 11.341  16.835  8.697   1.00 37.87  ? 144 ASP A OD2 1 
ATOM   1139 N N   . ALA A 1 145 ? 10.598  18.312  12.912  1.00 40.40  ? 145 ALA A N   1 
ATOM   1140 C CA  . ALA A 1 145 ? 9.466   18.877  13.600  1.00 41.11  ? 145 ALA A CA  1 
ATOM   1141 C C   . ALA A 1 145 ? 8.114   18.469  13.094  1.00 40.75  ? 145 ALA A C   1 
ATOM   1142 O O   . ALA A 1 145 ? 7.105   18.865  13.677  1.00 40.51  ? 145 ALA A O   1 
ATOM   1143 C CB  . ALA A 1 145 ? 9.565   20.357  13.797  1.00 50.47  ? 145 ALA A CB  1 
ATOM   1144 N N   . GLN A 1 146 ? 8.077   17.677  12.032  1.00 39.12  ? 146 GLN A N   1 
ATOM   1145 C CA  . GLN A 1 146 ? 6.794   17.256  11.523  1.00 37.98  ? 146 GLN A CA  1 
ATOM   1146 C C   . GLN A 1 146 ? 6.707   15.754  11.479  1.00 37.41  ? 146 GLN A C   1 
ATOM   1147 O O   . GLN A 1 146 ? 5.628   15.144  11.566  1.00 36.48  ? 146 GLN A O   1 
ATOM   1148 C CB  . GLN A 1 146 ? 6.677   17.678  10.087  1.00 38.90  ? 146 GLN A CB  1 
ATOM   1149 C CG  . GLN A 1 146 ? 7.017   19.137  9.867   1.00 46.82  ? 146 GLN A CG  1 
ATOM   1150 C CD  . GLN A 1 146 ? 5.940   19.626  8.961   1.00 46.90  ? 146 GLN A CD  1 
ATOM   1151 O OE1 . GLN A 1 146 ? 4.779   19.602  9.366   1.00 56.44  ? 146 GLN A OE1 1 
ATOM   1152 N NE2 . GLN A 1 146 ? 6.254   19.729  7.681   1.00 41.47  ? 146 GLN A NE2 1 
ATOM   1153 N N   . ASN A 1 147 ? 7.883   15.175  11.307  1.00 29.76  ? 147 ASN A N   1 
ATOM   1154 C CA  . ASN A 1 147 ? 7.994   13.757  11.220  1.00 24.92  ? 147 ASN A CA  1 
ATOM   1155 C C   . ASN A 1 147 ? 8.586   13.228  12.459  1.00 27.08  ? 147 ASN A C   1 
ATOM   1156 O O   . ASN A 1 147 ? 9.781   13.436  12.705  1.00 30.80  ? 147 ASN A O   1 
ATOM   1157 C CB  . ASN A 1 147 ? 8.624   13.295  9.900   1.00 27.94  ? 147 ASN A CB  1 
ATOM   1158 C CG  . ASN A 1 147 ? 7.782   13.820  8.725   1.00 28.12  ? 147 ASN A CG  1 
ATOM   1159 O OD1 . ASN A 1 147 ? 6.654   13.317  8.377   1.00 16.81  ? 147 ASN A OD1 1 
ATOM   1160 N ND2 . ASN A 1 147 ? 8.301   14.913  8.174   1.00 21.60  ? 147 ASN A ND2 1 
ATOM   1161 N N   . SER A 1 148 ? 7.651   12.576  13.176  1.00 29.97  ? 148 SER A N   1 
ATOM   1162 C CA  . SER A 1 148 ? 7.738   11.904  14.460  1.00 25.15  ? 148 SER A CA  1 
ATOM   1163 C C   . SER A 1 148 ? 8.756   10.798  14.515  1.00 26.88  ? 148 SER A C   1 
ATOM   1164 O O   . SER A 1 148 ? 9.248   10.483  15.596  1.00 21.71  ? 148 SER A O   1 
ATOM   1165 C CB  . SER A 1 148 ? 6.378   11.378  14.912  1.00 26.62  ? 148 SER A CB  1 
ATOM   1166 O OG  . SER A 1 148 ? 6.026   10.240  14.152  1.00 25.69  ? 148 SER A OG  1 
ATOM   1167 N N   . HIS A 1 149 ? 9.079   10.216  13.353  1.00 29.37  ? 149 HIS A N   1 
ATOM   1168 C CA  . HIS A 1 149 ? 10.061  9.136   13.307  1.00 31.28  ? 149 HIS A CA  1 
ATOM   1169 C C   . HIS A 1 149 ? 10.956  9.197   12.029  1.00 35.87  ? 149 HIS A C   1 
ATOM   1170 O O   . HIS A 1 149 ? 10.591  9.847   11.027  1.00 37.46  ? 149 HIS A O   1 
ATOM   1171 C CB  . HIS A 1 149 ? 9.365   7.740   13.419  1.00 32.54  ? 149 HIS A CB  1 
ATOM   1172 C CG  . HIS A 1 149 ? 8.518   7.332   14.634  1.00 30.65  ? 149 HIS A CG  1 
ATOM   1173 N ND1 . HIS A 1 149 ? 7.293   7.941   14.967  1.00 29.93  ? 149 HIS A ND1 1 
ATOM   1174 C CD2 . HIS A 1 149 ? 8.732   6.326   15.563  1.00 15.87  ? 149 HIS A CD2 1 
ATOM   1175 C CE1 . HIS A 1 149 ? 6.824   7.318   16.064  1.00 21.38  ? 149 HIS A CE1 1 
ATOM   1176 N NE2 . HIS A 1 149 ? 7.661   6.339   16.448  1.00 10.92  ? 149 HIS A NE2 1 
ATOM   1177 N N   . SER A 1 150 ? 12.143  8.520   12.058  1.00 32.33  ? 150 SER A N   1 
ATOM   1178 C CA  . SER A 1 150 ? 13.077  8.471   10.918  1.00 26.21  ? 150 SER A CA  1 
ATOM   1179 C C   . SER A 1 150 ? 12.471  7.508   9.911   1.00 18.33  ? 150 SER A C   1 
ATOM   1180 O O   . SER A 1 150 ? 11.795  6.555   10.317  1.00 11.20  ? 150 SER A O   1 
ATOM   1181 C CB  . SER A 1 150 ? 14.456  7.999   11.292  1.00 34.73  ? 150 SER A CB  1 
ATOM   1182 O OG  . SER A 1 150 ? 14.310  6.714   11.857  1.00 36.80  ? 150 SER A OG  1 
ATOM   1183 N N   . TYR A 1 151 ? 12.677  7.758   8.615   1.00 21.54  ? 151 TYR A N   1 
ATOM   1184 C CA  . TYR A 1 151 ? 12.080  6.886   7.619   1.00 19.34  ? 151 TYR A CA  1 
ATOM   1185 C C   . TYR A 1 151 ? 12.861  6.774   6.348   1.00 15.37  ? 151 TYR A C   1 
ATOM   1186 O O   . TYR A 1 151 ? 13.676  7.622   6.033   1.00 9.76   ? 151 TYR A O   1 
ATOM   1187 C CB  . TYR A 1 151 ? 10.645  7.325   7.330   1.00 18.01  ? 151 TYR A CB  1 
ATOM   1188 C CG  . TYR A 1 151 ? 10.556  8.773   6.876   1.00 31.59  ? 151 TYR A CG  1 
ATOM   1189 C CD1 . TYR A 1 151 ? 10.615  9.845   7.781   1.00 31.74  ? 151 TYR A CD1 1 
ATOM   1190 C CD2 . TYR A 1 151 ? 10.394  9.083   5.522   1.00 28.40  ? 151 TYR A CD2 1 
ATOM   1191 C CE1 . TYR A 1 151 ? 10.522  11.171  7.343   1.00 27.84  ? 151 TYR A CE1 1 
ATOM   1192 C CE2 . TYR A 1 151 ? 10.302  10.396  5.079   1.00 26.48  ? 151 TYR A CE2 1 
ATOM   1193 C CZ  . TYR A 1 151 ? 10.365  11.440  5.989   1.00 30.29  ? 151 TYR A CZ  1 
ATOM   1194 O OH  . TYR A 1 151 ? 10.262  12.744  5.533   1.00 39.91  ? 151 TYR A OH  1 
ATOM   1195 N N   . CYS A 1 152 ? 12.608  5.699   5.616   1.00 17.14  ? 152 CYS A N   1 
ATOM   1196 C CA  . CYS A 1 152 ? 13.320  5.504   4.376   1.00 12.91  ? 152 CYS A CA  1 
ATOM   1197 C C   . CYS A 1 152 ? 12.433  5.049   3.243   1.00 9.27   ? 152 CYS A C   1 
ATOM   1198 O O   . CYS A 1 152 ? 11.683  4.086   3.296   1.00 17.83  ? 152 CYS A O   1 
ATOM   1199 C CB  . CYS A 1 152 ? 14.681  4.791   4.542   1.00 21.44  ? 152 CYS A CB  1 
ATOM   1200 S SG  . CYS A 1 152 ? 15.597  4.314   3.050   1.00 31.91  ? 152 CYS A SG  1 
ATOM   1201 N N   . PHE A 1 153 ? 12.518  5.803   2.200   1.00 11.58  ? 153 PHE A N   1 
ATOM   1202 C CA  . PHE A 1 153 ? 11.738  5.485   1.056   1.00 19.70  ? 153 PHE A CA  1 
ATOM   1203 C C   . PHE A 1 153 ? 12.487  4.548   0.178   1.00 25.18  ? 153 PHE A C   1 
ATOM   1204 O O   . PHE A 1 153 ? 13.668  4.786   -0.142  1.00 31.64  ? 153 PHE A O   1 
ATOM   1205 C CB  . PHE A 1 153 ? 11.486  6.718   0.221   1.00 11.50  ? 153 PHE A CB  1 
ATOM   1206 C CG  . PHE A 1 153 ? 10.571  7.591   0.967   1.00 12.12  ? 153 PHE A CG  1 
ATOM   1207 C CD1 . PHE A 1 153 ? 9.517   7.014   1.679   1.00 24.96  ? 153 PHE A CD1 1 
ATOM   1208 C CD2 . PHE A 1 153 ? 10.742  8.975   0.981   1.00 10.78  ? 153 PHE A CD2 1 
ATOM   1209 C CE1 . PHE A 1 153 ? 8.620   7.797   2.406   1.00 21.47  ? 153 PHE A CE1 1 
ATOM   1210 C CE2 . PHE A 1 153 ? 9.844   9.761   1.702   1.00 20.27  ? 153 PHE A CE2 1 
ATOM   1211 C CZ  . PHE A 1 153 ? 8.795   9.179   2.414   1.00 18.60  ? 153 PHE A CZ  1 
ATOM   1212 N N   . GLU A 1 154 ? 11.803  3.505   -0.233  1.00 16.05  ? 154 GLU A N   1 
ATOM   1213 C CA  . GLU A 1 154 ? 12.501  2.604   -1.099  1.00 19.06  ? 154 GLU A CA  1 
ATOM   1214 C C   . GLU A 1 154 ? 11.618  2.038   -2.192  1.00 21.31  ? 154 GLU A C   1 
ATOM   1215 O O   . GLU A 1 154 ? 10.443  1.718   -1.958  1.00 25.71  ? 154 GLU A O   1 
ATOM   1216 C CB  . GLU A 1 154 ? 13.118  1.442   -0.305  1.00 17.35  ? 154 GLU A CB  1 
ATOM   1217 C CG  . GLU A 1 154 ? 14.090  0.641   -1.183  1.00 19.27  ? 154 GLU A CG  1 
ATOM   1218 C CD  . GLU A 1 154 ? 14.837  -0.452  -0.480  1.00 22.15  ? 154 GLU A CD  1 
ATOM   1219 O OE1 . GLU A 1 154 ? 14.088  -1.199  0.340   1.00 15.74  ? 154 GLU A OE1 1 
ATOM   1220 O OE2 . GLU A 1 154 ? 16.023  -0.645  -0.724  1.00 32.27  ? 154 GLU A OE2 1 
ATOM   1221 N N   . ILE A 1 155 ? 12.215  1.910   -3.370  1.00 17.40  ? 155 ILE A N   1 
ATOM   1222 C CA  . ILE A 1 155 ? 11.547  1.350   -4.540  1.00 21.29  ? 155 ILE A CA  1 
ATOM   1223 C C   . ILE A 1 155 ? 12.395  0.241   -5.119  1.00 19.19  ? 155 ILE A C   1 
ATOM   1224 O O   . ILE A 1 155 ? 13.578  0.430   -5.412  1.00 12.48  ? 155 ILE A O   1 
ATOM   1225 C CB  . ILE A 1 155 ? 11.434  2.307   -5.691  1.00 27.12  ? 155 ILE A CB  1 
ATOM   1226 C CG1 . ILE A 1 155 ? 10.543  3.470   -5.327  1.00 28.56  ? 155 ILE A CG1 1 
ATOM   1227 C CG2 . ILE A 1 155 ? 10.928  1.520   -6.899  1.00 22.88  ? 155 ILE A CG2 1 
ATOM   1228 C CD1 . ILE A 1 155 ? 11.102  4.758   -5.887  1.00 31.19  ? 155 ILE A CD1 1 
ATOM   1229 N N   . LEU A 1 156 ? 11.761  -0.898  -5.299  1.00 18.00  ? 156 LEU A N   1 
ATOM   1230 C CA  . LEU A 1 156 ? 12.418  -2.029  -5.834  1.00 16.98  ? 156 LEU A CA  1 
ATOM   1231 C C   . LEU A 1 156 ? 11.689  -2.516  -7.033  1.00 13.27  ? 156 LEU A C   1 
ATOM   1232 O O   . LEU A 1 156 ? 10.448  -2.427  -7.043  1.00 4.88   ? 156 LEU A O   1 
ATOM   1233 C CB  . LEU A 1 156 ? 12.278  -3.150  -4.801  1.00 15.58  ? 156 LEU A CB  1 
ATOM   1234 C CG  . LEU A 1 156 ? 12.676  -2.638  -3.453  1.00 15.93  ? 156 LEU A CG  1 
ATOM   1235 C CD1 . LEU A 1 156 ? 12.740  -3.829  -2.518  1.00 13.70  ? 156 LEU A CD1 1 
ATOM   1236 C CD2 . LEU A 1 156 ? 14.031  -1.933  -3.598  1.00 16.23  ? 156 LEU A CD2 1 
ATOM   1237 N N   . GLU A 1 157 ? 12.501  -3.036  -7.982  1.00 13.91  ? 157 GLU A N   1 
ATOM   1238 C CA  . GLU A 1 157 ? 12.054  -3.614  -9.262  1.00 19.42  ? 157 GLU A CA  1 
ATOM   1239 C C   . GLU A 1 157 ? 12.368  -5.103  -9.277  1.00 13.42  ? 157 GLU A C   1 
ATOM   1240 O O   . GLU A 1 157 ? 13.378  -5.518  -8.736  1.00 10.18  ? 157 GLU A O   1 
ATOM   1241 C CB  . GLU A 1 157 ? 12.631  -2.888  -10.534 1.00 28.07  ? 157 GLU A CB  1 
ATOM   1242 C CG  . GLU A 1 157 ? 11.844  -1.613  -10.964 1.00 28.65  ? 157 GLU A CG  1 
ATOM   1243 C CD  . GLU A 1 157 ? 12.598  -0.541  -11.728 1.00 43.01  ? 157 GLU A CD  1 
ATOM   1244 O OE1 . GLU A 1 157 ? 13.322  -0.730  -12.687 1.00 50.90  ? 157 GLU A OE1 1 
ATOM   1245 O OE2 . GLU A 1 157 ? 12.422  0.652   -11.232 1.00 47.18  ? 157 GLU A OE2 1 
ATOM   1246 N N   . ARG A 1 158 ? 11.512  -5.936  -9.866  1.00 14.39  ? 158 ARG A N   1 
ATOM   1247 C CA  . ARG A 1 158 ? 11.787  -7.354  -9.908  1.00 9.63   ? 158 ARG A CA  1 
ATOM   1248 C C   . ARG A 1 158 ? 12.864  -7.621  -10.939 1.00 19.14  ? 158 ARG A C   1 
ATOM   1249 O O   . ARG A 1 158 ? 12.718  -7.217  -12.091 1.00 18.58  ? 158 ARG A O   1 
ATOM   1250 C CB  . ARG A 1 158 ? 10.626  -8.165  -10.404 1.00 15.13  ? 158 ARG A CB  1 
ATOM   1251 C CG  . ARG A 1 158 ? 9.894   -8.873  -9.306  1.00 21.44  ? 158 ARG A CG  1 
ATOM   1252 C CD  . ARG A 1 158 ? 9.126   -10.056 -9.858  1.00 24.41  ? 158 ARG A CD  1 
ATOM   1253 N NE  . ARG A 1 158 ? 7.937   -10.256 -9.047  1.00 27.39  ? 158 ARG A NE  1 
ATOM   1254 C CZ  . ARG A 1 158 ? 7.886   -11.062 -7.998  1.00 28.31  ? 158 ARG A CZ  1 
ATOM   1255 N NH1 . ARG A 1 158 ? 8.935   -11.772 -7.608  1.00 23.61  ? 158 ARG A NH1 1 
ATOM   1256 N NH2 . ARG A 1 158 ? 6.751   -11.170 -7.313  1.00 33.13  ? 158 ARG A NH2 1 
ATOM   1257 N N   . ARG A 1 159 ? 13.939  -8.306  -10.552 1.00 25.56  ? 159 ARG A N   1 
ATOM   1258 C CA  . ARG A 1 159 ? 14.960  -8.585  -11.534 1.00 34.04  ? 159 ARG A CA  1 
ATOM   1259 C C   . ARG A 1 159 ? 14.359  -9.640  -12.499 1.00 41.65  ? 159 ARG A C   1 
ATOM   1260 O O   . ARG A 1 159 ? 14.040  -10.745 -12.041 1.00 48.27  ? 159 ARG A O   1 
ATOM   1261 C CB  . ARG A 1 159 ? 16.253  -9.088  -10.876 1.00 32.41  ? 159 ARG A CB  1 
ATOM   1262 C CG  . ARG A 1 159 ? 16.829  -8.278  -9.706  1.00 22.15  ? 159 ARG A CG  1 
ATOM   1263 C CD  . ARG A 1 159 ? 17.838  -9.165  -8.956  1.00 25.33  ? 159 ARG A CD  1 
ATOM   1264 N NE  . ARG A 1 159 ? 18.634  -8.553  -7.888  1.00 22.22  ? 159 ARG A NE  1 
ATOM   1265 C CZ  . ARG A 1 159 ? 19.507  -7.588  -8.170  1.00 32.40  ? 159 ARG A CZ  1 
ATOM   1266 N NH1 . ARG A 1 159 ? 19.668  -7.140  -9.424  1.00 25.48  ? 159 ARG A NH1 1 
ATOM   1267 N NH2 . ARG A 1 159 ? 20.226  -7.040  -7.186  1.00 36.05  ? 159 ARG A NH2 1 
ATOM   1268 O OXT . ARG A 1 159 ? 13.934  -9.381  -13.668 1.00 43.55  ? 159 ARG A OXT 1 
HETATM 1269 N N1  . FOL B 2 .   ? 1.833   3.138   2.075   1.00 17.45  ? 161 FOL A N1  1 
HETATM 1270 C C2  . FOL B 2 .   ? 2.648   4.047   2.658   1.00 17.78  ? 161 FOL A C2  1 
HETATM 1271 N NA2 . FOL B 2 .   ? 3.750   4.208   2.351   1.00 5.90   ? 161 FOL A NA2 1 
HETATM 1272 N N3  . FOL B 2 .   ? 2.146   4.881   3.737   1.00 27.25  ? 161 FOL A N3  1 
HETATM 1273 C C4  . FOL B 2 .   ? 0.829   4.774   4.209   1.00 27.28  ? 161 FOL A C4  1 
HETATM 1274 O O4  . FOL B 2 .   ? 0.416   5.500   5.137   1.00 33.45  ? 161 FOL A O4  1 
HETATM 1275 C C4A . FOL B 2 .   ? -0.060  3.755   3.534   1.00 17.24  ? 161 FOL A C4A 1 
HETATM 1276 N N5  . FOL B 2 .   ? -1.437  3.577   4.011   1.00 18.39  ? 161 FOL A N5  1 
HETATM 1277 C C6  . FOL B 2 .   ? -2.115  2.609   3.412   1.00 11.31  ? 161 FOL A C6  1 
HETATM 1278 C C7  . FOL B 2 .   ? -1.406  1.943   2.426   1.00 9.87   ? 161 FOL A C7  1 
HETATM 1279 N N8  . FOL B 2 .   ? -0.116  2.123   1.973   1.00 11.72  ? 161 FOL A N8  1 
HETATM 1280 C C8A . FOL B 2 .   ? 0.495   3.020   2.546   1.00 12.01  ? 161 FOL A C8A 1 
HETATM 1281 C C9  . FOL B 2 .   ? -3.473  2.352   3.797   1.00 16.31  ? 161 FOL A C9  1 
HETATM 1282 N N10 . FOL B 2 .   ? -4.026  3.498   4.601   1.00 15.13  ? 161 FOL A N10 1 
HETATM 1283 C C11 . FOL B 2 .   ? -4.907  7.737   3.556   1.00 16.56  ? 161 FOL A C11 1 
HETATM 1284 C C12 . FOL B 2 .   ? -5.250  7.147   4.863   1.00 14.96  ? 161 FOL A C12 1 
HETATM 1285 C C13 . FOL B 2 .   ? -4.911  5.672   5.156   1.00 14.62  ? 161 FOL A C13 1 
HETATM 1286 C C14 . FOL B 2 .   ? -4.231  4.758   4.166   1.00 14.09  ? 161 FOL A C14 1 
HETATM 1287 C C15 . FOL B 2 .   ? -3.880  5.227   2.932   1.00 13.10  ? 161 FOL A C15 1 
HETATM 1288 C C16 . FOL B 2 .   ? -4.193  6.746   2.553   1.00 6.50   ? 161 FOL A C16 1 
HETATM 1289 C C   . FOL B 2 .   ? -5.141  9.141   3.074   1.00 16.06  ? 161 FOL A C   1 
HETATM 1290 O O   . FOL B 2 .   ? -5.893  10.101  3.414   1.00 31.48  ? 161 FOL A O   1 
HETATM 1291 N N   . FOL B 2 .   ? -4.502  9.405   2.172   1.00 14.10  ? 161 FOL A N   1 
HETATM 1292 C CA  . FOL B 2 .   ? -4.470  10.783  1.505   1.00 11.66  ? 161 FOL A CA  1 
HETATM 1293 C CB  . FOL B 2 .   ? -3.325  11.528  2.100   1.00 13.69  ? 161 FOL A CB  1 
HETATM 1294 C CG  . FOL B 2 .   ? -3.966  12.602  3.098   1.00 21.48  ? 161 FOL A CG  1 
HETATM 1295 C CD  . FOL B 2 .   ? -3.182  13.751  3.820   0.00 20.74  ? 161 FOL A CD  1 
HETATM 1296 O OE1 . FOL B 2 .   ? -3.844  14.008  4.855   0.00 20.22  ? 161 FOL A OE1 1 
HETATM 1297 O OE2 . FOL B 2 .   ? -2.163  14.352  3.433   0.00 20.22  ? 161 FOL A OE2 1 
HETATM 1298 C CT  . FOL B 2 .   ? -4.337  10.597  -0.072  1.00 14.51  ? 161 FOL A CT  1 
HETATM 1299 O O1  . FOL B 2 .   ? -3.664  9.617   -0.618  1.00 17.76  ? 161 FOL A O1  1 
HETATM 1300 O O2  . FOL B 2 .   ? -5.067  11.352  -0.742  1.00 14.61  ? 161 FOL A O2  1 
HETATM 1301 O O   . HOH C 3 .   ? 5.665   3.511   0.785   1.00 8.89   ? 300 HOH A O   1 
HETATM 1302 O O   . HOH C 3 .   ? 7.106   13.524  1.202   1.00 24.39  ? 301 HOH A O   1 
HETATM 1303 O O   . HOH C 3 .   ? -6.142  -7.128  3.533   1.00 15.19  ? 302 HOH A O   1 
HETATM 1304 O O   . HOH C 3 .   ? 11.816  14.190  7.674   1.00 26.16  ? 303 HOH A O   1 
HETATM 1305 O O   . HOH C 3 .   ? 14.223  14.992  6.866   1.00 22.31  ? 304 HOH A O   1 
HETATM 1306 O O   . HOH C 3 .   ? -8.446  -14.637 -9.209  1.00 23.95  ? 305 HOH A O   1 
HETATM 1307 O O   . HOH C 3 .   ? -4.050  -1.298  3.755   1.00 27.53  ? 306 HOH A O   1 
HETATM 1308 O O   . HOH C 3 .   ? 8.557   -3.298  15.031  1.00 24.15  ? 307 HOH A O   1 
HETATM 1309 O O   . HOH C 3 .   ? 3.178   16.420  12.525  1.00 26.35  ? 308 HOH A O   1 
HETATM 1310 O O   . HOH C 3 .   ? 3.502   4.788   -14.436 1.00 25.03  ? 309 HOH A O   1 
HETATM 1311 O O   . HOH C 3 .   ? -0.488  -15.437 4.996   1.00 28.81  ? 310 HOH A O   1 
HETATM 1312 O O   . HOH C 3 .   ? 13.286  -13.366 4.974   1.00 28.18  ? 311 HOH A O   1 
HETATM 1313 O O   . HOH C 3 .   ? -13.002 -15.497 -5.341  1.00 33.28  ? 312 HOH A O   1 
HETATM 1314 O O   . HOH C 3 .   ? -1.740  3.526   -14.119 1.00 22.58  ? 314 HOH A O   1 
HETATM 1315 O O   . HOH C 3 .   ? 1.345   0.136   8.358   1.00 29.17  ? 315 HOH A O   1 
HETATM 1316 O O   . HOH C 3 .   ? -19.951 -2.679  -7.434  1.00 26.87  ? 316 HOH A O   1 
HETATM 1317 O O   . HOH C 3 .   ? -15.555 3.255   -8.718  1.00 28.44  ? 317 HOH A O   1 
HETATM 1318 O O   . HOH C 3 .   ? 20.127  15.577  11.225  1.00 40.27  ? 318 HOH A O   1 
HETATM 1319 O O   . HOH C 3 .   ? 9.898   -11.998 -3.586  1.00 42.30  ? 319 HOH A O   1 
HETATM 1320 O O   . HOH C 3 .   ? 4.708   -12.244 6.607   1.00 44.01  ? 320 HOH A O   1 
HETATM 1321 O O   . HOH C 3 .   ? 1.977   6.670   7.783   1.00 50.71  ? 321 HOH A O   1 
HETATM 1322 O O   . HOH C 3 .   ? -1.712  -2.826  -17.187 1.00 38.38  ? 322 HOH A O   1 
HETATM 1323 O O   . HOH C 3 .   ? -7.746  -5.084  4.303   1.00 1.00   ? 323 HOH A O   1 
# 
